data_6VBX
# 
_entry.id   6VBX 
# 
_audit_conform.dict_name       mmcif_pdbx.dic 
_audit_conform.dict_version    5.380 
_audit_conform.dict_location   http://mmcif.pdb.org/dictionaries/ascii/mmcif_pdbx.dic 
# 
loop_
_database_2.database_id 
_database_2.database_code 
_database_2.pdbx_database_accession 
_database_2.pdbx_DOI 
PDB   6VBX         pdb_00006vbx 10.2210/pdb6vbx/pdb 
WWPDB D_1000246069 ?            ?                   
# 
_pdbx_database_status.status_code                     REL 
_pdbx_database_status.status_code_sf                  REL 
_pdbx_database_status.status_code_mr                  ? 
_pdbx_database_status.entry_id                        6VBX 
_pdbx_database_status.recvd_initial_deposition_date   2019-12-19 
_pdbx_database_status.SG_entry                        N 
_pdbx_database_status.deposit_site                    RCSB 
_pdbx_database_status.process_site                    RCSB 
_pdbx_database_status.status_code_cs                  ? 
_pdbx_database_status.status_code_nmr_data            ? 
_pdbx_database_status.methods_development_category    ? 
_pdbx_database_status.pdb_format_compatible           Y 
# 
loop_
_audit_author.name 
_audit_author.pdbx_ordinal 
_audit_author.identifier_ORCID 
'Pellecchia, M.' 1 0000-0001-5179-470X 
'Perry, J.J.'    2 0000-0001-9889-3502 
'Kenjic, N.'     3 0000-0002-2871-7674 
'Assar, Z.'      4 0000-0001-6008-6203 
# 
loop_
_citation.abstract 
_citation.abstract_id_CAS 
_citation.book_id_ISBN 
_citation.book_publisher 
_citation.book_publisher_city 
_citation.book_title 
_citation.coordinate_linkage 
_citation.country 
_citation.database_id_Medline 
_citation.details 
_citation.id 
_citation.journal_abbrev 
_citation.journal_id_ASTM 
_citation.journal_id_CSD 
_citation.journal_id_ISSN 
_citation.journal_full 
_citation.journal_issue 
_citation.journal_volume 
_citation.language 
_citation.page_first 
_citation.page_last 
_citation.title 
_citation.year 
_citation.database_id_CSD 
_citation.pdbx_database_id_DOI 
_citation.pdbx_database_id_PubMed 
_citation.unpublished_flag 
? ? ? ? ? ? ? US ? ? primary J.Med.Chem.                              JMCMAR 0151 0022-2623 ? ? 64  ? 4903 4912 
'Design, Synthesis, and Structural Characterization of Lysine Covalent BH3 Peptides Targeting Mcl-1.' 2021 ? 
10.1021/acs.jmedchem.1c00005 33797903 ? 
? ? ? ? ? ? ? ?  ? ? 1       'Meth. Enzymol.'                         ?      ?    1557-7988 ? ? 276 ? 307  326  
'Processing of X-ray diffraction data collected in oscillation mode.'                                 1997 ? ? 27754618 ? 
? ? ? ? ? ? ? DK ? ? 2       'J Appl Crystallogr'                     JACGAR 0228 0021-8898 ? ? 40  ? 658  674  
'Phaser crystallographic software.'                                                                   2007 ? 
10.1107/S0021889807021206    19461840 ? 
? ? ? ? ? ? ? DK ? ? 3       'Acta Crystallogr. D Biol. Crystallogr.' ABCRE6 0766 0907-4449 ? ? 60  ? 2184 2195 
'REFMAC5 dictionary: organization of prior chemical knowledge and guidelines for its use.'            2004 ? 
10.1107/S0907444904023510    15572771 ? 
? ? ? ? ? ? ? DK ? ? 4       'Acta Crystallogr. D Biol. Crystallogr.' ABCRE6 0766 0907-4449 ? ? 60  ? 2126 2132 
'Coot: model-building tools for molecular graphics.'                                                  2004 ? 
10.1107/S0907444904019158    15572765 ? 
# 
loop_
_citation_author.citation_id 
_citation_author.name 
_citation_author.ordinal 
_citation_author.identifier_ORCID 
primary 'Gambini, L.'            1  ?                   
primary 'Udompholkul, P.'        2  ?                   
primary 'Baggio, C.'             3  ?                   
primary 'Muralidharan, A.'       4  ?                   
primary 'Kenjic, N.'             5  ?                   
primary 'Assar, Z.'              6  ?                   
primary 'Perry, J.J.P.'          7  ?                   
primary 'Pellecchia, M.'         8  0000-0001-5179-470X 
1       'Otwinowski, Z.'         9  ?                   
1       'Minor, W.'              10 ?                   
2       'McCoy, A.J.'            11 ?                   
2       'Grosse-Kunstleve, R.W.' 12 ?                   
2       'Adams, P.D.'            13 ?                   
2       'Winn, M.D.'             14 ?                   
2       'Storoni, L.C.'          15 ?                   
2       'Read, R.J.'             16 ?                   
3       'Vagin, A.A.'            17 ?                   
3       'Steiner, R.A.'          18 ?                   
3       'Lebedev, A.A.'          19 ?                   
3       'Potterton, L.'          20 ?                   
3       'McNicholas, S.'         21 ?                   
3       'Long, F.'               22 ?                   
3       'Murshudov, G.N.'        23 ?                   
4       'Emsley, P.'             24 ?                   
4       'Cowtan, K.'             25 ?                   
# 
_cell.angle_alpha                  90.000 
_cell.angle_alpha_esd              ? 
_cell.angle_beta                   90.000 
_cell.angle_beta_esd               ? 
_cell.angle_gamma                  120.000 
_cell.angle_gamma_esd              ? 
_cell.entry_id                     6VBX 
_cell.details                      ? 
_cell.formula_units_Z              ? 
_cell.length_a                     54.607 
_cell.length_a_esd                 ? 
_cell.length_b                     54.607 
_cell.length_b_esd                 ? 
_cell.length_c                     97.838 
_cell.length_c_esd                 ? 
_cell.volume                       252659.035 
_cell.volume_esd                   ? 
_cell.Z_PDB                        6 
_cell.reciprocal_angle_alpha       ? 
_cell.reciprocal_angle_beta        ? 
_cell.reciprocal_angle_gamma       ? 
_cell.reciprocal_angle_alpha_esd   ? 
_cell.reciprocal_angle_beta_esd    ? 
_cell.reciprocal_angle_gamma_esd   ? 
_cell.reciprocal_length_a          ? 
_cell.reciprocal_length_b          ? 
_cell.reciprocal_length_c          ? 
_cell.reciprocal_length_a_esd      ? 
_cell.reciprocal_length_b_esd      ? 
_cell.reciprocal_length_c_esd      ? 
_cell.pdbx_unique_axis             ? 
# 
_symmetry.entry_id                         6VBX 
_symmetry.cell_setting                     ? 
_symmetry.Int_Tables_number                154 
_symmetry.space_group_name_Hall            
;P 32 2"
;
_symmetry.space_group_name_H-M             'P 32 2 1' 
_symmetry.pdbx_full_space_group_name_H-M   ? 
# 
loop_
_entity.id 
_entity.type 
_entity.src_method 
_entity.pdbx_description 
_entity.formula_weight 
_entity.pdbx_number_of_molecules 
_entity.pdbx_ec 
_entity.pdbx_mutation 
_entity.pdbx_fragment 
_entity.details 
1 polymer man 'Induced myeloid leukemia cell differentiation protein Mcl-1' 17850.330 1  ? ? ? ? 
2 polymer syn 'Synthetic peptide'                                           1805.020  1  ? ? ? 
;This is a chemically synthesized peptide with unnatural ligand (see ligand section) on the N-terminal end. Ligands is covalently attached to Lys234 of chain A.
;
3 water   nat water                                                         18.015    44 ? ? ? ? 
# 
_entity_name_com.entity_id   1 
_entity_name_com.name        'Bcl-2-like protein 3,Bcl2-L-3,Bcl-2-related protein EAT/mcl1,mcl1/EAT' 
# 
loop_
_entity_poly.entity_id 
_entity_poly.type 
_entity_poly.nstd_linkage 
_entity_poly.nstd_monomer 
_entity_poly.pdbx_seq_one_letter_code 
_entity_poly.pdbx_seq_one_letter_code_can 
_entity_poly.pdbx_strand_id 
_entity_poly.pdbx_target_identifier 
1 'polypeptide(L)' no no  
;GSHMDELYRQSLEIISRYLREQATGAKDTKPMGRSGATSRKALETLRRVGDGVQRNHETAFQGMLRKLDIKNEDDVKSLS
RVMIHVFSDGVTNWGRIVTLISFGAFVAKHLKTINQESCIEPLAESITDVLVRTKRDWLVKQRGWDGFVEFFHVED
;
;GSHMDELYRQSLEIISRYLREQATGAKDTKPMGRSGATSRKALETLRRVGDGVQRNHETAFQGMLRKLDIKNEDDVKSLS
RVMIHVFSDGVTNWGRIVTLISFGAFVAKHLKTINQESCIEPLAESITDVLVRTKRDWLVKQRGWDGFVEFFHVED
;
A ? 
2 'polypeptide(L)' no yes '(QX7)IAEQLRRIGDRF' XIAEQLRRIGDRF B ? 
# 
loop_
_entity_poly_seq.entity_id 
_entity_poly_seq.num 
_entity_poly_seq.mon_id 
_entity_poly_seq.hetero 
1 1   GLY n 
1 2   SER n 
1 3   HIS n 
1 4   MET n 
1 5   ASP n 
1 6   GLU n 
1 7   LEU n 
1 8   TYR n 
1 9   ARG n 
1 10  GLN n 
1 11  SER n 
1 12  LEU n 
1 13  GLU n 
1 14  ILE n 
1 15  ILE n 
1 16  SER n 
1 17  ARG n 
1 18  TYR n 
1 19  LEU n 
1 20  ARG n 
1 21  GLU n 
1 22  GLN n 
1 23  ALA n 
1 24  THR n 
1 25  GLY n 
1 26  ALA n 
1 27  LYS n 
1 28  ASP n 
1 29  THR n 
1 30  LYS n 
1 31  PRO n 
1 32  MET n 
1 33  GLY n 
1 34  ARG n 
1 35  SER n 
1 36  GLY n 
1 37  ALA n 
1 38  THR n 
1 39  SER n 
1 40  ARG n 
1 41  LYS n 
1 42  ALA n 
1 43  LEU n 
1 44  GLU n 
1 45  THR n 
1 46  LEU n 
1 47  ARG n 
1 48  ARG n 
1 49  VAL n 
1 50  GLY n 
1 51  ASP n 
1 52  GLY n 
1 53  VAL n 
1 54  GLN n 
1 55  ARG n 
1 56  ASN n 
1 57  HIS n 
1 58  GLU n 
1 59  THR n 
1 60  ALA n 
1 61  PHE n 
1 62  GLN n 
1 63  GLY n 
1 64  MET n 
1 65  LEU n 
1 66  ARG n 
1 67  LYS n 
1 68  LEU n 
1 69  ASP n 
1 70  ILE n 
1 71  LYS n 
1 72  ASN n 
1 73  GLU n 
1 74  ASP n 
1 75  ASP n 
1 76  VAL n 
1 77  LYS n 
1 78  SER n 
1 79  LEU n 
1 80  SER n 
1 81  ARG n 
1 82  VAL n 
1 83  MET n 
1 84  ILE n 
1 85  HIS n 
1 86  VAL n 
1 87  PHE n 
1 88  SER n 
1 89  ASP n 
1 90  GLY n 
1 91  VAL n 
1 92  THR n 
1 93  ASN n 
1 94  TRP n 
1 95  GLY n 
1 96  ARG n 
1 97  ILE n 
1 98  VAL n 
1 99  THR n 
1 100 LEU n 
1 101 ILE n 
1 102 SER n 
1 103 PHE n 
1 104 GLY n 
1 105 ALA n 
1 106 PHE n 
1 107 VAL n 
1 108 ALA n 
1 109 LYS n 
1 110 HIS n 
1 111 LEU n 
1 112 LYS n 
1 113 THR n 
1 114 ILE n 
1 115 ASN n 
1 116 GLN n 
1 117 GLU n 
1 118 SER n 
1 119 CYS n 
1 120 ILE n 
1 121 GLU n 
1 122 PRO n 
1 123 LEU n 
1 124 ALA n 
1 125 GLU n 
1 126 SER n 
1 127 ILE n 
1 128 THR n 
1 129 ASP n 
1 130 VAL n 
1 131 LEU n 
1 132 VAL n 
1 133 ARG n 
1 134 THR n 
1 135 LYS n 
1 136 ARG n 
1 137 ASP n 
1 138 TRP n 
1 139 LEU n 
1 140 VAL n 
1 141 LYS n 
1 142 GLN n 
1 143 ARG n 
1 144 GLY n 
1 145 TRP n 
1 146 ASP n 
1 147 GLY n 
1 148 PHE n 
1 149 VAL n 
1 150 GLU n 
1 151 PHE n 
1 152 PHE n 
1 153 HIS n 
1 154 VAL n 
1 155 GLU n 
1 156 ASP n 
2 1   QX7 n 
2 2   ILE n 
2 3   ALA n 
2 4   GLU n 
2 5   GLN n 
2 6   LEU n 
2 7   ARG n 
2 8   ARG n 
2 9   ILE n 
2 10  GLY n 
2 11  ASP n 
2 12  ARG n 
2 13  PHE n 
# 
_entity_src_gen.entity_id                          1 
_entity_src_gen.pdbx_src_id                        1 
_entity_src_gen.pdbx_alt_source_flag               sample 
_entity_src_gen.pdbx_seq_type                      'Biological sequence' 
_entity_src_gen.pdbx_beg_seq_num                   1 
_entity_src_gen.pdbx_end_seq_num                   156 
_entity_src_gen.gene_src_common_name               Human 
_entity_src_gen.gene_src_genus                     ? 
_entity_src_gen.pdbx_gene_src_gene                 'MCL1, BCL2L3' 
_entity_src_gen.gene_src_species                   ? 
_entity_src_gen.gene_src_strain                    ? 
_entity_src_gen.gene_src_tissue                    ? 
_entity_src_gen.gene_src_tissue_fraction           ? 
_entity_src_gen.gene_src_details                   ? 
_entity_src_gen.pdbx_gene_src_fragment             ? 
_entity_src_gen.pdbx_gene_src_scientific_name      'Homo sapiens' 
_entity_src_gen.pdbx_gene_src_ncbi_taxonomy_id     9606 
_entity_src_gen.pdbx_gene_src_variant              ? 
_entity_src_gen.pdbx_gene_src_cell_line            ? 
_entity_src_gen.pdbx_gene_src_atcc                 ? 
_entity_src_gen.pdbx_gene_src_organ                ? 
_entity_src_gen.pdbx_gene_src_organelle            ? 
_entity_src_gen.pdbx_gene_src_cell                 ? 
_entity_src_gen.pdbx_gene_src_cellular_location    ? 
_entity_src_gen.host_org_common_name               ? 
_entity_src_gen.pdbx_host_org_scientific_name      'Escherichia coli' 
_entity_src_gen.pdbx_host_org_ncbi_taxonomy_id     562 
_entity_src_gen.host_org_genus                     ? 
_entity_src_gen.pdbx_host_org_gene                 ? 
_entity_src_gen.pdbx_host_org_organ                ? 
_entity_src_gen.host_org_species                   ? 
_entity_src_gen.pdbx_host_org_tissue               ? 
_entity_src_gen.pdbx_host_org_tissue_fraction      ? 
_entity_src_gen.pdbx_host_org_strain               ? 
_entity_src_gen.pdbx_host_org_variant              ? 
_entity_src_gen.pdbx_host_org_cell_line            ? 
_entity_src_gen.pdbx_host_org_atcc                 ? 
_entity_src_gen.pdbx_host_org_culture_collection   ? 
_entity_src_gen.pdbx_host_org_cell                 ? 
_entity_src_gen.pdbx_host_org_organelle            ? 
_entity_src_gen.pdbx_host_org_cellular_location    ? 
_entity_src_gen.pdbx_host_org_vector_type          ? 
_entity_src_gen.pdbx_host_org_vector               ? 
_entity_src_gen.host_org_details                   ? 
_entity_src_gen.expression_system_id               ? 
_entity_src_gen.plasmid_name                       ? 
_entity_src_gen.plasmid_details                    ? 
_entity_src_gen.pdbx_description                   ? 
# 
_pdbx_entity_src_syn.entity_id              2 
_pdbx_entity_src_syn.pdbx_src_id            1 
_pdbx_entity_src_syn.pdbx_alt_source_flag   sample 
_pdbx_entity_src_syn.pdbx_beg_seq_num       1 
_pdbx_entity_src_syn.pdbx_end_seq_num       13 
_pdbx_entity_src_syn.organism_scientific    'synthetic construct' 
_pdbx_entity_src_syn.organism_common_name   ? 
_pdbx_entity_src_syn.ncbi_taxonomy_id       32630 
_pdbx_entity_src_syn.details                ? 
# 
loop_
_struct_ref.id 
_struct_ref.db_name 
_struct_ref.db_code 
_struct_ref.pdbx_db_accession 
_struct_ref.pdbx_db_isoform 
_struct_ref.entity_id 
_struct_ref.pdbx_seq_one_letter_code 
_struct_ref.pdbx_align_begin 
1 UNP MCL1_HUMAN Q07820 ? 1 
;DELYRQSLEIISRYLREQATGAKDTKPMGRSGATSRKALETLRRVGDGVQRNHETAFQGMLRKLDIKNEDDVKSLSRVMI
HVFSDGVTNWGRIVTLISFGAFVAKHLKTINQESCIEPLAESITDVLVRTKRDWLVKQRGWDGFVEFFHVED
;
172 
2 PDB 6VBX       6VBX   ? 2 ? 1   
# 
loop_
_struct_ref_seq.align_id 
_struct_ref_seq.ref_id 
_struct_ref_seq.pdbx_PDB_id_code 
_struct_ref_seq.pdbx_strand_id 
_struct_ref_seq.seq_align_beg 
_struct_ref_seq.pdbx_seq_align_beg_ins_code 
_struct_ref_seq.seq_align_end 
_struct_ref_seq.pdbx_seq_align_end_ins_code 
_struct_ref_seq.pdbx_db_accession 
_struct_ref_seq.db_align_beg 
_struct_ref_seq.pdbx_db_align_beg_ins_code 
_struct_ref_seq.db_align_end 
_struct_ref_seq.pdbx_db_align_end_ins_code 
_struct_ref_seq.pdbx_auth_seq_align_beg 
_struct_ref_seq.pdbx_auth_seq_align_end 
1 1 6VBX A 5 ? 156 ? Q07820 172 ? 323 ? 172 323 
2 2 6VBX B 1 ? 13  ? 6VBX   401 ? 12  ? 401 12  
# 
loop_
_struct_ref_seq_dif.align_id 
_struct_ref_seq_dif.pdbx_pdb_id_code 
_struct_ref_seq_dif.mon_id 
_struct_ref_seq_dif.pdbx_pdb_strand_id 
_struct_ref_seq_dif.seq_num 
_struct_ref_seq_dif.pdbx_pdb_ins_code 
_struct_ref_seq_dif.pdbx_seq_db_name 
_struct_ref_seq_dif.pdbx_seq_db_accession_code 
_struct_ref_seq_dif.db_mon_id 
_struct_ref_seq_dif.pdbx_seq_db_seq_num 
_struct_ref_seq_dif.details 
_struct_ref_seq_dif.pdbx_auth_seq_num 
_struct_ref_seq_dif.pdbx_ordinal 
1 6VBX GLY A 1 ? UNP Q07820 ? ? 'expression tag' 168 1 
1 6VBX SER A 2 ? UNP Q07820 ? ? 'expression tag' 169 2 
1 6VBX HIS A 3 ? UNP Q07820 ? ? 'expression tag' 170 3 
1 6VBX MET A 4 ? UNP Q07820 ? ? 'expression tag' 171 4 
# 
loop_
_chem_comp.id 
_chem_comp.type 
_chem_comp.mon_nstd_flag 
_chem_comp.name 
_chem_comp.pdbx_synonyms 
_chem_comp.formula 
_chem_comp.formula_weight 
ALA 'L-peptide linking' y ALANINE                                                                       ? 'C3 H7 N O2'        
89.093  
ARG 'L-peptide linking' y ARGININE                                                                      ? 'C6 H15 N4 O2 1'    
175.209 
ASN 'L-peptide linking' y ASPARAGINE                                                                    ? 'C4 H8 N2 O3'       
132.118 
ASP 'L-peptide linking' y 'ASPARTIC ACID'                                                               ? 'C4 H7 N O4'        
133.103 
CYS 'L-peptide linking' y CYSTEINE                                                                      ? 'C3 H7 N O2 S'      
121.158 
GLN 'L-peptide linking' y GLUTAMINE                                                                     ? 'C5 H10 N2 O3'      
146.144 
GLU 'L-peptide linking' y 'GLUTAMIC ACID'                                                               ? 'C5 H9 N O4'        
147.129 
GLY 'peptide linking'   y GLYCINE                                                                       ? 'C2 H5 N O2'        
75.067  
HIS 'L-peptide linking' y HISTIDINE                                                                     ? 'C6 H10 N3 O2 1'    
156.162 
HOH non-polymer         . WATER                                                                         ? 'H2 O'              
18.015  
ILE 'L-peptide linking' y ISOLEUCINE                                                                    ? 'C6 H13 N O2'       
131.173 
LEU 'L-peptide linking' y LEUCINE                                                                       ? 'C6 H13 N O2'       
131.173 
LYS 'L-peptide linking' y LYSINE                                                                        ? 'C6 H15 N2 O2 1'    
147.195 
MET 'L-peptide linking' y METHIONINE                                                                    ? 'C5 H11 N O2 S'     
149.211 
PHE 'L-peptide linking' y PHENYLALANINE                                                                 ? 'C9 H11 N O2'       
165.189 
PRO 'L-peptide linking' y PROLINE                                                                       ? 'C5 H9 N O2'        
115.130 
QX7 'L-peptide linking' n 'N-acetyl-3-{[5-(fluorosulfonyl)-2-methylbenzene-1-carbonyl]amino}-L-alanine' ? 'C13 H15 F N2 O6 S' 
346.331 
SER 'L-peptide linking' y SERINE                                                                        ? 'C3 H7 N O3'        
105.093 
THR 'L-peptide linking' y THREONINE                                                                     ? 'C4 H9 N O3'        
119.119 
TRP 'L-peptide linking' y TRYPTOPHAN                                                                    ? 'C11 H12 N2 O2'     
204.225 
TYR 'L-peptide linking' y TYROSINE                                                                      ? 'C9 H11 N O3'       
181.189 
VAL 'L-peptide linking' y VALINE                                                                        ? 'C5 H11 N O2'       
117.146 
# 
_exptl.absorpt_coefficient_mu     ? 
_exptl.absorpt_correction_T_max   ? 
_exptl.absorpt_correction_T_min   ? 
_exptl.absorpt_correction_type    ? 
_exptl.absorpt_process_details    ? 
_exptl.entry_id                   6VBX 
_exptl.crystals_number            1 
_exptl.details                    ? 
_exptl.method                     'X-RAY DIFFRACTION' 
_exptl.method_details             ? 
# 
_exptl_crystal.colour                      ? 
_exptl_crystal.density_diffrn              ? 
_exptl_crystal.density_Matthews            2.18 
_exptl_crystal.density_method              ? 
_exptl_crystal.density_percent_sol         43.55 
_exptl_crystal.description                 ? 
_exptl_crystal.F_000                       ? 
_exptl_crystal.id                          1 
_exptl_crystal.preparation                 ? 
_exptl_crystal.size_max                    ? 
_exptl_crystal.size_mid                    ? 
_exptl_crystal.size_min                    ? 
_exptl_crystal.size_rad                    ? 
_exptl_crystal.colour_lustre               ? 
_exptl_crystal.colour_modifier             ? 
_exptl_crystal.colour_primary              ? 
_exptl_crystal.density_meas                ? 
_exptl_crystal.density_meas_esd            ? 
_exptl_crystal.density_meas_gt             ? 
_exptl_crystal.density_meas_lt             ? 
_exptl_crystal.density_meas_temp           ? 
_exptl_crystal.density_meas_temp_esd       ? 
_exptl_crystal.density_meas_temp_gt        ? 
_exptl_crystal.density_meas_temp_lt        ? 
_exptl_crystal.pdbx_crystal_image_url      ? 
_exptl_crystal.pdbx_crystal_image_format   ? 
_exptl_crystal.pdbx_mosaicity              ? 
_exptl_crystal.pdbx_mosaicity_esd          ? 
# 
_exptl_crystal_grow.apparatus       ? 
_exptl_crystal_grow.atmosphere      ? 
_exptl_crystal_grow.crystal_id      1 
_exptl_crystal_grow.details         ? 
_exptl_crystal_grow.method          'VAPOR DIFFUSION, SITTING DROP' 
_exptl_crystal_grow.method_ref      ? 
_exptl_crystal_grow.pH              ? 
_exptl_crystal_grow.pressure        ? 
_exptl_crystal_grow.pressure_esd    ? 
_exptl_crystal_grow.seeding         ? 
_exptl_crystal_grow.seeding_ref     ? 
_exptl_crystal_grow.temp            298 
_exptl_crystal_grow.temp_details    ? 
_exptl_crystal_grow.temp_esd        ? 
_exptl_crystal_grow.time            ? 
_exptl_crystal_grow.pdbx_details    '0.5M Potassium Thiocyanate, 0.1M Sodium Acetate:HCL pH4.6' 
_exptl_crystal_grow.pdbx_pH_range   ? 
# 
_diffrn.ambient_environment              ? 
_diffrn.ambient_temp                     100 
_diffrn.ambient_temp_details             ? 
_diffrn.ambient_temp_esd                 ? 
_diffrn.crystal_id                       1 
_diffrn.crystal_support                  ? 
_diffrn.crystal_treatment                ? 
_diffrn.details                          ? 
_diffrn.id                               1 
_diffrn.ambient_pressure                 ? 
_diffrn.ambient_pressure_esd             ? 
_diffrn.ambient_pressure_gt              ? 
_diffrn.ambient_pressure_lt              ? 
_diffrn.ambient_temp_gt                  ? 
_diffrn.ambient_temp_lt                  ? 
_diffrn.pdbx_serial_crystal_experiment   N 
# 
_diffrn_detector.details                      ? 
_diffrn_detector.detector                     PIXEL 
_diffrn_detector.diffrn_id                    1 
_diffrn_detector.type                         'DECTRIS EIGER X 9M' 
_diffrn_detector.area_resol_mean              ? 
_diffrn_detector.dtime                        ? 
_diffrn_detector.pdbx_frames_total            ? 
_diffrn_detector.pdbx_collection_time_total   ? 
_diffrn_detector.pdbx_collection_date         2019-10-31 
_diffrn_detector.pdbx_frequency               ? 
# 
_diffrn_radiation.collimation                      ? 
_diffrn_radiation.diffrn_id                        1 
_diffrn_radiation.filter_edge                      ? 
_diffrn_radiation.inhomogeneity                    ? 
_diffrn_radiation.monochromator                    ? 
_diffrn_radiation.polarisn_norm                    ? 
_diffrn_radiation.polarisn_ratio                   ? 
_diffrn_radiation.probe                            ? 
_diffrn_radiation.type                             ? 
_diffrn_radiation.xray_symbol                      ? 
_diffrn_radiation.wavelength_id                    1 
_diffrn_radiation.pdbx_monochromatic_or_laue_m_l   M 
_diffrn_radiation.pdbx_wavelength_list             ? 
_diffrn_radiation.pdbx_wavelength                  ? 
_diffrn_radiation.pdbx_diffrn_protocol             'SINGLE WAVELENGTH' 
_diffrn_radiation.pdbx_analyzer                    ? 
_diffrn_radiation.pdbx_scattering_type             x-ray 
# 
_diffrn_radiation_wavelength.id           1 
_diffrn_radiation_wavelength.wavelength   1.127 
_diffrn_radiation_wavelength.wt           1.0 
# 
_diffrn_source.current                     ? 
_diffrn_source.details                     ? 
_diffrn_source.diffrn_id                   1 
_diffrn_source.power                       ? 
_diffrn_source.size                        ? 
_diffrn_source.source                      SYNCHROTRON 
_diffrn_source.target                      ? 
_diffrn_source.type                        'APS BEAMLINE 21-ID-D' 
_diffrn_source.voltage                     ? 
_diffrn_source.take-off_angle              ? 
_diffrn_source.pdbx_wavelength_list        1.127 
_diffrn_source.pdbx_wavelength             ? 
_diffrn_source.pdbx_synchrotron_beamline   21-ID-D 
_diffrn_source.pdbx_synchrotron_site       APS 
# 
_reflns.B_iso_Wilson_estimate            32.63 
_reflns.entry_id                         6VBX 
_reflns.data_reduction_details           ? 
_reflns.data_reduction_method            ? 
_reflns.d_resolution_high                1.95 
_reflns.d_resolution_low                 34.001 
_reflns.details                          ? 
_reflns.limit_h_max                      ? 
_reflns.limit_h_min                      ? 
_reflns.limit_k_max                      ? 
_reflns.limit_k_min                      ? 
_reflns.limit_l_max                      ? 
_reflns.limit_l_min                      ? 
_reflns.number_all                       ? 
_reflns.number_obs                       12721 
_reflns.observed_criterion               ? 
_reflns.observed_criterion_F_max         ? 
_reflns.observed_criterion_F_min         ? 
_reflns.observed_criterion_I_max         ? 
_reflns.observed_criterion_I_min         ? 
_reflns.observed_criterion_sigma_F       ? 
_reflns.observed_criterion_sigma_I       ? 
_reflns.percent_possible_obs             99.75 
_reflns.R_free_details                   ? 
_reflns.Rmerge_F_all                     ? 
_reflns.Rmerge_F_obs                     ? 
_reflns.Friedel_coverage                 ? 
_reflns.number_gt                        ? 
_reflns.threshold_expression             ? 
_reflns.pdbx_redundancy                  7.9 
_reflns.pdbx_Rmerge_I_obs                0.073 
_reflns.pdbx_Rmerge_I_all                ? 
_reflns.pdbx_Rsym_value                  ? 
_reflns.pdbx_netI_over_av_sigmaI         ? 
_reflns.pdbx_netI_over_sigmaI            22.0 
_reflns.pdbx_res_netI_over_av_sigmaI_2   ? 
_reflns.pdbx_res_netI_over_sigmaI_2      ? 
_reflns.pdbx_chi_squared                 ? 
_reflns.pdbx_scaling_rejects             ? 
_reflns.pdbx_d_res_high_opt              ? 
_reflns.pdbx_d_res_low_opt               ? 
_reflns.pdbx_d_res_opt_method            ? 
_reflns.phase_calculation_details        ? 
_reflns.pdbx_Rrim_I_all                  ? 
_reflns.pdbx_Rpim_I_all                  ? 
_reflns.pdbx_d_opt                       ? 
_reflns.pdbx_number_measured_all         ? 
_reflns.pdbx_diffrn_id                   1 
_reflns.pdbx_ordinal                     1 
_reflns.pdbx_CC_half                     ? 
_reflns.pdbx_CC_star                     ? 
_reflns.pdbx_R_split                     ? 
# 
_reflns_shell.d_res_high                  1.955 
_reflns_shell.d_res_low                   2.025 
_reflns_shell.meanI_over_sigI_all         ? 
_reflns_shell.meanI_over_sigI_obs         2.3 
_reflns_shell.number_measured_all         ? 
_reflns_shell.number_measured_obs         ? 
_reflns_shell.number_possible             ? 
_reflns_shell.number_unique_all           ? 
_reflns_shell.number_unique_obs           1235 
_reflns_shell.percent_possible_all        100.0 
_reflns_shell.percent_possible_obs        ? 
_reflns_shell.Rmerge_F_all                ? 
_reflns_shell.Rmerge_F_obs                ? 
_reflns_shell.Rmerge_I_all                ? 
_reflns_shell.Rmerge_I_obs                0.276 
_reflns_shell.meanI_over_sigI_gt          ? 
_reflns_shell.meanI_over_uI_all           ? 
_reflns_shell.meanI_over_uI_gt            ? 
_reflns_shell.number_measured_gt          ? 
_reflns_shell.number_unique_gt            ? 
_reflns_shell.percent_possible_gt         ? 
_reflns_shell.Rmerge_F_gt                 ? 
_reflns_shell.Rmerge_I_gt                 ? 
_reflns_shell.pdbx_redundancy             8.4 
_reflns_shell.pdbx_Rsym_value             ? 
_reflns_shell.pdbx_chi_squared            ? 
_reflns_shell.pdbx_netI_over_sigmaI_all   ? 
_reflns_shell.pdbx_netI_over_sigmaI_obs   ? 
_reflns_shell.pdbx_Rrim_I_all             ? 
_reflns_shell.pdbx_Rpim_I_all             ? 
_reflns_shell.pdbx_rejects                ? 
_reflns_shell.pdbx_ordinal                1 
_reflns_shell.pdbx_diffrn_id              1 
_reflns_shell.pdbx_CC_half                ? 
_reflns_shell.pdbx_CC_star                ? 
_reflns_shell.pdbx_R_split                ? 
# 
_refine.aniso_B[1][1]                            ? 
_refine.aniso_B[1][2]                            ? 
_refine.aniso_B[1][3]                            ? 
_refine.aniso_B[2][2]                            ? 
_refine.aniso_B[2][3]                            ? 
_refine.aniso_B[3][3]                            ? 
_refine.B_iso_max                                ? 
_refine.B_iso_mean                               35.58 
_refine.B_iso_min                                ? 
_refine.correlation_coeff_Fo_to_Fc               ? 
_refine.correlation_coeff_Fo_to_Fc_free          ? 
_refine.details                                  ? 
_refine.diff_density_max                         ? 
_refine.diff_density_max_esd                     ? 
_refine.diff_density_min                         ? 
_refine.diff_density_min_esd                     ? 
_refine.diff_density_rms                         ? 
_refine.diff_density_rms_esd                     ? 
_refine.entry_id                                 6VBX 
_refine.pdbx_refine_id                           'X-RAY DIFFRACTION' 
_refine.ls_abs_structure_details                 ? 
_refine.ls_abs_structure_Flack                   ? 
_refine.ls_abs_structure_Flack_esd               ? 
_refine.ls_abs_structure_Rogers                  ? 
_refine.ls_abs_structure_Rogers_esd              ? 
_refine.ls_d_res_high                            1.95 
_refine.ls_d_res_low                             34.00 
_refine.ls_extinction_coef                       ? 
_refine.ls_extinction_coef_esd                   ? 
_refine.ls_extinction_expression                 ? 
_refine.ls_extinction_method                     ? 
_refine.ls_goodness_of_fit_all                   ? 
_refine.ls_goodness_of_fit_all_esd               ? 
_refine.ls_goodness_of_fit_obs                   ? 
_refine.ls_goodness_of_fit_obs_esd               ? 
_refine.ls_hydrogen_treatment                    ? 
_refine.ls_matrix_type                           ? 
_refine.ls_number_constraints                    ? 
_refine.ls_number_parameters                     ? 
_refine.ls_number_reflns_all                     ? 
_refine.ls_number_reflns_obs                     12721 
_refine.ls_number_reflns_R_free                  601 
_refine.ls_number_reflns_R_work                  12120 
_refine.ls_number_restraints                     ? 
_refine.ls_percent_reflns_obs                    99.78 
_refine.ls_percent_reflns_R_free                 4.72 
_refine.ls_R_factor_all                          ? 
_refine.ls_R_factor_obs                          0.2518 
_refine.ls_R_factor_R_free                       0.2779 
_refine.ls_R_factor_R_free_error                 ? 
_refine.ls_R_factor_R_free_error_details         ? 
_refine.ls_R_factor_R_work                       0.2503 
_refine.ls_R_Fsqd_factor_obs                     ? 
_refine.ls_R_I_factor_obs                        ? 
_refine.ls_redundancy_reflns_all                 ? 
_refine.ls_redundancy_reflns_obs                 ? 
_refine.ls_restrained_S_all                      ? 
_refine.ls_restrained_S_obs                      ? 
_refine.ls_shift_over_esd_max                    ? 
_refine.ls_shift_over_esd_mean                   ? 
_refine.ls_structure_factor_coef                 ? 
_refine.ls_weighting_details                     ? 
_refine.ls_weighting_scheme                      ? 
_refine.ls_wR_factor_all                         ? 
_refine.ls_wR_factor_obs                         ? 
_refine.ls_wR_factor_R_free                      ? 
_refine.ls_wR_factor_R_work                      ? 
_refine.occupancy_max                            ? 
_refine.occupancy_min                            ? 
_refine.solvent_model_details                    'FLAT BULK SOLVENT MODEL' 
_refine.solvent_model_param_bsol                 ? 
_refine.solvent_model_param_ksol                 ? 
_refine.pdbx_R_complete                          ? 
_refine.ls_R_factor_gt                           ? 
_refine.ls_goodness_of_fit_gt                    ? 
_refine.ls_goodness_of_fit_ref                   ? 
_refine.ls_shift_over_su_max                     ? 
_refine.ls_shift_over_su_max_lt                  ? 
_refine.ls_shift_over_su_mean                    ? 
_refine.ls_shift_over_su_mean_lt                 ? 
_refine.pdbx_ls_sigma_I                          ? 
_refine.pdbx_ls_sigma_F                          1.34 
_refine.pdbx_ls_sigma_Fsqd                       ? 
_refine.pdbx_data_cutoff_high_absF               ? 
_refine.pdbx_data_cutoff_high_rms_absF           ? 
_refine.pdbx_data_cutoff_low_absF                ? 
_refine.pdbx_isotropic_thermal_model             ? 
_refine.pdbx_ls_cross_valid_method               'FREE R-VALUE' 
_refine.pdbx_method_to_determine_struct          'MOLECULAR REPLACEMENT' 
_refine.pdbx_starting_model                      2NL9 
_refine.pdbx_stereochemistry_target_values       'GeoStd + Monomer Library + CDL v1.2' 
_refine.pdbx_R_Free_selection_details            ? 
_refine.pdbx_stereochem_target_val_spec_case     ? 
_refine.pdbx_overall_ESU_R                       ? 
_refine.pdbx_overall_ESU_R_Free                  ? 
_refine.pdbx_solvent_vdw_probe_radii             1.1100 
_refine.pdbx_solvent_ion_probe_radii             ? 
_refine.pdbx_solvent_shrinkage_radii             0.9000 
_refine.pdbx_real_space_R                        ? 
_refine.pdbx_density_correlation                 ? 
_refine.pdbx_pd_number_of_powder_patterns        ? 
_refine.pdbx_pd_number_of_points                 ? 
_refine.pdbx_pd_meas_number_of_points            ? 
_refine.pdbx_pd_proc_ls_prof_R_factor            ? 
_refine.pdbx_pd_proc_ls_prof_wR_factor           ? 
_refine.pdbx_pd_Marquardt_correlation_coeff      ? 
_refine.pdbx_pd_Fsqrd_R_factor                   ? 
_refine.pdbx_pd_ls_matrix_band_width             ? 
_refine.pdbx_overall_phase_error                 34.0423 
_refine.pdbx_overall_SU_R_free_Cruickshank_DPI   ? 
_refine.pdbx_overall_SU_R_free_Blow_DPI          ? 
_refine.pdbx_overall_SU_R_Blow_DPI               ? 
_refine.pdbx_TLS_residual_ADP_flag               ? 
_refine.pdbx_diffrn_id                           1 
_refine.overall_SU_B                             ? 
_refine.overall_SU_ML                            0.2912 
_refine.overall_SU_R_Cruickshank_DPI             ? 
_refine.overall_SU_R_free                        ? 
_refine.overall_FOM_free_R_set                   ? 
_refine.overall_FOM_work_R_set                   ? 
_refine.pdbx_average_fsc_overall                 ? 
_refine.pdbx_average_fsc_work                    ? 
_refine.pdbx_average_fsc_free                    ? 
# 
_refine_hist.pdbx_refine_id                   'X-RAY DIFFRACTION' 
_refine_hist.cycle_id                         LAST 
_refine_hist.details                          ? 
_refine_hist.d_res_high                       1.95 
_refine_hist.d_res_low                        34.00 
_refine_hist.number_atoms_solvent             44 
_refine_hist.number_atoms_total               1299 
_refine_hist.number_reflns_all                ? 
_refine_hist.number_reflns_obs                ? 
_refine_hist.number_reflns_R_free             ? 
_refine_hist.number_reflns_R_work             ? 
_refine_hist.R_factor_all                     ? 
_refine_hist.R_factor_obs                     ? 
_refine_hist.R_factor_R_free                  ? 
_refine_hist.R_factor_R_work                  ? 
_refine_hist.pdbx_number_residues_total       ? 
_refine_hist.pdbx_B_iso_mean_ligand           ? 
_refine_hist.pdbx_B_iso_mean_solvent          ? 
_refine_hist.pdbx_number_atoms_protein        1234 
_refine_hist.pdbx_number_atoms_nucleic_acid   0 
_refine_hist.pdbx_number_atoms_ligand         21 
_refine_hist.pdbx_number_atoms_lipid          ? 
_refine_hist.pdbx_number_atoms_carb           ? 
_refine_hist.pdbx_pseudo_atom_details         ? 
# 
loop_
_refine_ls_restr.pdbx_refine_id 
_refine_ls_restr.criterion 
_refine_ls_restr.dev_ideal 
_refine_ls_restr.dev_ideal_target 
_refine_ls_restr.number 
_refine_ls_restr.rejects 
_refine_ls_restr.type 
_refine_ls_restr.weight 
_refine_ls_restr.pdbx_restraint_function 
'X-RAY DIFFRACTION' ? 0.0067  ? 1273 ? f_bond_d           ? ? 
'X-RAY DIFFRACTION' ? 0.8069  ? 1708 ? f_angle_d          ? ? 
'X-RAY DIFFRACTION' ? 0.0536  ? 189  ? f_chiral_restr     ? ? 
'X-RAY DIFFRACTION' ? 0.0040  ? 217  ? f_plane_restr      ? ? 
'X-RAY DIFFRACTION' ? 10.0004 ? 753  ? f_dihedral_angle_d ? ? 
# 
loop_
_refine_ls_shell.pdbx_refine_id 
_refine_ls_shell.d_res_high 
_refine_ls_shell.d_res_low 
_refine_ls_shell.number_reflns_all 
_refine_ls_shell.number_reflns_obs 
_refine_ls_shell.number_reflns_R_free 
_refine_ls_shell.number_reflns_R_work 
_refine_ls_shell.percent_reflns_obs 
_refine_ls_shell.percent_reflns_R_free 
_refine_ls_shell.R_factor_all 
_refine_ls_shell.R_factor_obs 
_refine_ls_shell.R_factor_R_free 
_refine_ls_shell.R_factor_R_free_error 
_refine_ls_shell.R_factor_R_work 
_refine_ls_shell.redundancy_reflns_all 
_refine_ls_shell.redundancy_reflns_obs 
_refine_ls_shell.wR_factor_all 
_refine_ls_shell.wR_factor_obs 
_refine_ls_shell.wR_factor_R_free 
_refine_ls_shell.wR_factor_R_work 
_refine_ls_shell.pdbx_R_complete 
_refine_ls_shell.pdbx_total_number_of_bins_used 
_refine_ls_shell.pdbx_phase_error 
_refine_ls_shell.pdbx_fsc_work 
_refine_ls_shell.pdbx_fsc_free 
'X-RAY DIFFRACTION' 1.95 2.15 . . 134 2992 100.00 . . . 0.3543 . 0.2742 . . . . . . . . . . . 
'X-RAY DIFFRACTION' 2.15 2.46 . . 132 2965 99.20  . . . 0.3282 . 0.2735 . . . . . . . . . . . 
'X-RAY DIFFRACTION' 2.46 3.10 . . 134 3038 99.97  . . . 0.3121 . 0.2693 . . . . . . . . . . . 
# 
_struct.entry_id                     6VBX 
_struct.title                        'Crystal structure of Mcl-1 in complex with 138E12 peptide, Lys-covalent antagonist' 
_struct.pdbx_model_details           ? 
_struct.pdbx_formula_weight          ? 
_struct.pdbx_formula_weight_method   ? 
_struct.pdbx_model_type_details      ? 
_struct.pdbx_CASP_flag               N 
# 
_struct_keywords.entry_id        6VBX 
_struct_keywords.text            'MCL-1, Apoptosis, 138E12 peptide, Lys-covalent antagonists' 
_struct_keywords.pdbx_keywords   APOPTOSIS 
# 
loop_
_struct_asym.id 
_struct_asym.pdbx_blank_PDB_chainid_flag 
_struct_asym.pdbx_modified 
_struct_asym.entity_id 
_struct_asym.details 
A N N 1 ? 
B N N 2 ? 
C N N 3 ? 
D N N 3 ? 
# 
loop_
_struct_conf.conf_type_id 
_struct_conf.id 
_struct_conf.pdbx_PDB_helix_id 
_struct_conf.beg_label_comp_id 
_struct_conf.beg_label_asym_id 
_struct_conf.beg_label_seq_id 
_struct_conf.pdbx_beg_PDB_ins_code 
_struct_conf.end_label_comp_id 
_struct_conf.end_label_asym_id 
_struct_conf.end_label_seq_id 
_struct_conf.pdbx_end_PDB_ins_code 
_struct_conf.beg_auth_comp_id 
_struct_conf.beg_auth_asym_id 
_struct_conf.beg_auth_seq_id 
_struct_conf.end_auth_comp_id 
_struct_conf.end_auth_asym_id 
_struct_conf.end_auth_seq_id 
_struct_conf.pdbx_PDB_helix_class 
_struct_conf.details 
_struct_conf.pdbx_PDB_helix_length 
HELX_P HELX_P1 AA1 GLU A 6   ? GLY A 25  ? GLU A 173 GLY A 192 1 ? 20 
HELX_P HELX_P2 AA2 ALA A 37  ? HIS A 57  ? ALA A 204 HIS A 224 1 ? 21 
HELX_P HELX_P3 AA3 HIS A 57  ? ASP A 69  ? HIS A 224 ASP A 236 1 ? 13 
HELX_P HELX_P4 AA4 VAL A 76  ? SER A 88  ? VAL A 243 SER A 255 1 ? 13 
HELX_P HELX_P5 AA5 ASN A 93  ? ILE A 114 ? ASN A 260 ILE A 281 1 ? 22 
HELX_P HELX_P6 AA6 GLN A 116 ? SER A 118 ? GLN A 283 SER A 285 5 ? 3  
HELX_P HELX_P7 AA7 CYS A 119 ? GLN A 142 ? CYS A 286 GLN A 309 1 ? 24 
HELX_P HELX_P8 AA8 ARG A 143 ? PHE A 152 ? ARG A 310 PHE A 319 1 ? 10 
HELX_P HELX_P9 AA9 ALA B 3   ? PHE B 13  ? ALA B 2   PHE B 12  1 ? 11 
# 
_struct_conf_type.id          HELX_P 
_struct_conf_type.criteria    ? 
_struct_conf_type.reference   ? 
# 
loop_
_struct_conn.id 
_struct_conn.conn_type_id 
_struct_conn.pdbx_leaving_atom_flag 
_struct_conn.pdbx_PDB_id 
_struct_conn.ptnr1_label_asym_id 
_struct_conn.ptnr1_label_comp_id 
_struct_conn.ptnr1_label_seq_id 
_struct_conn.ptnr1_label_atom_id 
_struct_conn.pdbx_ptnr1_label_alt_id 
_struct_conn.pdbx_ptnr1_PDB_ins_code 
_struct_conn.pdbx_ptnr1_standard_comp_id 
_struct_conn.ptnr1_symmetry 
_struct_conn.ptnr2_label_asym_id 
_struct_conn.ptnr2_label_comp_id 
_struct_conn.ptnr2_label_seq_id 
_struct_conn.ptnr2_label_atom_id 
_struct_conn.pdbx_ptnr2_label_alt_id 
_struct_conn.pdbx_ptnr2_PDB_ins_code 
_struct_conn.ptnr1_auth_asym_id 
_struct_conn.ptnr1_auth_comp_id 
_struct_conn.ptnr1_auth_seq_id 
_struct_conn.ptnr2_auth_asym_id 
_struct_conn.ptnr2_auth_comp_id 
_struct_conn.ptnr2_auth_seq_id 
_struct_conn.ptnr2_symmetry 
_struct_conn.pdbx_ptnr3_label_atom_id 
_struct_conn.pdbx_ptnr3_label_seq_id 
_struct_conn.pdbx_ptnr3_label_comp_id 
_struct_conn.pdbx_ptnr3_label_asym_id 
_struct_conn.pdbx_ptnr3_label_alt_id 
_struct_conn.pdbx_ptnr3_PDB_ins_code 
_struct_conn.details 
_struct_conn.pdbx_dist_value 
_struct_conn.pdbx_value_order 
_struct_conn.pdbx_role 
covale1 covale one  ? A LYS 67 NZ ? ? ? 1_555 B QX7 1 S15 ? ? A LYS 234 B QX7 401 1_555 ? ? ? ? ? ? ? 1.631 ? ? 
covale2 covale both ? B ILE 2  N  ? ? ? 1_555 B QX7 1 C   ? ? B ILE 1   B QX7 401 1_555 ? ? ? ? ? ? ? 1.428 ? ? 
# 
_struct_conn_type.id          covale 
_struct_conn_type.criteria    ? 
_struct_conn_type.reference   ? 
# 
_struct_site.id                   AC1 
_struct_site.pdbx_evidence_code   Software 
_struct_site.pdbx_auth_asym_id    B 
_struct_site.pdbx_auth_comp_id    QX7 
_struct_site.pdbx_auth_seq_id     401 
_struct_site.pdbx_auth_ins_code   ? 
_struct_site.pdbx_num_residues    6 
_struct_site.details              'binding site for residue QX7 B 401' 
# 
loop_
_struct_site_gen.id 
_struct_site_gen.site_id 
_struct_site_gen.pdbx_num_res 
_struct_site_gen.label_comp_id 
_struct_site_gen.label_asym_id 
_struct_site_gen.label_seq_id 
_struct_site_gen.pdbx_auth_ins_code 
_struct_site_gen.auth_comp_id 
_struct_site_gen.auth_asym_id 
_struct_site_gen.auth_seq_id 
_struct_site_gen.label_atom_id 
_struct_site_gen.label_alt_id 
_struct_site_gen.symmetry 
_struct_site_gen.details 
1 AC1 6 LYS A 67 ? LYS A 234 . ? 1_555 ? 
2 AC1 6 HIS A 85 ? HIS A 252 . ? 1_555 ? 
3 AC1 6 ILE B 2  ? ILE B 1   . ? 1_555 ? 
4 AC1 6 ALA B 3  ? ALA B 2   . ? 1_555 ? 
5 AC1 6 GLU B 4  ? GLU B 3   . ? 1_555 ? 
6 AC1 6 GLN B 5  ? GLN B 4   . ? 1_555 ? 
# 
_atom_sites.entry_id                    6VBX 
_atom_sites.Cartn_transf_matrix[1][1]   ? 
_atom_sites.Cartn_transf_matrix[1][2]   ? 
_atom_sites.Cartn_transf_matrix[1][3]   ? 
_atom_sites.Cartn_transf_matrix[2][1]   ? 
_atom_sites.Cartn_transf_matrix[2][2]   ? 
_atom_sites.Cartn_transf_matrix[2][3]   ? 
_atom_sites.Cartn_transf_matrix[3][1]   ? 
_atom_sites.Cartn_transf_matrix[3][2]   ? 
_atom_sites.Cartn_transf_matrix[3][3]   ? 
_atom_sites.Cartn_transf_vector[1]      ? 
_atom_sites.Cartn_transf_vector[2]      ? 
_atom_sites.Cartn_transf_vector[3]      ? 
_atom_sites.fract_transf_matrix[1][1]   -0.00626143 
_atom_sites.fract_transf_matrix[1][2]   -0.02019761 
_atom_sites.fract_transf_matrix[1][3]   0.00007311 
_atom_sites.fract_transf_matrix[2][1]   -0.00327807 
_atom_sites.fract_transf_matrix[2][2]   -0.01011939 
_atom_sites.fract_transf_matrix[2][3]   -0.01827582 
_atom_sites.fract_transf_matrix[3][1]   0.00976230 
_atom_sites.fract_transf_matrix[3][2]   -0.00302667 
_atom_sites.fract_transf_matrix[3][3]   -0.00007515 
_atom_sites.fract_transf_vector[1]      -0.279618 
_atom_sites.fract_transf_vector[2]      -0.010626 
_atom_sites.fract_transf_vector[3]      -0.074155 
_atom_sites.solution_primary            ? 
_atom_sites.solution_secondary          ? 
_atom_sites.solution_hydrogens          ? 
_atom_sites.special_details             ? 
# 
loop_
_atom_type.symbol 
C 
N 
O 
S 
# 
loop_
_atom_site.group_PDB 
_atom_site.id 
_atom_site.type_symbol 
_atom_site.label_atom_id 
_atom_site.label_alt_id 
_atom_site.label_comp_id 
_atom_site.label_asym_id 
_atom_site.label_entity_id 
_atom_site.label_seq_id 
_atom_site.pdbx_PDB_ins_code 
_atom_site.Cartn_x 
_atom_site.Cartn_y 
_atom_site.Cartn_z 
_atom_site.occupancy 
_atom_site.B_iso_or_equiv 
_atom_site.pdbx_formal_charge 
_atom_site.auth_seq_id 
_atom_site.auth_comp_id 
_atom_site.auth_asym_id 
_atom_site.auth_atom_id 
_atom_site.pdbx_PDB_model_num 
ATOM   1    N N   . GLU A 1 6   ? 4.91664   -18.45604 2.84928   1.000 36.29851 ? 173 GLU A N   1 
ATOM   2    C CA  . GLU A 1 6   ? 5.88296   -17.87006 1.92299   1.000 29.15793 ? 173 GLU A CA  1 
ATOM   3    C C   . GLU A 1 6   ? 5.44578   -16.48630 1.45735   1.000 21.90432 ? 173 GLU A C   1 
ATOM   4    O O   . GLU A 1 6   ? 6.19432   -15.49001 1.51249   1.000 23.23722 ? 173 GLU A O   1 
ATOM   5    C CB  . GLU A 1 6   ? 6.06639   -18.77448 0.69618   1.000 29.79793 ? 173 GLU A CB  1 
ATOM   6    C CG  . GLU A 1 6   ? 6.06460   -20.26927 0.97700   1.000 44.69793 ? 173 GLU A CG  1 
ATOM   7    C CD  . GLU A 1 6   ? 6.95810   -21.05644 0.01709   1.000 43.71660 ? 173 GLU A CD  1 
ATOM   8    O OE1 . GLU A 1 6   ? 6.75174   -20.93727 -1.20477  1.000 46.23796 ? 173 GLU A OE1 1 
ATOM   9    O OE2 . GLU A 1 6   ? 7.84237   -21.80565 0.48380   1.000 46.18793 ? 173 GLU A OE2 1 
ATOM   10   N N   . LEU A 1 7   ? 4.23333   -16.42819 0.91492   1.000 23.94582 ? 174 LEU A N   1 
ATOM   11   C CA  . LEU A 1 7   ? 3.79968   -15.18491 0.29359   1.000 24.40741 ? 174 LEU A CA  1 
ATOM   12   C C   . LEU A 1 7   ? 3.47111   -14.13823 1.34583   1.000 21.62431 ? 174 LEU A C   1 
ATOM   13   O O   . LEU A 1 7   ? 3.68532   -12.94038 1.12374   1.000 25.82619 ? 174 LEU A O   1 
ATOM   14   C CB  . LEU A 1 7   ? 2.59060   -15.44150 -0.59949  1.000 24.78824 ? 174 LEU A CB  1 
ATOM   15   C CG  . LEU A 1 7   ? 1.87758   -14.18749 -1.09705  1.000 20.86129 ? 174 LEU A CG  1 
ATOM   16   C CD1 . LEU A 1 7   ? 2.83194   -13.28860 -1.88601  1.000 26.50967 ? 174 LEU A CD1 1 
ATOM   17   C CD2 . LEU A 1 7   ? 0.68825   -14.57597 -1.96817  1.000 24.91190 ? 174 LEU A CD2 1 
ATOM   18   N N   . TYR A 1 8   ? 2.91784   -14.55364 2.48555   1.000 21.06684 ? 175 TYR A N   1 
ATOM   19   C CA  . TYR A 1 8   ? 2.61093   -13.56304 3.51204   1.000 20.52645 ? 175 TYR A CA  1 
ATOM   20   C C   . TYR A 1 8   ? 3.89115   -12.92789 4.03472   1.000 22.84990 ? 175 TYR A C   1 
ATOM   21   O O   . TYR A 1 8   ? 3.99180   -11.70216 4.13998   1.000 21.76386 ? 175 TYR A O   1 
ATOM   22   C CB  . TYR A 1 8   ? 1.82055   -14.19237 4.66123   1.000 20.38955 ? 175 TYR A CB  1 
ATOM   23   C CG  . TYR A 1 8   ? 1.41290   -13.16694 5.69631   1.000 22.55734 ? 175 TYR A CG  1 
ATOM   24   C CD1 . TYR A 1 8   ? 2.30302   -12.76881 6.70015   1.000 25.11358 ? 175 TYR A CD1 1 
ATOM   25   C CD2 . TYR A 1 8   ? 0.15514   -12.56590 5.65688   1.000 24.42390 ? 175 TYR A CD2 1 
ATOM   26   C CE1 . TYR A 1 8   ? 1.95031   -11.82155 7.63941   1.000 25.83331 ? 175 TYR A CE1 1 
ATOM   27   C CE2 . TYR A 1 8   ? -0.21052  -11.61240 6.60267   1.000 23.91938 ? 175 TYR A CE2 1 
ATOM   28   C CZ  . TYR A 1 8   ? 0.69969   -11.24590 7.58130   1.000 27.53015 ? 175 TYR A CZ  1 
ATOM   29   O OH  . TYR A 1 8   ? 0.34985   -10.31366 8.51396   1.000 31.62260 ? 175 TYR A OH  1 
ATOM   30   N N   . ARG A 1 9   ? 4.88115   -13.75935 4.37500   1.000 20.00276 ? 176 ARG A N   1 
ATOM   31   C CA  . ARG A 1 9   ? 6.13054   -13.24890 4.93476   1.000 23.10347 ? 176 ARG A CA  1 
ATOM   32   C C   . ARG A 1 9   ? 6.83682   -12.32080 3.95622   1.000 20.97762 ? 176 ARG A C   1 
ATOM   33   O O   . ARG A 1 9   ? 7.32208   -11.24539 4.32669   1.000 22.94596 ? 176 ARG A O   1 
ATOM   34   C CB  . ARG A 1 9   ? 7.04181   -14.42141 5.30030   1.000 22.59617 ? 176 ARG A CB  1 
ATOM   35   C CG  . ARG A 1 9   ? 8.51897   -14.02856 5.31193   1.000 27.82078 ? 176 ARG A CG  1 
ATOM   36   C CD  . ARG A 1 9   ? 9.39547   -15.17336 5.77550   1.000 28.99549 ? 176 ARG A CD  1 
ATOM   37   N NE  . ARG A 1 9   ? 10.77072  -14.74138 6.02895   1.000 28.40021 ? 176 ARG A NE  1 
ATOM   38   C CZ  . ARG A 1 9   ? 11.69661  -15.52230 6.58035   1.000 37.12833 ? 176 ARG A CZ  1 
ATOM   39   N NH1 . ARG A 1 9   ? 11.38334  -16.76285 6.95015   1.000 29.17885 ? 176 ARG A NH1 1 
ATOM   40   N NH2 . ARG A 1 9   ? 12.93598  -15.06932 6.76193   1.000 32.61950 ? 176 ARG A NH2 1 
ATOM   41   N N   . GLN A 1 10  ? 6.92700   -12.73284 2.69911   1.000 19.82332 ? 177 GLN A N   1 
ATOM   42   C CA  . GLN A 1 10  ? 7.57435   -11.89477 1.70249   1.000 23.48748 ? 177 GLN A CA  1 
ATOM   43   C C   . GLN A 1 10  ? 6.82590   -10.58109 1.51247   1.000 24.09634 ? 177 GLN A C   1 
ATOM   44   O O   . GLN A 1 10  ? 7.44630   -9.51908  1.39195   1.000 20.36843 ? 177 GLN A O   1 
ATOM   45   C CB  . GLN A 1 10  ? 7.66042   -12.64677 0.38274   1.000 24.07680 ? 177 GLN A CB  1 
ATOM   46   C CG  . GLN A 1 10  ? 8.38325   -11.86799 -0.70986  1.000 27.67493 ? 177 GLN A CG  1 
ATOM   47   C CD  . GLN A 1 10  ? 8.42978   -12.66184 -1.97463  1.000 29.14821 ? 177 GLN A CD  1 
ATOM   48   O OE1 . GLN A 1 10  ? 7.55607   -13.49840 -2.20628  1.000 29.07814 ? 177 GLN A OE1 1 
ATOM   49   N NE2 . GLN A 1 10  ? 9.45302   -12.43066 -2.79950  1.000 32.05291 ? 177 GLN A NE2 1 
ATOM   50   N N   . SER A 1 11  ? 5.48983   -10.63999 1.46235   1.000 19.78113 ? 178 SER A N   1 
ATOM   51   C CA  . SER A 1 11  ? 4.69826   -9.42987  1.26144   1.000 21.37815 ? 178 SER A CA  1 
ATOM   52   C C   . SER A 1 11  ? 4.86416   -8.46601  2.43092   1.000 22.36436 ? 178 SER A C   1 
ATOM   53   O O   . SER A 1 11  ? 4.98518   -7.25058  2.23181   1.000 23.55592 ? 178 SER A O   1 
ATOM   54   C CB  . SER A 1 11  ? 3.22211   -9.78818  1.08097   1.000 21.09696 ? 178 SER A CB  1 
ATOM   55   O OG  . SER A 1 11  ? 3.01478   -10.57541 -0.08519  1.000 21.08129 ? 178 SER A OG  1 
ATOM   56   N N   . LEU A 1 12  ? 4.87223   -8.99597  3.66192   1.000 23.00591 ? 179 LEU A N   1 
ATOM   57   C CA  . LEU A 1 12  ? 5.05164   -8.15310  4.84563   1.000 22.51017 ? 179 LEU A CA  1 
ATOM   58   C C   . LEU A 1 12  ? 6.44293   -7.52747  4.88301   1.000 22.27711 ? 179 LEU A C   1 
ATOM   59   O O   . LEU A 1 12  ? 6.59255   -6.35751  5.25512   1.000 23.00812 ? 179 LEU A O   1 
ATOM   60   C CB  . LEU A 1 12  ? 4.81979   -8.96390  6.11292   1.000 21.27968 ? 179 LEU A CB  1 
ATOM   61   C CG  . LEU A 1 12  ? 5.04793   -8.13574  7.37692   1.000 29.65574 ? 179 LEU A CG  1 
ATOM   62   C CD1 . LEU A 1 12  ? 4.08373   -6.98885  7.46417   1.000 25.44893 ? 179 LEU A CD1 1 
ATOM   63   C CD2 . LEU A 1 12  ? 4.88349   -9.03551  8.56438   1.000 31.60358 ? 179 LEU A CD2 1 
ATOM   64   N N   . GLU A 1 13  ? 7.47389   -8.29777  4.53020   1.000 23.22112 ? 180 GLU A N   1 
ATOM   65   C CA  . GLU A 1 13  ? 8.83095   -7.75356  4.47151   1.000 21.71982 ? 180 GLU A CA  1 
ATOM   66   C C   . GLU A 1 13  ? 8.89845   -6.57629  3.51200   1.000 28.85095 ? 180 GLU A C   1 
ATOM   67   O O   . GLU A 1 13  ? 9.42468   -5.50622  3.85224   1.000 29.70831 ? 180 GLU A O   1 
ATOM   68   C CB  . GLU A 1 13  ? 9.81679   -8.84015  4.03550   1.000 27.06515 ? 180 GLU A CB  1 
ATOM   69   C CG  . GLU A 1 13  ? 10.17370  -9.86779  5.10162   1.000 29.63748 ? 180 GLU A CG  1 
ATOM   70   C CD  . GLU A 1 13  ? 10.90097  -11.09182 4.51925   1.000 33.17236 ? 180 GLU A CD  1 
ATOM   71   O OE1 . GLU A 1 13  ? 10.93732  -11.22385 3.27783   1.000 35.43490 ? 180 GLU A OE1 1 
ATOM   72   O OE2 . GLU A 1 13  ? 11.41703  -11.93132 5.30216   1.000 38.22687 ? 180 GLU A OE2 1 
ATOM   73   N N   . ILE A 1 14  ? 8.35275   -6.75569  2.30562   1.000 20.28698 ? 181 ILE A N   1 
ATOM   74   C CA  . ILE A 1 14  ? 8.39261   -5.70751  1.28799   1.000 26.06314 ? 181 ILE A CA  1 
ATOM   75   C C   . ILE A 1 14  ? 7.58976   -4.48627  1.73329   1.000 29.15656 ? 181 ILE A C   1 
ATOM   76   O O   . ILE A 1 14  ? 8.09251   -3.35731  1.72300   1.000 24.87236 ? 181 ILE A O   1 
ATOM   77   C CB  . ILE A 1 14  ? 7.88706   -6.26302  -0.05408  1.000 24.93410 ? 181 ILE A CB  1 
ATOM   78   C CG1 . ILE A 1 14  ? 8.86882   -7.30308  -0.59335  1.000 24.15494 ? 181 ILE A CG1 1 
ATOM   79   C CG2 . ILE A 1 14  ? 7.70019   -5.15133  -1.07976  1.000 27.87992 ? 181 ILE A CG2 1 
ATOM   80   C CD1 . ILE A 1 14  ? 8.34214   -8.03876  -1.83259  1.000 26.85973 ? 181 ILE A CD1 1 
ATOM   81   N N   . ILE A 1 15  ? 6.33764   -4.69391  2.15395   1.000 23.88221 ? 182 ILE A N   1 
ATOM   82   C CA  . ILE A 1 15  ? 5.47542   -3.55695  2.46870   1.000 23.59852 ? 182 ILE A CA  1 
ATOM   83   C C   . ILE A 1 15  ? 5.98664   -2.80230  3.69587   1.000 28.81731 ? 182 ILE A C   1 
ATOM   84   O O   . ILE A 1 15  ? 6.01217   -1.56254  3.71619   1.000 30.06594 ? 182 ILE A O   1 
ATOM   85   C CB  . ILE A 1 15  ? 4.02705   -4.04228  2.64817   1.000 24.80504 ? 182 ILE A CB  1 
ATOM   86   C CG1 . ILE A 1 15  ? 3.50859   -4.55122  1.30697   1.000 21.35295 ? 182 ILE A CG1 1 
ATOM   87   C CG2 . ILE A 1 15  ? 3.13458   -2.91718  3.20264   1.000 28.67391 ? 182 ILE A CG2 1 
ATOM   88   C CD1 . ILE A 1 15  ? 2.18350   -5.24876  1.40041   1.000 24.58799 ? 182 ILE A CD1 1 
ATOM   89   N N   . SER A 1 16  ? 6.40769   -3.52012  4.73115   1.000 26.71482 ? 183 SER A N   1 
ATOM   90   C CA  . SER A 1 16  ? 6.87826   -2.82151  5.92339   1.000 31.37922 ? 183 SER A CA  1 
ATOM   91   C C   . SER A 1 16  ? 8.21022   -2.10982  5.67460   1.000 34.62025 ? 183 SER A C   1 
ATOM   92   O O   . SER A 1 16  ? 8.42719   -1.01113  6.19252   1.000 36.25155 ? 183 SER A O   1 
ATOM   93   C CB  . SER A 1 16  ? 6.98545   -3.79378  7.09370   1.000 34.42372 ? 183 SER A CB  1 
ATOM   94   O OG  . SER A 1 16  ? 8.05651   -4.68031  6.86459   1.000 40.04028 ? 183 SER A OG  1 
ATOM   95   N N   . ARG A 1 17  ? 9.11840   -2.70236  4.88640   1.000 30.64280 ? 184 ARG A N   1 
ATOM   96   C CA  . ARG A 1 17  ? 10.36036  -1.99600  4.56714   1.000 33.39706 ? 184 ARG A CA  1 
ATOM   97   C C   . ARG A 1 17  ? 10.07919  -0.69116  3.82552   1.000 35.78025 ? 184 ARG A C   1 
ATOM   98   O O   . ARG A 1 17  ? 10.66468  0.34940   4.14492   1.000 30.76041 ? 184 ARG A O   1 
ATOM   99   C CB  . ARG A 1 17  ? 11.29461  -2.88549  3.74323   1.000 32.33795 ? 184 ARG A CB  1 
ATOM   100  C CG  . ARG A 1 17  ? 12.56538  -2.18011  3.23374   1.000 43.44049 ? 184 ARG A CG  1 
ATOM   101  C CD  . ARG A 1 17  ? 13.38634  -1.49398  4.33478   1.000 48.74464 ? 184 ARG A CD  1 
ATOM   102  N NE  . ARG A 1 17  ? 14.43292  -2.34974  4.90366   1.000 55.66118 ? 184 ARG A NE  1 
ATOM   103  C CZ  . ARG A 1 17  ? 15.65453  -2.50325  4.39069   1.000 57.27592 ? 184 ARG A CZ  1 
ATOM   104  N NH1 . ARG A 1 17  ? 16.00308  -1.87226  3.27485   1.000 58.36862 ? 184 ARG A NH1 1 
ATOM   105  N NH2 . ARG A 1 17  ? 16.52824  -3.30340  4.99019   1.000 60.78656 ? 184 ARG A NH2 1 
ATOM   106  N N   . TYR A 1 18  ? 9.17772   -0.72311  2.83571   1.000 30.33413 ? 185 TYR A N   1 
ATOM   107  C CA  . TYR A 1 18  ? 8.82850   0.49979   2.11969   1.000 28.94601 ? 185 TYR A CA  1 
ATOM   108  C C   . TYR A 1 18  ? 8.20427   1.52554   3.05321   1.000 30.99147 ? 185 TYR A C   1 
ATOM   109  O O   . TYR A 1 18  ? 8.51851   2.71904   2.97387   1.000 30.79694 ? 185 TYR A O   1 
ATOM   110  C CB  . TYR A 1 18  ? 7.86957   0.19460   0.96103   1.000 29.30374 ? 185 TYR A CB  1 
ATOM   111  C CG  . TYR A 1 18  ? 7.47260   1.43009   0.17129   1.000 32.17956 ? 185 TYR A CG  1 
ATOM   112  C CD1 . TYR A 1 18  ? 8.43598   2.25959   -0.38574  1.000 30.75268 ? 185 TYR A CD1 1 
ATOM   113  C CD2 . TYR A 1 18  ? 6.14235   1.76397   -0.01784  1.000 28.32521 ? 185 TYR A CD2 1 
ATOM   114  C CE1 . TYR A 1 18  ? 8.08405   3.39611   -1.11998  1.000 33.10996 ? 185 TYR A CE1 1 
ATOM   115  C CE2 . TYR A 1 18  ? 5.77396   2.91547   -0.74800  1.000 30.97155 ? 185 TYR A CE2 1 
ATOM   116  C CZ  . TYR A 1 18  ? 6.75813   3.72212   -1.29247  1.000 37.29402 ? 185 TYR A CZ  1 
ATOM   117  O OH  . TYR A 1 18  ? 6.41927   4.85256   -2.01131  1.000 36.22175 ? 185 TYR A OH  1 
ATOM   118  N N   . LEU A 1 19  ? 7.30755   1.08327   3.93575   1.000 29.21520 ? 186 LEU A N   1 
ATOM   119  C CA  . LEU A 1 19  ? 6.65113   2.00591   4.85271   1.000 30.44781 ? 186 LEU A CA  1 
ATOM   120  C C   . LEU A 1 19  ? 7.64983   2.62968   5.82719   1.000 34.75199 ? 186 LEU A C   1 
ATOM   121  O O   . LEU A 1 19  ? 7.62745   3.84407   6.06371   1.000 35.23572 ? 186 LEU A O   1 
ATOM   122  C CB  . LEU A 1 19  ? 5.53829   1.27921   5.60568   1.000 29.63651 ? 186 LEU A CB  1 
ATOM   123  C CG  . LEU A 1 19  ? 4.12828   1.59239   5.07711   1.000 34.37357 ? 186 LEU A CG  1 
ATOM   124  C CD1 . LEU A 1 19  ? 4.07390   1.36740   3.58574   1.000 28.29666 ? 186 LEU A CD1 1 
ATOM   125  C CD2 . LEU A 1 19  ? 3.03945   0.77657   5.80226   1.000 28.44581 ? 186 LEU A CD2 1 
ATOM   126  N N   . ARG A 1 20  ? 8.51425   1.80938   6.42955   1.000 34.01076 ? 187 ARG A N   1 
ATOM   127  C CA  . ARG A 1 20  ? 9.51002   2.34143   7.35749   1.000 33.76076 ? 187 ARG A CA  1 
ATOM   128  C C   . ARG A 1 20  ? 10.48035  3.28873   6.65056   1.000 37.13161 ? 187 ARG A C   1 
ATOM   129  O O   . ARG A 1 20  ? 10.82213  4.35097   7.18503   1.000 42.59562 ? 187 ARG A O   1 
ATOM   130  C CB  . ARG A 1 20  ? 10.26201  1.19178   8.02916   1.000 37.15560 ? 187 ARG A CB  1 
ATOM   131  C CG  . ARG A 1 20  ? 9.42013   0.40755   9.04247   1.000 42.40862 ? 187 ARG A CG  1 
ATOM   132  C CD  . ARG A 1 20  ? 10.29318  -0.47481  9.95013   1.000 47.48499 ? 187 ARG A CD  1 
ATOM   133  N NE  . ARG A 1 20  ? 9.81235   -1.85533  10.01384  1.000 47.18816 ? 187 ARG A NE  1 
ATOM   134  C CZ  . ARG A 1 20  ? 10.34525  -2.87069  9.33339   1.000 50.76470 ? 187 ARG A CZ  1 
ATOM   135  N NH1 . ARG A 1 20  ? 11.38560  -2.66960  8.52458   1.000 50.00274 ? 187 ARG A NH1 1 
ATOM   136  N NH2 . ARG A 1 20  ? 9.84103   -4.09409  9.46023   1.000 51.77545 ? 187 ARG A NH2 1 
ATOM   137  N N   . GLU A 1 21  ? 10.92169  2.93437   5.44071   1.000 36.55919 ? 188 GLU A N   1 
ATOM   138  C CA  . GLU A 1 21  ? 11.82257  3.81484   4.69800   1.000 39.00670 ? 188 GLU A CA  1 
ATOM   139  C C   . GLU A 1 21  ? 11.15172  5.14418   4.37822   1.000 42.93517 ? 188 GLU A C   1 
ATOM   140  O O   . GLU A 1 21  ? 11.80309  6.19661   4.36760   1.000 39.58302 ? 188 GLU A O   1 
ATOM   141  C CB  . GLU A 1 21  ? 12.28056  3.14360   3.40371   1.000 40.94802 ? 188 GLU A CB  1 
ATOM   142  C CG  . GLU A 1 21  ? 13.36238  2.09647   3.55655   1.000 46.09318 ? 188 GLU A CG  1 
ATOM   143  C CD  . GLU A 1 21  ? 13.81423  1.54946   2.20734   1.000 50.25845 ? 188 GLU A CD  1 
ATOM   144  O OE1 . GLU A 1 21  ? 13.32645  2.05612   1.16555   1.000 51.37079 ? 188 GLU A OE1 1 
ATOM   145  O OE2 . GLU A 1 21  ? 14.64812  0.61422   2.19137   1.000 52.09224 ? 188 GLU A OE2 1 
ATOM   146  N N   . GLN A 1 22  ? 9.85106   5.11469   4.09237   1.000 36.67501 ? 189 GLN A N   1 
ATOM   147  C CA  . GLN A 1 22  ? 9.15980   6.34882   3.74995   1.000 38.69648 ? 189 GLN A CA  1 
ATOM   148  C C   . GLN A 1 22  ? 8.93383   7.20545   4.98676   1.000 39.88575 ? 189 GLN A C   1 
ATOM   149  O O   . GLN A 1 22  ? 9.13832   8.42487   4.94462   1.000 43.90654 ? 189 GLN A O   1 
ATOM   150  C CB  . GLN A 1 22  ? 7.83987   6.02873   3.04915   1.000 35.99865 ? 189 GLN A CB  1 
ATOM   151  C CG  . GLN A 1 22  ? 8.02378   5.40933   1.67886   1.000 30.77007 ? 189 GLN A CG  1 
ATOM   152  C CD  . GLN A 1 22  ? 8.16537   6.43706   0.59556   1.000 36.07468 ? 189 GLN A CD  1 
ATOM   153  O OE1 . GLN A 1 22  ? 7.19763   7.09666   0.23533   1.000 37.50516 ? 189 GLN A OE1 1 
ATOM   154  N NE2 . GLN A 1 22  ? 9.38112   6.59773   0.07587   1.000 36.32031 ? 189 GLN A NE2 1 
ATOM   155  N N   . ALA A 1 23  ? 8.54874   6.58126   6.10521   1.000 38.88289 ? 190 ALA A N   1 
ATOM   156  C CA  . ALA A 1 23  ? 8.29545   7.33569   7.33134   1.000 43.54893 ? 190 ALA A CA  1 
ATOM   157  C C   . ALA A 1 23  ? 9.56872   7.98831   7.86282   1.000 47.63615 ? 190 ALA A C   1 
ATOM   158  O O   . ALA A 1 23  ? 9.52878   9.12591   8.34682   1.000 48.14931 ? 190 ALA A O   1 
ATOM   159  C CB  . ALA A 1 23  ? 7.67443   6.43034   8.39773   1.000 40.93430 ? 190 ALA A CB  1 
ATOM   160  N N   . THR A 1 24  ? 10.70851  7.30032   7.76248   1.000 46.92858 ? 191 THR A N   1 
ATOM   161  C CA  . THR A 1 24  ? 11.96290  7.78619   8.32627   1.000 49.93222 ? 191 THR A CA  1 
ATOM   162  C C   . THR A 1 24  ? 12.93077  8.33640   7.28298   1.000 50.84365 ? 191 THR A C   1 
ATOM   163  O O   . THR A 1 24  ? 14.02914  8.76960   7.64522   1.000 54.22910 ? 191 THR A O   1 
ATOM   164  C CB  . THR A 1 24  ? 12.64282  6.67544   9.13839   1.000 49.97187 ? 191 THR A CB  1 
ATOM   165  O OG1 . THR A 1 24  ? 13.12289  5.64286   8.26410   1.000 51.45363 ? 191 THR A OG1 1 
ATOM   166  C CG2 . THR A 1 24  ? 11.66266  6.08268   10.14149  1.000 50.07517 ? 191 THR A CG2 1 
ATOM   167  N N   . GLY A 1 25  ? 12.55784  8.33684   6.00780   1.000 50.21701 ? 192 GLY A N   1 
ATOM   168  C CA  . GLY A 1 25  ? 13.34174  9.02972   5.00025   1.000 55.45163 ? 192 GLY A CA  1 
ATOM   169  C C   . GLY A 1 25  ? 14.72885  8.48163   4.75531   1.000 59.25056 ? 192 GLY A C   1 
ATOM   170  O O   . GLY A 1 25  ? 15.60267  9.22153   4.29071   1.000 61.32463 ? 192 GLY A O   1 
ATOM   171  N N   . ALA A 1 26  ? 14.96136  7.20508   5.04660   1.000 59.29630 ? 193 ALA A N   1 
ATOM   172  C CA  . ALA A 1 26  ? 16.27029  6.60005   4.80548   1.000 62.05351 ? 193 ALA A CA  1 
ATOM   173  C C   . ALA A 1 26  ? 16.13651  5.25968   4.08660   1.000 59.92898 ? 193 ALA A C   1 
ATOM   174  O O   . ALA A 1 26  ? 16.75069  4.26644   4.48334   1.000 61.35067 ? 193 ALA A O   1 
ATOM   175  C CB  . ALA A 1 26  ? 17.03071  6.42712   6.11979   1.000 60.35130 ? 193 ALA A CB  1 
ATOM   176  N N   . GLY A 1 36  ? 16.30344  -11.88988 -0.92569  1.000 55.86392 ? 203 GLY A N   1 
ATOM   177  C CA  . GLY A 1 36  ? 16.35435  -12.38449 -2.29051  1.000 46.25347 ? 203 GLY A CA  1 
ATOM   178  C C   . GLY A 1 36  ? 16.27072  -11.28145 -3.32540  1.000 46.00862 ? 203 GLY A C   1 
ATOM   179  O O   . GLY A 1 36  ? 16.02755  -10.11893 -2.99043  1.000 45.15087 ? 203 GLY A O   1 
ATOM   180  N N   . ALA A 1 37  ? 16.45712  -11.64756 -4.59588  1.000 48.51542 ? 204 ALA A N   1 
ATOM   181  C CA  . ALA A 1 37  ? 16.45235  -10.66160 -5.67562  1.000 48.10977 ? 204 ALA A CA  1 
ATOM   182  C C   . ALA A 1 37  ? 15.05278  -10.14486 -6.00048  1.000 45.60317 ? 204 ALA A C   1 
ATOM   183  O O   . ALA A 1 37  ? 14.89804  -8.97131  -6.36920  1.000 43.20263 ? 204 ALA A O   1 
ATOM   184  C CB  . ALA A 1 37  ? 17.07413  -11.26278 -6.93697  1.000 45.80799 ? 204 ALA A CB  1 
ATOM   185  N N   . THR A 1 38  ? 14.03231  -11.00183 -5.89794  1.000 42.92220 ? 205 THR A N   1 
ATOM   186  C CA  . THR A 1 38  ? 12.67413  -10.56552 -6.20454  1.000 38.90209 ? 205 THR A CA  1 
ATOM   187  C C   . THR A 1 38  ? 12.25306  -9.42770  -5.29002  1.000 38.79351 ? 205 THR A C   1 
ATOM   188  O O   . THR A 1 38  ? 11.69001  -8.42684  -5.75084  1.000 40.38211 ? 205 THR A O   1 
ATOM   189  C CB  . THR A 1 38  ? 11.70740  -11.74672 -6.09374  1.000 41.29569 ? 205 THR A CB  1 
ATOM   190  O OG1 . THR A 1 38  ? 11.99364  -12.68841 -7.13622  1.000 39.19843 ? 205 THR A OG1 1 
ATOM   191  C CG2 . THR A 1 38  ? 10.24978  -11.27571 -6.21659  1.000 33.81906 ? 205 THR A CG2 1 
ATOM   192  N N   . SER A 1 39  ? 12.56547  -9.53645  -3.99720  1.000 39.21040 ? 206 SER A N   1 
ATOM   193  C CA  . SER A 1 39  ? 12.15283  -8.50276  -3.05303  1.000 41.92113 ? 206 SER A CA  1 
ATOM   194  C C   . SER A 1 39  ? 12.91167  -7.20449  -3.26057  1.000 38.27299 ? 206 SER A C   1 
ATOM   195  O O   . SER A 1 39  ? 12.34791  -6.12653  -3.04737  1.000 33.95553 ? 206 SER A O   1 
ATOM   196  C CB  . SER A 1 39  ? 12.33112  -8.99592  -1.62353  1.000 36.55480 ? 206 SER A CB  1 
ATOM   197  O OG  . SER A 1 39  ? 11.50362  -10.12127 -1.40763  1.000 35.38065 ? 206 SER A OG  1 
ATOM   198  N N   . ARG A 1 40  ? 14.17786  -7.27829  -3.67817  1.000 38.16552 ? 207 ARG A N   1 
ATOM   199  C CA  . ARG A 1 40  ? 14.92175  -6.05501  -3.96131  1.000 36.49233 ? 207 ARG A CA  1 
ATOM   200  C C   . ARG A 1 40  ? 14.29887  -5.28488  -5.11931  1.000 38.10195 ? 207 ARG A C   1 
ATOM   201  O O   . ARG A 1 40  ? 14.12734  -4.06006  -5.04794  1.000 35.34351 ? 207 ARG A O   1 
ATOM   202  C CB  . ARG A 1 40  ? 16.38509  -6.37599  -4.26758  1.000 41.64888 ? 207 ARG A CB  1 
ATOM   203  C CG  . ARG A 1 40  ? 17.25953  -5.12964  -4.42287  1.000 46.52092 ? 207 ARG A CG  1 
ATOM   204  C CD  . ARG A 1 40  ? 18.53711  -5.41355  -5.23703  1.000 49.53416 ? 207 ARG A CD  1 
ATOM   205  N NE  . ARG A 1 40  ? 18.37136  -5.10326  -6.65845  1.000 51.84322 ? 207 ARG A NE  1 
ATOM   206  C CZ  . ARG A 1 40  ? 18.37957  -6.00617  -7.63713  1.000 51.32003 ? 207 ARG A CZ  1 
ATOM   207  N NH1 . ARG A 1 40  ? 18.55146  -7.29383  -7.36071  1.000 51.84708 ? 207 ARG A NH1 1 
ATOM   208  N NH2 . ARG A 1 40  ? 18.21228  -5.61975  -8.89613  1.000 56.11182 ? 207 ARG A NH2 1 
ATOM   209  N N   . LYS A 1 41  ? 13.98532  -5.97915  -6.21558  1.000 37.08931 ? 208 LYS A N   1 
ATOM   210  C CA  . LYS A 1 41  ? 13.42402  -5.27665  -7.36395  1.000 35.89344 ? 208 LYS A CA  1 
ATOM   211  C C   . LYS A 1 41  ? 12.00089  -4.81215  -7.07853  1.000 35.76065 ? 208 LYS A C   1 
ATOM   212  O O   . LYS A 1 41  ? 11.56782  -3.77981  -7.60752  1.000 34.50382 ? 208 LYS A O   1 
ATOM   213  C CB  . LYS A 1 41  ? 13.48287  -6.15919  -8.60877  1.000 41.71789 ? 208 LYS A CB  1 
ATOM   214  C CG  . LYS A 1 41  ? 14.82110  -6.07492  -9.34799  1.000 47.12578 ? 208 LYS A CG  1 
ATOM   215  C CD  . LYS A 1 41  ? 14.81060  -6.87468  -10.65461 1.000 52.50807 ? 208 LYS A CD  1 
ATOM   216  C CE  . LYS A 1 41  ? 14.62471  -5.96671  -11.88043 1.000 60.01464 ? 208 LYS A CE  1 
ATOM   217  N NZ  . LYS A 1 41  ? 15.01508  -6.63361  -13.16872 1.000 50.67428 ? 208 LYS A NZ  1 
ATOM   218  N N   . ALA A 1 42  ? 11.27597  -5.54110  -6.22143  1.000 37.12933 ? 209 ALA A N   1 
ATOM   219  C CA  . ALA A 1 42  ? 9.95949   -5.08869  -5.76981  1.000 34.62186 ? 209 ALA A CA  1 
ATOM   220  C C   . ALA A 1 42  ? 10.07443  -3.79870  -4.96369  1.000 32.59424 ? 209 ALA A C   1 
ATOM   221  O O   . ALA A 1 42  ? 9.30463   -2.84983  -5.16783  1.000 29.56435 ? 209 ALA A O   1 
ATOM   222  C CB  . ALA A 1 42  ? 9.28900   -6.18984  -4.94417  1.000 32.64277 ? 209 ALA A CB  1 
ATOM   223  N N   . LEU A 1 43  ? 11.04424  -3.74737  -4.04103  1.000 35.68809 ? 210 LEU A N   1 
ATOM   224  C CA  . LEU A 1 43  ? 11.36572  -2.50209  -3.34916  1.000 33.51044 ? 210 LEU A CA  1 
ATOM   225  C C   . LEU A 1 43  ? 11.75075  -1.41743  -4.33780  1.000 35.86907 ? 210 LEU A C   1 
ATOM   226  O O   . LEU A 1 43  ? 11.28896  -0.27491  -4.23527  1.000 34.60490 ? 210 LEU A O   1 
ATOM   227  C CB  . LEU A 1 43  ? 12.50376  -2.73248  -2.35876  1.000 39.90040 ? 210 LEU A CB  1 
ATOM   228  C CG  . LEU A 1 43  ? 12.17830  -2.71513  -0.87374  1.000 43.34019 ? 210 LEU A CG  1 
ATOM   229  C CD1 . LEU A 1 43  ? 13.49268  -2.70529  -0.11194  1.000 47.87811 ? 210 LEU A CD1 1 
ATOM   230  C CD2 . LEU A 1 43  ? 11.32848  -1.50298  -0.52899  1.000 38.45837 ? 210 LEU A CD2 1 
ATOM   231  N N   . GLU A 1 44  ? 12.59770  -1.76181  -5.31509  1.000 35.46456 ? 211 GLU A N   1 
ATOM   232  C CA  . GLU A 1 44  ? 12.97703  -0.78702  -6.33373  1.000 36.64080 ? 211 GLU A CA  1 
ATOM   233  C C   . GLU A 1 44  ? 11.75265  -0.28901  -7.08602  1.000 32.23152 ? 211 GLU A C   1 
ATOM   234  O O   . GLU A 1 44  ? 11.65083  0.89812   -7.41157  1.000 34.15229 ? 211 GLU A O   1 
ATOM   235  C CB  . GLU A 1 44  ? 13.99743  -1.40215  -7.30069  1.000 38.41445 ? 211 GLU A CB  1 
ATOM   236  C CG  . GLU A 1 44  ? 14.27006  -0.56316  -8.55642  1.000 41.90741 ? 211 GLU A CG  1 
ATOM   237  C CD  . GLU A 1 44  ? 13.49612  -1.05356  -9.79120  1.000 48.53471 ? 211 GLU A CD  1 
ATOM   238  O OE1 . GLU A 1 44  ? 13.63370  -2.24744  -10.15646 1.000 53.70432 ? 211 GLU A OE1 1 
ATOM   239  O OE2 . GLU A 1 44  ? 12.75504  -0.24735  -10.39905 1.000 40.63812 ? 211 GLU A OE2 1 
ATOM   240  N N   . THR A 1 45  ? 10.80039  -1.17923  -7.35062  1.000 31.98682 ? 212 THR A N   1 
ATOM   241  C CA  . THR A 1 45  ? 9.58911   -0.76873  -8.05051  1.000 32.80348 ? 212 THR A CA  1 
ATOM   242  C C   . THR A 1 45  ? 8.74305   0.16333   -7.18570  1.000 31.17210 ? 212 THR A C   1 
ATOM   243  O O   . THR A 1 45  ? 8.27530   1.20634   -7.65940  1.000 34.65812 ? 212 THR A O   1 
ATOM   244  C CB  . THR A 1 45  ? 8.80012   -2.01086  -8.47358  1.000 32.23750 ? 212 THR A CB  1 
ATOM   245  O OG1 . THR A 1 45  ? 9.64994   -2.86981  -9.23436  1.000 32.31470 ? 212 THR A OG1 1 
ATOM   246  C CG2 . THR A 1 45  ? 7.61510   -1.63719  -9.33532  1.000 33.76741 ? 212 THR A CG2 1 
ATOM   247  N N   . LEU A 1 46  ? 8.56796   -0.18157  -5.91042  1.000 31.46741 ? 213 LEU A N   1 
ATOM   248  C CA  . LEU A 1 46  ? 7.73489   0.60980   -5.01140  1.000 32.89114 ? 213 LEU A CA  1 
ATOM   249  C C   . LEU A 1 46  ? 8.26546   2.02456   -4.85275  1.000 34.83988 ? 213 LEU A C   1 
ATOM   250  O O   . LEU A 1 46  ? 7.48353   2.97819   -4.77483  1.000 34.53703 ? 213 LEU A O   1 
ATOM   251  C CB  . LEU A 1 46  ? 7.64629   -0.07377  -3.64746  1.000 34.52296 ? 213 LEU A CB  1 
ATOM   252  C CG  . LEU A 1 46  ? 6.50093   -1.06556  -3.48987  1.000 35.27446 ? 213 LEU A CG  1 
ATOM   253  C CD1 . LEU A 1 46  ? 6.60527   -1.80921  -2.15855  1.000 29.34495 ? 213 LEU A CD1 1 
ATOM   254  C CD2 . LEU A 1 46  ? 5.17578   -0.32114  -3.60762  1.000 27.77142 ? 213 LEU A CD2 1 
ATOM   255  N N   . ARG A 1 47  ? 9.59449   2.18813   -4.79860  1.000 34.09542 ? 214 ARG A N   1 
ATOM   256  C CA  . ARG A 1 47  ? 10.14721  3.53399   -4.70521  1.000 35.62655 ? 214 ARG A CA  1 
ATOM   257  C C   . ARG A 1 47  ? 9.82449   4.34057   -5.95226  1.000 33.84593 ? 214 ARG A C   1 
ATOM   258  O O   . ARG A 1 47  ? 9.43964   5.51013   -5.86103  1.000 38.55515 ? 214 ARG A O   1 
ATOM   259  C CB  . ARG A 1 47  ? 11.66064  3.47667   -4.47274  1.000 34.59814 ? 214 ARG A CB  1 
ATOM   260  C CG  . ARG A 1 47  ? 12.03474  2.70663   -3.22011  1.000 39.72278 ? 214 ARG A CG  1 
ATOM   261  C CD  . ARG A 1 47  ? 13.51582  2.77967   -2.92767  1.000 43.53607 ? 214 ARG A CD  1 
ATOM   262  N NE  . ARG A 1 47  ? 13.84970  1.96401   -1.76107  1.000 44.95550 ? 214 ARG A NE  1 
ATOM   263  C CZ  . ARG A 1 47  ? 14.76415  0.99872   -1.76105  1.000 47.87031 ? 214 ARG A CZ  1 
ATOM   264  N NH1 . ARG A 1 47  ? 15.44785  0.72954   -2.86642  1.000 48.37518 ? 214 ARG A NH1 1 
ATOM   265  N NH2 . ARG A 1 47  ? 15.00138  0.30682   -0.65429  1.000 51.55831 ? 214 ARG A NH2 1 
ATOM   266  N N   . ARG A 1 48  ? 9.96555   3.73434   -7.12859  1.000 34.99281 ? 215 ARG A N   1 
ATOM   267  C CA  . ARG A 1 48  ? 9.72195   4.46491   -8.36545  1.000 32.67151 ? 215 ARG A CA  1 
ATOM   268  C C   . ARG A 1 48  ? 8.23713   4.76577   -8.53737  1.000 32.23758 ? 215 ARG A C   1 
ATOM   269  O O   . ARG A 1 48  ? 7.82913   5.92943   -8.65143  1.000 34.14330 ? 215 ARG A O   1 
ATOM   270  C CB  . ARG A 1 48  ? 10.26039  3.64983   -9.54531  1.000 32.52258 ? 215 ARG A CB  1 
ATOM   271  C CG  . ARG A 1 48  ? 9.77938   4.09394   -10.91018 1.000 36.78705 ? 215 ARG A CG  1 
ATOM   272  C CD  . ARG A 1 48  ? 10.66306  3.46315   -11.98881 1.000 37.17561 ? 215 ARG A CD  1 
ATOM   273  N NE  . ARG A 1 48  ? 10.58437  2.00606   -11.94204 1.000 39.38519 ? 215 ARG A NE  1 
ATOM   274  C CZ  . ARG A 1 48  ? 9.59209   1.30600   -12.48333 1.000 38.55013 ? 215 ARG A CZ  1 
ATOM   275  N NH1 . ARG A 1 48  ? 8.60605   1.93634   -13.10847 1.000 41.55606 ? 215 ARG A NH1 1 
ATOM   276  N NH2 . ARG A 1 48  ? 9.58362   -0.01652  -12.40197 1.000 38.21340 ? 215 ARG A NH2 1 
ATOM   277  N N   . VAL A 1 49  ? 7.41170   3.71817   -8.56766  1.000 34.41976 ? 216 VAL A N   1 
ATOM   278  C CA  . VAL A 1 49  ? 5.98232   3.90061   -8.80764  1.000 35.12466 ? 216 VAL A CA  1 
ATOM   279  C C   . VAL A 1 49  ? 5.30411   4.50471   -7.58791  1.000 33.11427 ? 216 VAL A C   1 
ATOM   280  O O   . VAL A 1 49  ? 4.47894   5.42004   -7.71057  1.000 33.75348 ? 216 VAL A O   1 
ATOM   281  C CB  . VAL A 1 49  ? 5.32785   2.56666   -9.20761  1.000 32.59245 ? 216 VAL A CB  1 
ATOM   282  C CG1 . VAL A 1 49  ? 3.86158   2.80666   -9.59069  1.000 30.67955 ? 216 VAL A CG1 1 
ATOM   283  C CG2 . VAL A 1 49  ? 6.09851   1.91668   -10.36138 1.000 32.42430 ? 216 VAL A CG2 1 
ATOM   284  N N   . GLY A 1 50  ? 5.64275   4.01010   -6.39376  1.000 30.11955 ? 217 GLY A N   1 
ATOM   285  C CA  . GLY A 1 50  ? 4.93825   4.44052   -5.19873  1.000 26.78853 ? 217 GLY A CA  1 
ATOM   286  C C   . GLY A 1 50  ? 5.21625   5.88319   -4.81877  1.000 31.47389 ? 217 GLY A C   1 
ATOM   287  O O   . GLY A 1 50  ? 4.30921   6.60234   -4.39681  1.000 31.49859 ? 217 GLY A O   1 
ATOM   288  N N   . ASP A 1 51  ? 6.47405   6.32592   -4.93284  1.000 33.40597 ? 218 ASP A N   1 
ATOM   289  C CA  . ASP A 1 51  ? 6.73804   7.74945   -4.73721  1.000 34.00106 ? 218 ASP A CA  1 
ATOM   290  C C   . ASP A 1 51  ? 6.02945   8.56786   -5.79945  1.000 32.69056 ? 218 ASP A C   1 
ATOM   291  O O   . ASP A 1 51  ? 5.52890   9.66253   -5.51813  1.000 34.09865 ? 218 ASP A O   1 
ATOM   292  C CB  . ASP A 1 51  ? 8.23711   8.04479   -4.76231  1.000 38.26751 ? 218 ASP A CB  1 
ATOM   293  C CG  . ASP A 1 51  ? 9.00340   7.26539   -3.70870  1.000 42.50525 ? 218 ASP A CG  1 
ATOM   294  O OD1 . ASP A 1 51  ? 8.35797   6.50717   -2.96284  1.000 37.22285 ? 218 ASP A OD1 1 
ATOM   295  O OD2 . ASP A 1 51  ? 10.24641  7.41444   -3.63703  1.000 36.30624 ? 218 ASP A OD2 1 
ATOM   296  N N   . GLY A 1 52  ? 5.96784   8.04151   -7.02492  1.000 32.81987 ? 219 GLY A N   1 
ATOM   297  C CA  . GLY A 1 52  ? 5.26615   8.73799   -8.09198  1.000 33.63220 ? 219 GLY A CA  1 
ATOM   298  C C   . GLY A 1 52  ? 3.79010   8.94259   -7.79553  1.000 33.98460 ? 219 GLY A C   1 
ATOM   299  O O   . GLY A 1 52  ? 3.26526   10.05166  -7.92380  1.000 35.17065 ? 219 GLY A O   1 
ATOM   300  N N   . VAL A 1 53  ? 3.09236   7.86843   -7.41862  1.000 34.21503 ? 220 VAL A N   1 
ATOM   301  C CA  . VAL A 1 53  ? 1.67653   7.99148   -7.06517  1.000 26.54180 ? 220 VAL A CA  1 
ATOM   302  C C   . VAL A 1 53  ? 1.48863   9.04684   -5.98560  1.000 30.41782 ? 220 VAL A C   1 
ATOM   303  O O   . VAL A 1 53  ? 0.62184   9.92378   -6.09257  1.000 33.03749 ? 220 VAL A O   1 
ATOM   304  C CB  . VAL A 1 53  ? 1.11234   6.62577   -6.62634  1.000 31.40842 ? 220 VAL A CB  1 
ATOM   305  C CG1 . VAL A 1 53  ? -0.21199  6.81148   -5.89239  1.000 31.93928 ? 220 VAL A CG1 1 
ATOM   306  C CG2 . VAL A 1 53  ? 0.93876   5.71650   -7.85287  1.000 29.29989 ? 220 VAL A CG2 1 
ATOM   307  N N   . GLN A 1 54  ? 2.31350   8.98299   -4.93860  1.000 31.79217 ? 221 GLN A N   1 
ATOM   308  C CA  . GLN A 1 54  ? 2.20977   9.91361   -3.81943  1.000 34.12778 ? 221 GLN A CA  1 
ATOM   309  C C   . GLN A 1 54  ? 2.34652   11.35869  -4.28394  1.000 35.34948 ? 221 GLN A C   1 
ATOM   310  O O   . GLN A 1 54  ? 1.55438   12.22663  -3.89214  1.000 33.65021 ? 221 GLN A O   1 
ATOM   311  C CB  . GLN A 1 54  ? 3.27914   9.58225   -2.77104  1.000 31.54046 ? 221 GLN A CB  1 
ATOM   312  C CG  . GLN A 1 54  ? 2.98159   8.33384   -1.94570  1.000 34.25585 ? 221 GLN A CG  1 
ATOM   313  C CD  . GLN A 1 54  ? 3.91411   8.16091   -0.75359  1.000 35.43863 ? 221 GLN A CD  1 
ATOM   314  O OE1 . GLN A 1 54  ? 3.76908   8.83591   0.26431   1.000 37.44915 ? 221 GLN A OE1 1 
ATOM   315  N NE2 . GLN A 1 54  ? 4.86381   7.23519   -0.86939  1.000 35.03812 ? 221 GLN A NE2 1 
ATOM   316  N N   . ARG A 1 55  ? 3.34856   11.64460  -5.12110  1.000 36.87351 ? 222 ARG A N   1 
ATOM   317  C CA  . ARG A 1 55  ? 3.51970   13.02657  -5.57079  1.000 35.43401 ? 222 ARG A CA  1 
ATOM   318  C C   . ARG A 1 55  ? 2.44801   13.40917  -6.59351  1.000 37.33054 ? 222 ARG A C   1 
ATOM   319  O O   . ARG A 1 55  ? 1.93480   14.53277  -6.56947  1.000 39.46253 ? 222 ARG A O   1 
ATOM   320  C CB  . ARG A 1 55  ? 4.94269   13.24378  -6.11858  1.000 38.16128 ? 222 ARG A CB  1 
ATOM   321  C CG  . ARG A 1 55  ? 5.26781   12.53901  -7.42720  1.000 40.38004 ? 222 ARG A CG  1 
ATOM   322  C CD  . ARG A 1 55  ? 6.68219   12.87908  -7.91889  1.000 40.87267 ? 222 ARG A CD  1 
ATOM   323  N NE  . ARG A 1 55  ? 7.68105   12.52920  -6.91728  1.000 40.27773 ? 222 ARG A NE  1 
ATOM   324  C CZ  . ARG A 1 55  ? 8.44147   11.44360  -6.97847  1.000 40.20370 ? 222 ARG A CZ  1 
ATOM   325  N NH1 . ARG A 1 55  ? 8.32072   10.61017  -8.00466  1.000 41.42724 ? 222 ARG A NH1 1 
ATOM   326  N NH2 . ARG A 1 55  ? 9.32464   11.19521  -6.01921  1.000 42.61912 ? 222 ARG A NH2 1 
ATOM   327  N N   . ASN A 1 56  ? 2.05951   12.48063  -7.47307  1.000 37.63074 ? 223 ASN A N   1 
ATOM   328  C CA  . ASN A 1 56  ? 1.01861   12.79775  -8.45181  1.000 36.38244 ? 223 ASN A CA  1 
ATOM   329  C C   . ASN A 1 56  ? -0.33122  13.07188  -7.79180  1.000 38.96527 ? 223 ASN A C   1 
ATOM   330  O O   . ASN A 1 56  ? -1.13656  13.83838  -8.33524  1.000 41.53989 ? 223 ASN A O   1 
ATOM   331  C CB  . ASN A 1 56  ? 0.87930   11.66099  -9.47002  1.000 41.39285 ? 223 ASN A CB  1 
ATOM   332  C CG  . ASN A 1 56  ? 0.09276   12.07552  -10.71476 1.000 46.55325 ? 223 ASN A CG  1 
ATOM   333  O OD1 . ASN A 1 56  ? -0.02213  13.26285  -11.02204 1.000 50.14359 ? 223 ASN A OD1 1 
ATOM   334  N ND2 . ASN A 1 56  ? -0.44465  11.09095  -11.43818 1.000 47.28554 ? 223 ASN A ND2 1 
ATOM   335  N N   . HIS A 1 57  ? -0.59377  12.47863  -6.62026  1.000 34.01833 ? 224 HIS A N   1 
ATOM   336  C CA  . HIS A 1 57  ? -1.91192  12.54372  -5.99521  1.000 31.93533 ? 224 HIS A CA  1 
ATOM   337  C C   . HIS A 1 57  ? -1.84570  13.10859  -4.57927  1.000 33.62953 ? 224 HIS A C   1 
ATOM   338  O O   . HIS A 1 57  ? -2.68702  12.78895  -3.73341  1.000 33.34699 ? 224 HIS A O   1 
ATOM   339  C CB  . HIS A 1 57  ? -2.57434  11.16598  -6.01831  1.000 31.47907 ? 224 HIS A CB  1 
ATOM   340  C CG  . HIS A 1 57  ? -2.74299  10.62605  -7.40084  1.000 31.07386 ? 224 HIS A CG  1 
ATOM   341  N ND1 . HIS A 1 57  ? -1.84873  9.74481   -7.97357  1.000 36.77220 ? 224 HIS A ND1 1 
ATOM   342  C CD2 . HIS A 1 57  ? -3.66374  10.90021  -8.35386  1.000 30.88254 ? 224 HIS A CD2 1 
ATOM   343  C CE1 . HIS A 1 57  ? -2.23018  9.47688   -9.20988  1.000 35.22488 ? 224 HIS A CE1 1 
ATOM   344  N NE2 . HIS A 1 57  ? -3.33035  10.16303  -9.46319  1.000 36.82917 ? 224 HIS A NE2 1 
ATOM   345  N N   . GLU A 1 58  ? -0.89369  14.01574  -4.33778  1.000 34.75392 ? 225 GLU A N   1 
ATOM   346  C CA  . GLU A 1 58  ? -0.66158  14.54502  -2.99422  1.000 34.52664 ? 225 GLU A CA  1 
ATOM   347  C C   . GLU A 1 58  ? -1.90334  15.23755  -2.43466  1.000 35.21563 ? 225 GLU A C   1 
ATOM   348  O O   . GLU A 1 58  ? -2.28065  15.02033  -1.27420  1.000 32.29131 ? 225 GLU A O   1 
ATOM   349  C CB  . GLU A 1 58  ? 0.52453   15.51608  -3.03566  1.000 37.12873 ? 225 GLU A CB  1 
ATOM   350  C CG  . GLU A 1 58  ? 1.20459   15.76931  -1.69860  1.000 40.74238 ? 225 GLU A CG  1 
ATOM   351  C CD  . GLU A 1 58  ? 2.48480   16.59642  -1.84350  1.000 50.08731 ? 225 GLU A CD  1 
ATOM   352  O OE1 . GLU A 1 58  ? 2.78738   17.04455  -2.97487  1.000 47.46496 ? 225 GLU A OE1 1 
ATOM   353  O OE2 . GLU A 1 58  ? 3.18318   16.80786  -0.82514  1.000 57.10261 ? 225 GLU A OE2 1 
ATOM   354  N N   . THR A 1 59  ? -2.55254  16.07977  -3.24562  1.000 34.84197 ? 226 THR A N   1 
ATOM   355  C CA  . THR A 1 59  ? -3.72940  16.79793  -2.76887  1.000 34.91603 ? 226 THR A CA  1 
ATOM   356  C C   . THR A 1 59  ? -4.85283  15.83295  -2.41574  1.000 35.97034 ? 226 THR A C   1 
ATOM   357  O O   . THR A 1 59  ? -5.48473  15.96477  -1.36162  1.000 35.21985 ? 226 THR A O   1 
ATOM   358  C CB  . THR A 1 59  ? -4.19843  17.80968  -3.82087  1.000 39.92195 ? 226 THR A CB  1 
ATOM   359  O OG1 . THR A 1 59  ? -3.18698  18.80650  -4.01121  1.000 37.33220 ? 226 THR A OG1 1 
ATOM   360  C CG2 . THR A 1 59  ? -5.46979  18.49195  -3.36331  1.000 36.08971 ? 226 THR A CG2 1 
ATOM   361  N N   . ALA A 1 60  ? -5.09674  14.83867  -3.26891  1.000 35.45156 ? 227 ALA A N   1 
ATOM   362  C CA  . ALA A 1 60  ? -6.14795  13.86880  -2.97814  1.000 34.60227 ? 227 ALA A CA  1 
ATOM   363  C C   . ALA A 1 60  ? -5.79918  13.02168  -1.76320  1.000 32.99315 ? 227 ALA A C   1 
ATOM   364  O O   . ALA A 1 60  ? -6.66234  12.75749  -0.92275  1.000 32.65242 ? 227 ALA A O   1 
ATOM   365  C CB  . ALA A 1 60  ? -6.40003  12.98701  -4.19395  1.000 27.57353 ? 227 ALA A CB  1 
ATOM   366  N N   . PHE A 1 61  ? -4.53504  12.60240  -1.64641  1.000 33.29061 ? 228 PHE A N   1 
ATOM   367  C CA  . PHE A 1 61  ? -4.11254  11.80682  -0.49556  1.000 30.29493 ? 228 PHE A CA  1 
ATOM   368  C C   . PHE A 1 61  ? -4.25778  12.59223  0.80050   1.000 35.27514 ? 228 PHE A C   1 
ATOM   369  O O   . PHE A 1 61  ? -4.69220  12.04427  1.82187   1.000 31.62995 ? 228 PHE A O   1 
ATOM   370  C CB  . PHE A 1 61  ? -2.66530  11.34718  -0.67738  1.000 33.53200 ? 228 PHE A CB  1 
ATOM   371  C CG  . PHE A 1 61  ? -2.52174  10.10123  -1.50987  1.000 30.53135 ? 228 PHE A CG  1 
ATOM   372  C CD1 . PHE A 1 61  ? -3.58655  9.61905   -2.24940  1.000 30.77252 ? 228 PHE A CD1 1 
ATOM   373  C CD2 . PHE A 1 61  ? -1.31276  9.42139   -1.56521  1.000 32.85107 ? 228 PHE A CD2 1 
ATOM   374  C CE1 . PHE A 1 61  ? -3.46221  8.46377   -3.01942  1.000 33.37440 ? 228 PHE A CE1 1 
ATOM   375  C CE2 . PHE A 1 61  ? -1.17814  8.26361   -2.33763  1.000 29.44088 ? 228 PHE A CE2 1 
ATOM   376  C CZ  . PHE A 1 61  ? -2.26279  7.79016   -3.06589  1.000 31.11568 ? 228 PHE A CZ  1 
ATOM   377  N N   . GLN A 1 62  ? -3.90627  13.88232  0.77900   1.000 33.99659 ? 229 GLN A N   1 
ATOM   378  C CA  . GLN A 1 62  ? -4.08993  14.70913  1.96715   1.000 35.27734 ? 229 GLN A CA  1 
ATOM   379  C C   . GLN A 1 62  ? -5.55140  14.73207  2.39110   1.000 34.56729 ? 229 GLN A C   1 
ATOM   380  O O   . GLN A 1 62  ? -5.87542  14.50736  3.56573   1.000 34.46670 ? 229 GLN A O   1 
ATOM   381  C CB  . GLN A 1 62  ? -3.57537  16.12898  1.71023   1.000 35.06967 ? 229 GLN A CB  1 
ATOM   382  C CG  . GLN A 1 62  ? -2.18295  16.38343  2.28208   1.000 44.26071 ? 229 GLN A CG  1 
ATOM   383  C CD  . GLN A 1 62  ? -2.20194  16.65193  3.78539   1.000 49.72631 ? 229 GLN A CD  1 
ATOM   384  O OE1 . GLN A 1 62  ? -2.08769  15.73004  4.59763   1.000 51.63729 ? 229 GLN A OE1 1 
ATOM   385  N NE2 . GLN A 1 62  ? -2.33517  17.92118  4.15983   1.000 56.83211 ? 229 GLN A NE2 1 
ATOM   386  N N   . GLY A 1 63  ? -6.45491  14.99836  1.44388   1.000 32.96499 ? 230 GLY A N   1 
ATOM   387  C CA  . GLY A 1 63  ? -7.86873  15.00473  1.78173   1.000 34.79052 ? 230 GLY A CA  1 
ATOM   388  C C   . GLY A 1 63  ? -8.33694  13.68222  2.35616   1.000 34.74571 ? 230 GLY A C   1 
ATOM   389  O O   . GLY A 1 63  ? -9.13314  13.64959  3.29919   1.000 31.14470 ? 230 GLY A O   1 
ATOM   390  N N   . MET A 1 64  ? -7.84597  12.57111  1.79561   1.000 33.45038 ? 231 MET A N   1 
ATOM   391  C CA  . MET A 1 64  ? -8.24555  11.25468  2.28387   1.000 32.04830 ? 231 MET A CA  1 
ATOM   392  C C   . MET A 1 64  ? -7.77627  11.03149  3.70765   1.000 29.54723 ? 231 MET A C   1 
ATOM   393  O O   . MET A 1 64  ? -8.54827  10.59477  4.56435   1.000 29.93886 ? 231 MET A O   1 
ATOM   394  C CB  . MET A 1 64  ? -7.68240  10.15640  1.38428   1.000 29.30843 ? 231 MET A CB  1 
ATOM   395  C CG  . MET A 1 64  ? -8.40416  9.98760   0.08604   1.000 30.14476 ? 231 MET A CG  1 
ATOM   396  S SD  . MET A 1 64  ? -7.41741  8.93976   -1.02443  1.000 35.37730 ? 231 MET A SD  1 
ATOM   397  C CE  . MET A 1 64  ? -8.22078  9.39045   -2.54132  1.000 32.24152 ? 231 MET A CE  1 
ATOM   398  N N   . LEU A 1 65  ? -6.49266  11.26327  3.96032   1.000 30.79636 ? 232 LEU A N   1 
ATOM   399  C CA  . LEU A 1 65  ? -5.97256  11.12361  5.31320   1.000 34.83483 ? 232 LEU A CA  1 
ATOM   400  C C   . LEU A 1 65  ? -6.76198  11.98766  6.28836   1.000 37.60171 ? 232 LEU A C   1 
ATOM   401  O O   . LEU A 1 65  ? -7.03403  11.57495  7.42248   1.000 36.09558 ? 232 LEU A O   1 
ATOM   402  C CB  . LEU A 1 65  ? -4.49077  11.50080  5.33670   1.000 35.47235 ? 232 LEU A CB  1 
ATOM   403  C CG  . LEU A 1 65  ? -3.69751  11.15166  6.60041   1.000 43.13358 ? 232 LEU A CG  1 
ATOM   404  C CD1 . LEU A 1 65  ? -3.73170  12.27795  7.63625   1.000 50.11570 ? 232 LEU A CD1 1 
ATOM   405  C CD2 . LEU A 1 65  ? -4.22530  9.86294   7.20410   1.000 42.64503 ? 232 LEU A CD2 1 
ATOM   406  N N   . ARG A 1 66  ? -7.13184  13.19617  5.86381   1.000 36.82898 ? 233 ARG A N   1 
ATOM   407  C CA  . ARG A 1 66  ? -7.93096  14.05855  6.72613   1.000 40.90800 ? 233 ARG A CA  1 
ATOM   408  C C   . ARG A 1 66  ? -9.24513  13.38648  7.10223   1.000 40.32985 ? 233 ARG A C   1 
ATOM   409  O O   . ARG A 1 66  ? -9.56516  13.24646  8.29004   1.000 43.18528 ? 233 ARG A O   1 
ATOM   410  C CB  . ARG A 1 66  ? -8.19334  15.39990  6.04051   1.000 36.09506 ? 233 ARG A CB  1 
ATOM   411  C CG  . ARG A 1 66  ? -8.96141  16.37435  6.92578   1.000 42.18149 ? 233 ARG A CG  1 
ATOM   412  C CD  . ARG A 1 66  ? -8.22816  16.62467  8.24634   1.000 47.73350 ? 233 ARG A CD  1 
ATOM   413  N NE  . ARG A 1 66  ? -8.54339  15.64588  9.29175   1.000 53.34904 ? 233 ARG A NE  1 
ATOM   414  C CZ  . ARG A 1 66  ? -8.74912  15.95814  10.56682  1.000 54.60719 ? 233 ARG A CZ  1 
ATOM   415  N NH1 . ARG A 1 66  ? -8.69428  17.22605  10.95192  1.000 55.54694 ? 233 ARG A NH1 1 
ATOM   416  N NH2 . ARG A 1 66  ? -9.02746  15.00849  11.45014  1.000 58.34577 ? 233 ARG A NH2 1 
ATOM   417  N N   . LYS A 1 67  ? -10.00764 12.94050  6.09560   1.000 35.04925 ? 234 LYS A N   1 
ATOM   418  C CA  . LYS A 1 67  ? -11.28900 12.28708  6.34673   1.000 35.76578 ? 234 LYS A CA  1 
ATOM   419  C C   . LYS A 1 67  ? -11.12267 11.07189  7.24922   1.000 36.65992 ? 234 LYS A C   1 
ATOM   420  O O   . LYS A 1 67  ? -11.85268 10.90831  8.23221   1.000 36.68417 ? 234 LYS A O   1 
ATOM   421  C CB  . LYS A 1 67  ? -11.94115 11.89143  5.02131   1.000 36.21468 ? 234 LYS A CB  1 
ATOM   422  C CG  . LYS A 1 67  ? -12.06112 13.03930  4.01486   1.000 38.52571 ? 234 LYS A CG  1 
ATOM   423  C CD  . LYS A 1 67  ? -13.02734 12.71409  2.85762   1.000 39.49095 ? 234 LYS A CD  1 
ATOM   424  C CE  . LYS A 1 67  ? -13.31770 13.94321  1.98265   1.000 38.89257 ? 234 LYS A CE  1 
ATOM   425  N NZ  . LYS A 1 67  ? -14.40757 14.80574  2.54104   1.000 41.16585 ? 234 LYS A NZ  1 
ATOM   426  N N   . LEU A 1 68  ? -10.15051 10.21204  6.94332   1.000 35.21840 ? 235 LEU A N   1 
ATOM   427  C CA  . LEU A 1 68  ? -9.97886  8.99682   7.73709   1.000 32.96241 ? 235 LEU A CA  1 
ATOM   428  C C   . LEU A 1 68  ? -9.52254  9.29776   9.16411   1.000 40.61070 ? 235 LEU A C   1 
ATOM   429  O O   . LEU A 1 68  ? -9.86627  8.54861   10.08848  1.000 35.68984 ? 235 LEU A O   1 
ATOM   430  C CB  . LEU A 1 68  ? -8.99834  8.05177   7.04016   1.000 32.73866 ? 235 LEU A CB  1 
ATOM   431  C CG  . LEU A 1 68  ? -9.48749  7.56733   5.66681   1.000 31.45013 ? 235 LEU A CG  1 
ATOM   432  C CD1 . LEU A 1 68  ? -8.37134  6.90870   4.87427   1.000 34.09534 ? 235 LEU A CD1 1 
ATOM   433  C CD2 . LEU A 1 68  ? -10.65975 6.61504   5.81542   1.000 37.66388 ? 235 LEU A CD2 1 
ATOM   434  N N   . ASP A 1 69  ? -8.76256  10.37875  9.36659   1.000 37.58006 ? 236 ASP A N   1 
ATOM   435  C CA  . ASP A 1 69  ? -8.36530  10.81835  10.70367  1.000 43.43803 ? 236 ASP A CA  1 
ATOM   436  C C   . ASP A 1 69  ? -7.59781  9.71097   11.43236  1.000 44.79535 ? 236 ASP A C   1 
ATOM   437  O O   . ASP A 1 69  ? -7.99514  9.22671   12.49238  1.000 44.36207 ? 236 ASP A O   1 
ATOM   438  C CB  . ASP A 1 69  ? -9.59315  11.27389  11.50924  1.000 42.15962 ? 236 ASP A CB  1 
ATOM   439  C CG  . ASP A 1 69  ? -9.21945  12.05023  12.76234  1.000 49.64809 ? 236 ASP A CG  1 
ATOM   440  O OD1 . ASP A 1 69  ? -8.07195  12.54073  12.84194  1.000 48.10204 ? 236 ASP A OD1 1 
ATOM   441  O OD2 . ASP A 1 69  ? -10.07557 12.16843  13.66607  1.000 49.09231 ? 236 ASP A OD2 1 
ATOM   442  N N   . ILE A 1 70  ? -6.49029  9.29874   10.82567  1.000 45.36297 ? 237 ILE A N   1 
ATOM   443  C CA  . ILE A 1 70  ? -5.65227  8.24428   11.38115  1.000 48.19557 ? 237 ILE A CA  1 
ATOM   444  C C   . ILE A 1 70  ? -4.57193  8.91897   12.21957  1.000 52.35673 ? 237 ILE A C   1 
ATOM   445  O O   . ILE A 1 70  ? -3.68465  9.59541   11.68764  1.000 51.30955 ? 237 ILE A O   1 
ATOM   446  C CB  . ILE A 1 70  ? -5.05723  7.35539   10.28204  1.000 47.44834 ? 237 ILE A CB  1 
ATOM   447  C CG1 . ILE A 1 70  ? -6.18156  6.67115   9.49513   1.000 47.15986 ? 237 ILE A CG1 1 
ATOM   448  C CG2 . ILE A 1 70  ? -4.13787  6.30426   10.88747  1.000 49.06136 ? 237 ILE A CG2 1 
ATOM   449  C CD1 . ILE A 1 70  ? -5.74874  6.10102   8.13845   1.000 40.42885 ? 237 ILE A CD1 1 
ATOM   450  N N   . LYS A 1 71  ? -4.66620  8.75550   13.54103  1.000 50.22481 ? 238 LYS A N   1 
ATOM   451  C CA  . LYS A 1 71  ? -3.78255  9.44465   14.46805  1.000 55.22710 ? 238 LYS A CA  1 
ATOM   452  C C   . LYS A 1 71  ? -3.20327  8.54883   15.55616  1.000 58.04303 ? 238 LYS A C   1 
ATOM   453  O O   . LYS A 1 71  ? -2.27872  8.98439   16.25314  1.000 57.82644 ? 238 LYS A O   1 
ATOM   454  C CB  . LYS A 1 71  ? -4.51763  10.62417  15.12950  1.000 52.49741 ? 238 LYS A CB  1 
ATOM   455  C CG  . LYS A 1 71  ? -5.74010  10.20901  15.92362  1.000 52.74527 ? 238 LYS A CG  1 
ATOM   456  C CD  . LYS A 1 71  ? -6.64251  11.39027  16.22012  1.000 49.86142 ? 238 LYS A CD  1 
ATOM   457  C CE  . LYS A 1 71  ? -8.09347  10.97210  16.14192  1.000 52.60590 ? 238 LYS A CE  1 
ATOM   458  N NZ  . LYS A 1 71  ? -8.44264  9.94030   17.16147  1.000 55.35582 ? 238 LYS A NZ  1 
ATOM   459  N N   . ASN A 1 72  ? -3.71113  7.33171   15.73263  1.000 53.94179 ? 239 ASN A N   1 
ATOM   460  C CA  . ASN A 1 72  ? -3.13745  6.38477   16.67936  1.000 57.34302 ? 239 ASN A CA  1 
ATOM   461  C C   . ASN A 1 72  ? -3.34965  4.97968   16.12406  1.000 63.13444 ? 239 ASN A C   1 
ATOM   462  O O   . ASN A 1 72  ? -3.78723  4.80478   14.98121  1.000 60.82422 ? 239 ASN A O   1 
ATOM   463  C CB  . ASN A 1 72  ? -3.73782  6.57120   18.07943  1.000 58.38168 ? 239 ASN A CB  1 
ATOM   464  C CG  . ASN A 1 72  ? -5.24983  6.56059   18.07293  1.000 61.08442 ? 239 ASN A CG  1 
ATOM   465  O OD1 . ASN A 1 72  ? -5.86752  5.68581   17.46772  1.000 63.14277 ? 239 ASN A OD1 1 
ATOM   466  N ND2 . ASN A 1 72  ? -5.85892  7.53028   18.75682  1.000 59.51116 ? 239 ASN A ND2 1 
ATOM   467  N N   . GLU A 1 73  ? -3.04747  3.96634   16.93691  1.000 64.68369 ? 240 GLU A N   1 
ATOM   468  C CA  . GLU A 1 73  ? -3.03514  2.60682   16.41184  1.000 65.05948 ? 240 GLU A CA  1 
ATOM   469  C C   . GLU A 1 73  ? -4.41753  1.96537   16.33769  1.000 64.70020 ? 240 GLU A C   1 
ATOM   470  O O   . GLU A 1 73  ? -4.56786  0.96066   15.62780  1.000 66.51968 ? 240 GLU A O   1 
ATOM   471  C CB  . GLU A 1 73  ? -2.07121  1.73040   17.22800  1.000 64.70702 ? 240 GLU A CB  1 
ATOM   472  C CG  . GLU A 1 73  ? -2.26477  1.76555   18.73381  1.000 71.88907 ? 240 GLU A CG  1 
ATOM   473  C CD  . GLU A 1 73  ? -3.31111  0.77388   19.19484  1.000 74.16396 ? 240 GLU A CD  1 
ATOM   474  O OE1 . GLU A 1 73  ? -4.34312  1.21267   19.74934  1.000 75.26019 ? 240 GLU A OE1 1 
ATOM   475  O OE2 . GLU A 1 73  ? -3.10862  -0.44320  18.98508  1.000 75.26293 ? 240 GLU A OE2 1 
ATOM   476  N N   . ASP A 1 74  ? -5.43264  2.51609   17.01458  1.000 64.15820 ? 241 ASP A N   1 
ATOM   477  C CA  . ASP A 1 74  ? -6.76931  1.96047   16.82031  1.000 67.87837 ? 241 ASP A CA  1 
ATOM   478  C C   . ASP A 1 74  ? -7.43565  2.51370   15.56273  1.000 64.54712 ? 241 ASP A C   1 
ATOM   479  O O   . ASP A 1 74  ? -8.36433  1.89258   15.02762  1.000 62.42801 ? 241 ASP A O   1 
ATOM   480  C CB  . ASP A 1 74  ? -7.65648  2.22115   18.03322  1.000 69.31319 ? 241 ASP A CB  1 
ATOM   481  C CG  . ASP A 1 74  ? -8.87845  1.31250   18.05998  1.000 72.79966 ? 241 ASP A CG  1 
ATOM   482  O OD1 . ASP A 1 74  ? -10.02049 1.82370   18.13973  1.000 73.75440 ? 241 ASP A OD1 1 
ATOM   483  O OD2 . ASP A 1 74  ? -8.70010  0.08199   17.97692  1.000 76.73824 ? 241 ASP A OD2 1 
ATOM   484  N N   . ASP A 1 75  ? -6.97924  3.67199   15.07765  1.000 62.76055 ? 242 ASP A N   1 
ATOM   485  C CA  . ASP A 1 75  ? -7.37926  4.18285   13.76997  1.000 59.90823 ? 242 ASP A CA  1 
ATOM   486  C C   . ASP A 1 75  ? -6.67535  3.47751   12.61677  1.000 56.34705 ? 242 ASP A C   1 
ATOM   487  O O   . ASP A 1 75  ? -6.98480  3.77470   11.45934  1.000 52.09188 ? 242 ASP A O   1 
ATOM   488  C CB  . ASP A 1 75  ? -7.11136  5.68941   13.66602  1.000 55.80005 ? 242 ASP A CB  1 
ATOM   489  C CG  . ASP A 1 75  ? -7.84127  6.48952   14.72346  1.000 58.66983 ? 242 ASP A CG  1 
ATOM   490  O OD1 . ASP A 1 75  ? -8.84183  5.98851   15.28196  1.000 65.37470 ? 242 ASP A OD1 1 
ATOM   491  O OD2 . ASP A 1 75  ? -7.42192  7.63820   14.97511  1.000 59.78196 ? 242 ASP A OD2 1 
ATOM   492  N N   . VAL A 1 76  ? -5.73811  2.56563   12.89617  1.000 55.62528 ? 243 VAL A N   1 
ATOM   493  C CA  . VAL A 1 76  ? -5.00734  1.91125   11.81552  1.000 53.52004 ? 243 VAL A CA  1 
ATOM   494  C C   . VAL A 1 76  ? -5.92720  1.00899   11.01045  1.000 51.57466 ? 243 VAL A C   1 
ATOM   495  O O   . VAL A 1 76  ? -5.76827  0.88589   9.78819   1.000 47.59682 ? 243 VAL A O   1 
ATOM   496  C CB  . VAL A 1 76  ? -3.79480  1.13034   12.36035  1.000 53.24956 ? 243 VAL A CB  1 
ATOM   497  C CG1 . VAL A 1 76  ? -4.17971  -0.27903  12.80907  1.000 56.47246 ? 243 VAL A CG1 1 
ATOM   498  C CG2 . VAL A 1 76  ? -2.72960  1.05187   11.30955  1.000 47.61336 ? 243 VAL A CG2 1 
ATOM   499  N N   . LYS A 1 77  ? -6.90531  0.37680   11.66685  1.000 49.10735 ? 244 LYS A N   1 
ATOM   500  C CA  . LYS A 1 77  ? -7.83048  -0.51101  10.97605  1.000 49.37094 ? 244 LYS A CA  1 
ATOM   501  C C   . LYS A 1 77  ? -8.63177  0.20398   9.90112   1.000 46.05919 ? 244 LYS A C   1 
ATOM   502  O O   . LYS A 1 77  ? -9.22813  -0.46442  9.05153   1.000 43.00546 ? 244 LYS A O   1 
ATOM   503  C CB  . LYS A 1 77  ? -8.78691  -1.15988  11.97783  1.000 55.13715 ? 244 LYS A CB  1 
ATOM   504  C CG  . LYS A 1 77  ? -8.16107  -2.27517  12.79714  1.000 56.50616 ? 244 LYS A CG  1 
ATOM   505  C CD  . LYS A 1 77  ? -9.21518  -3.26082  13.30292  1.000 62.72091 ? 244 LYS A CD  1 
ATOM   506  C CE  . LYS A 1 77  ? -9.23517  -4.52906  12.45662  1.000 64.02143 ? 244 LYS A CE  1 
ATOM   507  N NZ  . LYS A 1 77  ? -8.74631  -5.72390  13.21306  1.000 63.41496 ? 244 LYS A NZ  1 
ATOM   508  N N   . SER A 1 78  ? -8.66652  1.53896   9.92053   1.000 47.92146 ? 245 SER A N   1 
ATOM   509  C CA  . SER A 1 78  ? -9.35711  2.27523   8.86818   1.000 43.85081 ? 245 SER A CA  1 
ATOM   510  C C   . SER A 1 78  ? -8.84432  1.87174   7.49234   1.000 38.61299 ? 245 SER A C   1 
ATOM   511  O O   . SER A 1 78  ? -9.63478  1.65579   6.56841   1.000 39.85922 ? 245 SER A O   1 
ATOM   512  C CB  . SER A 1 78  ? -9.18491  3.78038   9.07783   1.000 45.84438 ? 245 SER A CB  1 
ATOM   513  O OG  . SER A 1 78  ? -9.46988  4.14643   10.41471  1.000 52.31757 ? 245 SER A OG  1 
ATOM   514  N N   . LEU A 1 79  ? -7.52437  1.74063   7.34382   1.000 39.98032 ? 246 LEU A N   1 
ATOM   515  C CA  . LEU A 1 79  ? -6.96717  1.43983   6.03012   1.000 35.40570 ? 246 LEU A CA  1 
ATOM   516  C C   . LEU A 1 79  ? -7.41334  0.06656   5.53836   1.000 36.82289 ? 246 LEU A C   1 
ATOM   517  O O   . LEU A 1 79  ? -7.69747  -0.10653  4.34739   1.000 35.70978 ? 246 LEU A O   1 
ATOM   518  C CB  . LEU A 1 79  ? -5.44747  1.54624   6.06951   1.000 33.84578 ? 246 LEU A CB  1 
ATOM   519  C CG  . LEU A 1 79  ? -4.74323  1.39581   4.72162   1.000 39.69882 ? 246 LEU A CG  1 
ATOM   520  C CD1 . LEU A 1 79  ? -5.41707  2.26073   3.65910   1.000 38.03882 ? 246 LEU A CD1 1 
ATOM   521  C CD2 . LEU A 1 79  ? -3.29244  1.79765   4.85155   1.000 40.15592 ? 246 LEU A CD2 1 
ATOM   522  N N   . SER A 1 80  ? -7.51043  -0.91894  6.43375   1.000 35.52268 ? 247 SER A N   1 
ATOM   523  C CA  . SER A 1 80  ? -7.99040  -2.22713  5.99939   1.000 36.56096 ? 247 SER A CA  1 
ATOM   524  C C   . SER A 1 80  ? -9.45645  -2.16185  5.57012   1.000 30.83878 ? 247 SER A C   1 
ATOM   525  O O   . SER A 1 80  ? -9.86267  -2.82920  4.60852   1.000 29.54524 ? 247 SER A O   1 
ATOM   526  C CB  . SER A 1 80  ? -7.76515  -3.27439  7.09870   1.000 33.47272 ? 247 SER A CB  1 
ATOM   527  O OG  . SER A 1 80  ? -8.25290  -2.86932  8.36071   1.000 41.86602 ? 247 SER A OG  1 
ATOM   528  N N   . ARG A 1 81  ? -10.26859 -1.34528  6.24876   1.000 34.02493 ? 248 ARG A N   1 
ATOM   529  C CA  . ARG A 1 81  ? -11.63730 -1.14092  5.77546   1.000 32.62948 ? 248 ARG A CA  1 
ATOM   530  C C   . ARG A 1 81  ? -11.65808 -0.47125  4.40183   1.000 27.86929 ? 248 ARG A C   1 
ATOM   531  O O   . ARG A 1 81  ? -12.44633 -0.85569  3.53112   1.000 27.82716 ? 248 ARG A O   1 
ATOM   532  C CB  . ARG A 1 81  ? -12.43647 -0.31590  6.78516   1.000 36.34231 ? 248 ARG A CB  1 
ATOM   533  C CG  . ARG A 1 81  ? -13.35159 -1.15654  7.67040   1.000 43.17174 ? 248 ARG A CG  1 
ATOM   534  C CD  . ARG A 1 81  ? -14.03098 -0.32279  8.76259   1.000 49.60126 ? 248 ARG A CD  1 
ATOM   535  N NE  . ARG A 1 81  ? -15.30395 0.23464   8.31245   1.000 51.60590 ? 248 ARG A NE  1 
ATOM   536  C CZ  . ARG A 1 81  ? -16.23737 0.71463   9.12742   1.000 54.22968 ? 248 ARG A CZ  1 
ATOM   537  N NH1 . ARG A 1 81  ? -16.04322 0.70668   10.43950  1.000 58.42347 ? 248 ARG A NH1 1 
ATOM   538  N NH2 . ARG A 1 81  ? -17.36745 1.19786   8.63329   1.000 48.86957 ? 248 ARG A NH2 1 
ATOM   539  N N   . VAL A 1 82  ? -10.81665 0.54803   4.19628   1.000 25.39543 ? 249 VAL A N   1 
ATOM   540  C CA  . VAL A 1 82  ? -10.73083 1.19815   2.88703   1.000 28.40698 ? 249 VAL A CA  1 
ATOM   541  C C   . VAL A 1 82  ? -10.39073 0.16753   1.81166   1.000 26.09595 ? 249 VAL A C   1 
ATOM   542  O O   . VAL A 1 82  ? -10.96164 0.16969   0.71205   1.000 24.25197 ? 249 VAL A O   1 
ATOM   543  C CB  . VAL A 1 82  ? -9.68376  2.33374   2.93246   1.000 33.35559 ? 249 VAL A CB  1 
ATOM   544  C CG1 . VAL A 1 82  ? -9.11838  2.60855   1.54245   1.000 29.76021 ? 249 VAL A CG1 1 
ATOM   545  C CG2 . VAL A 1 82  ? -10.26577 3.62449   3.57124   1.000 33.34502 ? 249 VAL A CG2 1 
ATOM   546  N N   . MET A 1 83  ? -9.45330  -0.72996  2.12116   1.000 24.27449 ? 250 MET A N   1 
ATOM   547  C CA  . MET A 1 83  ? -9.01011  -1.73834  1.15838   1.000 23.19639 ? 250 MET A CA  1 
ATOM   548  C C   . MET A 1 83  ? -10.14685 -2.67894  0.77202   1.000 22.38052 ? 250 MET A C   1 
ATOM   549  O O   . MET A 1 83  ? -10.35668 -2.96989  -0.41437  1.000 22.18420 ? 250 MET A O   1 
ATOM   550  C CB  . MET A 1 83  ? -7.82954  -2.50643  1.75358   1.000 24.49103 ? 250 MET A CB  1 
ATOM   551  C CG  . MET A 1 83  ? -6.51862  -1.71909  1.71907   1.000 28.50353 ? 250 MET A CG  1 
ATOM   552  S SD  . MET A 1 83  ? -5.18784  -2.62922  2.50822   1.000 33.85219 ? 250 MET A SD  1 
ATOM   553  C CE  . MET A 1 83  ? -4.77830  -3.81150  1.22220   1.000 28.41804 ? 250 MET A CE  1 
ATOM   554  N N   . ILE A 1 84  ? -10.90428 -3.15724  1.75822   1.000 21.76179 ? 251 ILE A N   1 
ATOM   555  C CA  . ILE A 1 84  ? -12.01645 -4.05555  1.44731   1.000 21.81175 ? 251 ILE A CA  1 
ATOM   556  C C   . ILE A 1 84  ? -13.05430 -3.33540  0.59241   1.000 18.41466 ? 251 ILE A C   1 
ATOM   557  O O   . ILE A 1 84  ? -13.59293 -3.89794  -0.36706  1.000 23.73800 ? 251 ILE A O   1 
ATOM   558  C CB  . ILE A 1 84  ? -12.62725 -4.62185  2.74440   1.000 23.12350 ? 251 ILE A CB  1 
ATOM   559  C CG1 . ILE A 1 84  ? -11.63821 -5.59249  3.40988   1.000 25.58372 ? 251 ILE A CG1 1 
ATOM   560  C CG2 . ILE A 1 84  ? -13.94105 -5.35671  2.43102   1.000 26.80736 ? 251 ILE A CG2 1 
ATOM   561  C CD1 . ILE A 1 84  ? -11.26848 -6.74016  2.47012   1.000 27.35729 ? 251 ILE A CD1 1 
ATOM   562  N N   . HIS A 1 85  ? -13.33236 -2.07452  0.92134   1.000 23.38914 ? 252 HIS A N   1 
ATOM   563  C CA  . HIS A 1 85  ? -14.24387 -1.25462  0.12217   1.000 27.49666 ? 252 HIS A CA  1 
ATOM   564  C C   . HIS A 1 85  ? -13.75543 -1.11426  -1.31362  1.000 24.35028 ? 252 HIS A C   1 
ATOM   565  O O   . HIS A 1 85  ? -14.52541 -1.30094  -2.27184  1.000 26.79117 ? 252 HIS A O   1 
ATOM   566  C CB  . HIS A 1 85  ? -14.38116 0.12013   0.77714   1.000 29.76414 ? 252 HIS A CB  1 
ATOM   567  C CG  . HIS A 1 85  ? -15.53165 0.92843   0.27506   1.000 40.62139 ? 252 HIS A CG  1 
ATOM   568  N ND1 . HIS A 1 85  ? -15.95749 2.07819   0.90785   1.000 44.99363 ? 252 HIS A ND1 1 
ATOM   569  C CD2 . HIS A 1 85  ? -16.33546 0.77033   -0.80549  1.000 41.37130 ? 252 HIS A CD2 1 
ATOM   570  C CE1 . HIS A 1 85  ? -16.98202 2.58655   0.24460   1.000 43.70366 ? 252 HIS A CE1 1 
ATOM   571  N NE2 . HIS A 1 85  ? -17.22856 1.81498   -0.80009  1.000 41.41966 ? 252 HIS A NE2 1 
ATOM   572  N N   . VAL A 1 86  ? -12.47925 -0.76049  -1.48194  1.000 24.79516 ? 253 VAL A N   1 
ATOM   573  C CA  . VAL A 1 86  ? -11.89725 -0.61681  -2.81586  1.000 22.51394 ? 253 VAL A CA  1 
ATOM   574  C C   . VAL A 1 86  ? -12.08472 -1.89564  -3.62381  1.000 25.37627 ? 253 VAL A C   1 
ATOM   575  O O   . VAL A 1 86  ? -12.46083 -1.85636  -4.80301  1.000 22.40064 ? 253 VAL A O   1 
ATOM   576  C CB  . VAL A 1 86  ? -10.41169 -0.21861  -2.70898  1.000 21.79858 ? 253 VAL A CB  1 
ATOM   577  C CG1 . VAL A 1 86  ? -9.71357  -0.45923  -4.00748  1.000 23.83816 ? 253 VAL A CG1 1 
ATOM   578  C CG2 . VAL A 1 86  ? -10.27656 1.27561   -2.32103  1.000 23.62126 ? 253 VAL A CG2 1 
ATOM   579  N N   . PHE A 1 87  ? -11.85857 -3.04905  -3.01023  1.000 20.05096 ? 254 PHE A N   1 
ATOM   580  C CA  . PHE A 1 87  ? -11.96462 -4.26266  -3.81694  1.000 20.59075 ? 254 PHE A CA  1 
ATOM   581  C C   . PHE A 1 87  ? -13.39279 -4.77149  -3.95120  1.000 22.06275 ? 254 PHE A C   1 
ATOM   582  O O   . PHE A 1 87  ? -13.60521 -5.79738  -4.61597  1.000 22.66218 ? 254 PHE A O   1 
ATOM   583  C CB  . PHE A 1 87  ? -11.06431 -5.35614  -3.23395  1.000 23.52973 ? 254 PHE A CB  1 
ATOM   584  C CG  . PHE A 1 87  ? -9.60296  -5.11536  -3.50509  1.000 23.76442 ? 254 PHE A CG  1 
ATOM   585  C CD1 . PHE A 1 87  ? -9.15257  -4.91561  -4.80553  1.000 24.06693 ? 254 PHE A CD1 1 
ATOM   586  C CD2 . PHE A 1 87  ? -8.69579  -5.07017  -2.47151  1.000 25.93167 ? 254 PHE A CD2 1 
ATOM   587  C CE1 . PHE A 1 87  ? -7.79272  -4.67695  -5.06024  1.000 29.65223 ? 254 PHE A CE1 1 
ATOM   588  C CE2 . PHE A 1 87  ? -7.32948  -4.83233  -2.71724  1.000 26.30975 ? 254 PHE A CE2 1 
ATOM   589  C CZ  . PHE A 1 87  ? -6.89108  -4.64077  -4.00377  1.000 25.91097 ? 254 PHE A CZ  1 
ATOM   590  N N   . SER A 1 88  ? -14.37314 -4.09400  -3.35021  1.000 19.90232 ? 255 SER A N   1 
ATOM   591  C CA  . SER A 1 88  ? -15.71489 -4.68202  -3.31111  1.000 23.78101 ? 255 SER A CA  1 
ATOM   592  C C   . SER A 1 88  ? -16.43512 -4.64981  -4.65493  1.000 22.69416 ? 255 SER A C   1 
ATOM   593  O O   . SER A 1 88  ? -17.51286 -5.24389  -4.76569  1.000 23.47445 ? 255 SER A O   1 
ATOM   594  C CB  . SER A 1 88  ? -16.57368 -3.98784  -2.25322  1.000 22.43956 ? 255 SER A CB  1 
ATOM   595  O OG  . SER A 1 88  ? -17.17062 -2.81284  -2.75956  1.000 22.85248 ? 255 SER A OG  1 
ATOM   596  N N   . ASP A 1 89  ? -15.89326 -3.97968  -5.67435  1.000 23.40782 ? 256 ASP A N   1 
ATOM   597  C CA  . ASP A 1 89  ? -16.50438 -4.06957  -6.99710  1.000 21.06323 ? 256 ASP A CA  1 
ATOM   598  C C   . ASP A 1 89  ? -16.04655 -5.29735  -7.77190  1.000 25.44213 ? 256 ASP A C   1 
ATOM   599  O O   . ASP A 1 89  ? -16.54292 -5.53747  -8.88117  1.000 23.47541 ? 256 ASP A O   1 
ATOM   600  C CB  . ASP A 1 89  ? -16.23652 -2.79205  -7.81103  1.000 21.19065 ? 256 ASP A CB  1 
ATOM   601  C CG  . ASP A 1 89  ? -14.74135 -2.55167  -8.08522  1.000 28.45135 ? 256 ASP A CG  1 
ATOM   602  O OD1 . ASP A 1 89  ? -13.88030 -3.34371  -7.61203  1.000 25.71254 ? 256 ASP A OD1 1 
ATOM   603  O OD2 . ASP A 1 89  ? -14.43178 -1.55289  -8.78478  1.000 25.42878 ? 256 ASP A OD2 1 
ATOM   604  N N   . GLY A 1 90  ? -15.14899 -6.10205  -7.20492  1.000 24.59709 ? 257 GLY A N   1 
ATOM   605  C CA  . GLY A 1 90  ? -14.70959 -7.32665  -7.84685  1.000 22.75964 ? 257 GLY A CA  1 
ATOM   606  C C   . GLY A 1 90  ? -13.54263 -7.15502  -8.79057  1.000 29.21209 ? 257 GLY A C   1 
ATOM   607  O O   . GLY A 1 90  ? -13.14183 -8.13385  -9.43872  1.000 28.71957 ? 257 GLY A O   1 
ATOM   608  N N   . VAL A 1 91  ? -12.97844 -5.94810  -8.87624  1.000 25.79094 ? 258 VAL A N   1 
ATOM   609  C CA  . VAL A 1 91  ? -11.86236 -5.63865  -9.76041  1.000 27.43694 ? 258 VAL A CA  1 
ATOM   610  C C   . VAL A 1 91  ? -10.57081 -5.74472  -8.96379  1.000 27.67749 ? 258 VAL A C   1 
ATOM   611  O O   . VAL A 1 91  ? -10.43869 -5.12411  -7.89582  1.000 25.09495 ? 258 VAL A O   1 
ATOM   612  C CB  . VAL A 1 91  ? -12.00901 -4.23253  -10.37235 1.000 26.78159 ? 258 VAL A CB  1 
ATOM   613  C CG1 . VAL A 1 91  ? -10.85171 -3.94026  -11.33338 1.000 25.96563 ? 258 VAL A CG1 1 
ATOM   614  C CG2 . VAL A 1 91  ? -13.35569 -4.07923  -11.06936 1.000 28.79063 ? 258 VAL A CG2 1 
ATOM   615  N N   . THR A 1 92  ? -9.61666  -6.51775  -9.49273  1.000 24.50751 ? 259 THR A N   1 
ATOM   616  C CA  . THR A 1 92  ? -8.28145  -6.68082  -8.93072  1.000 20.58236 ? 259 THR A CA  1 
ATOM   617  C C   . THR A 1 92  ? -7.24842  -6.39655  -10.01233 1.000 24.07125 ? 259 THR A C   1 
ATOM   618  O O   . THR A 1 92  ? -7.33250  -6.96597  -11.10812 1.000 23.52531 ? 259 THR A O   1 
ATOM   619  C CB  . THR A 1 92  ? -8.05183  -8.10426  -8.39193  1.000 27.98983 ? 259 THR A CB  1 
ATOM   620  O OG1 . THR A 1 92  ? -9.23919  -8.60276  -7.74544  1.000 25.35143 ? 259 THR A OG1 1 
ATOM   621  C CG2 . THR A 1 92  ? -6.88046  -8.10071  -7.41128  1.000 23.55030 ? 259 THR A CG2 1 
ATOM   622  N N   . ASN A 1 93  ? -6.27491  -5.52823  -9.71205  1.000 20.50207 ? 260 ASN A N   1 
ATOM   623  C CA  . ASN A 1 93  ? -5.15084  -5.32744  -10.62319 1.000 23.25184 ? 260 ASN A CA  1 
ATOM   624  C C   . ASN A 1 93  ? -3.97637  -4.73264  -9.85905  1.000 24.62163 ? 260 ASN A C   1 
ATOM   625  O O   . ASN A 1 93  ? -4.12004  -4.24283  -8.73851  1.000 21.99570 ? 260 ASN A O   1 
ATOM   626  C CB  . ASN A 1 93  ? -5.52241  -4.43606  -11.81203 1.000 27.05026 ? 260 ASN A CB  1 
ATOM   627  C CG  . ASN A 1 93  ? -6.07372  -3.08766  -11.38879 1.000 25.71104 ? 260 ASN A CG  1 
ATOM   628  O OD1 . ASN A 1 93  ? -5.46050  -2.37437  -10.59690 1.000 28.35677 ? 260 ASN A OD1 1 
ATOM   629  N ND2 . ASN A 1 93  ? -7.24928  -2.73705  -11.91087 1.000 27.38330 ? 260 ASN A ND2 1 
ATOM   630  N N   . TRP A 1 94  ? -2.80338  -4.78923  -10.47940 1.000 22.94478 ? 261 TRP A N   1 
ATOM   631  C CA  . TRP A 1 94  ? -1.60674  -4.33765  -9.78204  1.000 23.29208 ? 261 TRP A CA  1 
ATOM   632  C C   . TRP A 1 94  ? -1.63423  -2.83277  -9.51753  1.000 23.29402 ? 261 TRP A C   1 
ATOM   633  O O   . TRP A 1 94  ? -1.05913  -2.36619  -8.52181  1.000 21.68231 ? 261 TRP A O   1 
ATOM   634  C CB  . TRP A 1 94  ? -0.36999  -4.72026  -10.59352 1.000 23.52973 ? 261 TRP A CB  1 
ATOM   635  C CG  . TRP A 1 94  ? 0.02488   -6.18469  -10.48149 1.000 24.59283 ? 261 TRP A CG  1 
ATOM   636  C CD1 . TRP A 1 94  ? 0.15185   -7.07419  -11.50499 1.000 28.28648 ? 261 TRP A CD1 1 
ATOM   637  C CD2 . TRP A 1 94  ? 0.38822   -6.89371  -9.28764  1.000 25.39499 ? 261 TRP A CD2 1 
ATOM   638  N NE1 . TRP A 1 94  ? 0.54779   -8.30390  -11.01926 1.000 25.32822 ? 261 TRP A NE1 1 
ATOM   639  C CE2 . TRP A 1 94  ? 0.69341   -8.21640  -9.66158  1.000 28.59154 ? 261 TRP A CE2 1 
ATOM   640  C CE3 . TRP A 1 94  ? 0.44911   -6.54761  -7.93335  1.000 25.53693 ? 261 TRP A CE3 1 
ATOM   641  C CZ2 . TRP A 1 94  ? 1.07695   -9.18562  -8.73309  1.000 26.35948 ? 261 TRP A CZ2 1 
ATOM   642  C CZ3 . TRP A 1 94  ? 0.82962   -7.50319  -7.01949  1.000 23.46973 ? 261 TRP A CZ3 1 
ATOM   643  C CH2 . TRP A 1 94  ? 1.14738   -8.80703  -7.42015  1.000 25.71077 ? 261 TRP A CH2 1 
ATOM   644  N N   . GLY A 1 95  ? -2.26420  -2.05415  -10.40391 1.000 23.57034 ? 262 GLY A N   1 
ATOM   645  C CA  . GLY A 1 95  ? -2.37622  -0.62551  -10.15660 1.000 22.21741 ? 262 GLY A CA  1 
ATOM   646  C C   . GLY A 1 95  ? -3.08208  -0.30648  -8.84728  1.000 25.72076 ? 262 GLY A C   1 
ATOM   647  O O   . GLY A 1 95  ? -2.66324  0.59196   -8.10490  1.000 23.30309 ? 262 GLY A O   1 
ATOM   648  N N   . ARG A 1 96  ? -4.17085  -1.02731  -8.54594  1.000 22.90697 ? 263 ARG A N   1 
ATOM   649  C CA  . ARG A 1 96  ? -4.87955  -0.76338  -7.29317  1.000 20.91170 ? 263 ARG A CA  1 
ATOM   650  C C   . ARG A 1 96  ? -4.03942  -1.16589  -6.10019  1.000 23.86230 ? 263 ARG A C   1 
ATOM   651  O O   . ARG A 1 96  ? -4.08460  -0.51092  -5.05694  1.000 21.90623 ? 263 ARG A O   1 
ATOM   652  C CB  . ARG A 1 96  ? -6.20691  -1.51935  -7.24220  1.000 24.19556 ? 263 ARG A CB  1 
ATOM   653  C CG  . ARG A 1 96  ? -7.24225  -1.05804  -8.23672  1.000 23.68380 ? 263 ARG A CG  1 
ATOM   654  C CD  . ARG A 1 96  ? -8.58130  -1.74164  -7.93940  1.000 23.01259 ? 263 ARG A CD  1 
ATOM   655  N NE  . ARG A 1 96  ? -9.62910  -1.22314  -8.81338  1.000 27.29001 ? 263 ARG A NE  1 
ATOM   656  C CZ  . ARG A 1 96  ? -10.91928 -1.47940  -8.65332  1.000 27.60068 ? 263 ARG A CZ  1 
ATOM   657  N NH1 . ARG A 1 96  ? -11.33611 -2.26606  -7.66390  1.000 25.69064 ? 263 ARG A NH1 1 
ATOM   658  N NH2 . ARG A 1 96  ? -11.78867 -0.96577  -9.49552  1.000 26.81517 ? 263 ARG A NH2 1 
ATOM   659  N N   . ILE A 1 97  ? -3.32044  -2.28441  -6.21492  1.000 19.78308 ? 264 ILE A N   1 
ATOM   660  C CA  . ILE A 1 97  ? -2.50295  -2.75772  -5.10744  1.000 21.50595 ? 264 ILE A CA  1 
ATOM   661  C C   . ILE A 1 97  ? -1.37650  -1.76929  -4.82988  1.000 21.25145 ? 264 ILE A C   1 
ATOM   662  O O   . ILE A 1 97  ? -1.13403  -1.38643  -3.68160  1.000 24.09622 ? 264 ILE A O   1 
ATOM   663  C CB  . ILE A 1 97  ? -1.96095  -4.16846  -5.41292  1.000 21.09635 ? 264 ILE A CB  1 
ATOM   664  C CG1 . ILE A 1 97  ? -3.06118  -5.21599  -5.28498  1.000 20.94581 ? 264 ILE A CG1 1 
ATOM   665  C CG2 . ILE A 1 97  ? -0.78253  -4.51263  -4.50910  1.000 18.11463 ? 264 ILE A CG2 1 
ATOM   666  C CD1 . ILE A 1 97  ? -2.66246  -6.52278  -6.00018  1.000 23.57954 ? 264 ILE A CD1 1 
ATOM   667  N N   . VAL A 1 98  ? -0.68849  -1.31743  -5.88144  1.000 22.15164 ? 265 VAL A N   1 
ATOM   668  C CA  . VAL A 1 98  ? 0.39482   -0.35073  -5.67226  1.000 24.71418 ? 265 VAL A CA  1 
ATOM   669  C C   . VAL A 1 98  ? -0.14884  0.96912   -5.13704  1.000 26.65817 ? 265 VAL A C   1 
ATOM   670  O O   . VAL A 1 98  ? 0.53578   1.67698   -4.38036  1.000 23.92733 ? 265 VAL A O   1 
ATOM   671  C CB  . VAL A 1 98  ? 1.20405   -0.13712  -6.97373  1.000 24.32770 ? 265 VAL A CB  1 
ATOM   672  C CG1 . VAL A 1 98  ? 0.48031   0.82083   -7.91987  1.000 26.27251 ? 265 VAL A CG1 1 
ATOM   673  C CG2 . VAL A 1 98  ? 2.58970   0.41581   -6.64043  1.000 27.24437 ? 265 VAL A CG2 1 
ATOM   674  N N   . THR A 1 99  ? -1.37307  1.32811   -5.52031  1.000 23.46725 ? 266 THR A N   1 
ATOM   675  C CA  . THR A 1 99  ? -1.95901  2.57577   -5.04122  1.000 27.25919 ? 266 THR A CA  1 
ATOM   676  C C   . THR A 1 99  ? -2.29651  2.48100   -3.56145  1.000 25.06763 ? 266 THR A C   1 
ATOM   677  O O   . THR A 1 99  ? -2.04316  3.42616   -2.79655  1.000 27.31971 ? 266 THR A O   1 
ATOM   678  C CB  . THR A 1 99  ? -3.19681  2.91505   -5.86853  1.000 23.26349 ? 266 THR A CB  1 
ATOM   679  O OG1 . THR A 1 99  ? -2.81144  3.04114   -7.23721  1.000 25.32963 ? 266 THR A OG1 1 
ATOM   680  C CG2 . THR A 1 99  ? -3.83305  4.22216   -5.40964  1.000 23.64238 ? 266 THR A CG2 1 
ATOM   681  N N   . LEU A 1 100 ? -2.84281  1.33767   -3.13599  1.000 19.89261 ? 267 LEU A N   1 
ATOM   682  C CA  . LEU A 1 100 ? -3.15310  1.13787   -1.72544  1.000 20.69697 ? 267 LEU A CA  1 
ATOM   683  C C   . LEU A 1 100 ? -1.89044  1.13077   -0.87367  1.000 22.95151 ? 267 LEU A C   1 
ATOM   684  O O   . LEU A 1 100 ? -1.87778  1.67994   0.23601   1.000 25.91115 ? 267 LEU A O   1 
ATOM   685  C CB  . LEU A 1 100 ? -3.93372  -0.16621  -1.54132  1.000 24.29174 ? 267 LEU A CB  1 
ATOM   686  C CG  . LEU A 1 100 ? -5.37158  -0.20300  -2.06765  1.000 25.96863 ? 267 LEU A CG  1 
ATOM   687  C CD1 . LEU A 1 100 ? -5.91180  -1.65120  -2.01773  1.000 22.99300 ? 267 LEU A CD1 1 
ATOM   688  C CD2 . LEU A 1 100 ? -6.27318  0.75171   -1.28635  1.000 27.23128 ? 267 LEU A CD2 1 
ATOM   689  N N   . ILE A 1 101 ? -0.81845  0.50104   -1.36158  1.000 22.46779 ? 268 ILE A N   1 
ATOM   690  C CA  . ILE A 1 101 ? 0.43915   0.53226   -0.61604  1.000 25.78683 ? 268 ILE A CA  1 
ATOM   691  C C   . ILE A 1 101 ? 1.01045   1.94948   -0.60463  1.000 23.37779 ? 268 ILE A C   1 
ATOM   692  O O   . ILE A 1 101 ? 1.55224   2.40319   0.41145   1.000 25.47254 ? 268 ILE A O   1 
ATOM   693  C CB  . ILE A 1 101 ? 1.44738   -0.48082  -1.19760  1.000 25.06577 ? 268 ILE A CB  1 
ATOM   694  C CG1 . ILE A 1 101 ? 0.92085   -1.91344  -1.11343  1.000 20.31303 ? 268 ILE A CG1 1 
ATOM   695  C CG2 . ILE A 1 101 ? 2.75276   -0.43883  -0.41418  1.000 28.77250 ? 268 ILE A CG2 1 
ATOM   696  C CD1 . ILE A 1 101 ? 1.73064   -2.89575  -1.95129  1.000 23.13737 ? 268 ILE A CD1 1 
ATOM   697  N N   . SER A 1 102 ? 0.89236   2.67095   -1.72725  1.000 24.22494 ? 269 SER A N   1 
ATOM   698  C CA  . SER A 1 102 ? 1.35709   4.05765   -1.76832  1.000 25.21712 ? 269 SER A CA  1 
ATOM   699  C C   . SER A 1 102 ? 0.60672   4.92585   -0.77075  1.000 28.06206 ? 269 SER A C   1 
ATOM   700  O O   . SER A 1 102 ? 1.21469   5.74729   -0.07026  1.000 28.24240 ? 269 SER A O   1 
ATOM   701  C CB  . SER A 1 102 ? 1.23836   4.63082   -3.17458  1.000 28.93286 ? 269 SER A CB  1 
ATOM   702  O OG  . SER A 1 102 ? 2.07540   3.92916   -4.09236  1.000 31.00107 ? 269 SER A OG  1 
ATOM   703  N N   . PHE A 1 103 ? -0.71338  4.75721   -0.67371  1.000 25.61735 ? 270 PHE A N   1 
ATOM   704  C CA  . PHE A 1 103 ? -1.44875  5.52248   0.32990   1.000 24.20574 ? 270 PHE A CA  1 
ATOM   705  C C   . PHE A 1 103 ? -1.02990  5.12306   1.73717   1.000 27.30062 ? 270 PHE A C   1 
ATOM   706  O O   . PHE A 1 103 ? -0.86877  5.98697   2.61121   1.000 27.96643 ? 270 PHE A O   1 
ATOM   707  C CB  . PHE A 1 103 ? -2.95103  5.34887   0.14148   1.000 27.38580 ? 270 PHE A CB  1 
ATOM   708  C CG  . PHE A 1 103 ? -3.76995  6.15510   1.08609   1.000 29.08664 ? 270 PHE A CG  1 
ATOM   709  C CD1 . PHE A 1 103 ? -3.72171  7.53152   1.05148   1.000 32.68837 ? 270 PHE A CD1 1 
ATOM   710  C CD2 . PHE A 1 103 ? -4.58712  5.52956   2.01873   1.000 32.99431 ? 270 PHE A CD2 1 
ATOM   711  C CE1 . PHE A 1 103 ? -4.48077  8.27864   1.94598   1.000 32.34490 ? 270 PHE A CE1 1 
ATOM   712  C CE2 . PHE A 1 103 ? -5.35105  6.26744   2.90081   1.000 34.69568 ? 270 PHE A CE2 1 
ATOM   713  C CZ  . PHE A 1 103 ? -5.29564  7.64056   2.86151   1.000 32.03971 ? 270 PHE A CZ  1 
ATOM   714  N N   . GLY A 1 104 ? -0.81061  3.82098   1.96439   1.000 26.78564 ? 271 GLY A N   1 
ATOM   715  C CA  . GLY A 1 104 ? -0.29574  3.37527   3.25006   1.000 23.50421 ? 271 GLY A CA  1 
ATOM   716  C C   . GLY A 1 104 ? 1.00259   4.06583   3.61888   1.000 23.83404 ? 271 GLY A C   1 
ATOM   717  O O   . GLY A 1 104 ? 1.18521   4.49004   4.75821   1.000 27.63092 ? 271 GLY A O   1 
ATOM   718  N N   . ALA A 1 105 ? 1.90990   4.20899   2.65283   1.000 26.77621 ? 272 ALA A N   1 
ATOM   719  C CA  . ALA A 1 105 ? 3.14951   4.94917   2.89489   1.000 29.74034 ? 272 ALA A CA  1 
ATOM   720  C C   . ALA A 1 105 ? 2.87715   6.41361   3.24368   1.000 30.30478 ? 272 ALA A C   1 
ATOM   721  O O   . ALA A 1 105 ? 3.57996   7.00733   4.07383   1.000 32.95531 ? 272 ALA A O   1 
ATOM   722  C CB  . ALA A 1 105 ? 4.04136   4.87592   1.65715   1.000 24.66869 ? 272 ALA A CB  1 
ATOM   723  N N   . PHE A 1 106 ? 1.91162   7.02832   2.55900   1.000 28.92422 ? 273 PHE A N   1 
ATOM   724  C CA  . PHE A 1 106 ? 1.52321   8.40275   2.86494   1.000 31.93534 ? 273 PHE A CA  1 
ATOM   725  C C   . PHE A 1 106 ? 1.03185   8.51467   4.29795   1.000 31.64375 ? 273 PHE A C   1 
ATOM   726  O O   . PHE A 1 106 ? 1.31245   9.50522   4.98915   1.000 33.78428 ? 273 PHE A O   1 
ATOM   727  C CB  . PHE A 1 106 ? 0.44271   8.86149   1.88534   1.000 29.58667 ? 273 PHE A CB  1 
ATOM   728  C CG  . PHE A 1 106 ? 0.12608   10.33381  1.96116   1.000 31.98634 ? 273 PHE A CG  1 
ATOM   729  C CD1 . PHE A 1 106 ? 0.83646   11.24636  1.20498   1.000 32.13365 ? 273 PHE A CD1 1 
ATOM   730  C CD2 . PHE A 1 106 ? -0.89454  10.79475  2.77621   1.000 34.14206 ? 273 PHE A CD2 1 
ATOM   731  C CE1 . PHE A 1 106 ? 0.54153   12.60440  1.26546   1.000 38.31469 ? 273 PHE A CE1 1 
ATOM   732  C CE2 . PHE A 1 106 ? -1.19788  12.15515  2.83910   1.000 33.96014 ? 273 PHE A CE2 1 
ATOM   733  C CZ  . PHE A 1 106 ? -0.47015  13.05423  2.08595   1.000 36.53978 ? 273 PHE A CZ  1 
ATOM   734  N N   . VAL A 1 107 ? 0.31134   7.49378   4.76415   1.000 27.99116 ? 274 VAL A N   1 
ATOM   735  C CA  . VAL A 1 107 ? -0.20651  7.49109   6.12650   1.000 27.44281 ? 274 VAL A CA  1 
ATOM   736  C C   . VAL A 1 107 ? 0.93042   7.31005   7.12991   1.000 35.22582 ? 274 VAL A C   1 
ATOM   737  O O   . VAL A 1 107 ? 1.01776   8.03813   8.12488   1.000 34.12045 ? 274 VAL A O   1 
ATOM   738  C CB  . VAL A 1 107 ? -1.28786  6.40463   6.27630   1.000 29.76203 ? 274 VAL A CB  1 
ATOM   739  C CG1 . VAL A 1 107 ? -1.72594  6.26567   7.72382   1.000 32.52173 ? 274 VAL A CG1 1 
ATOM   740  C CG2 . VAL A 1 107 ? -2.47544  6.69930   5.36895   1.000 31.03722 ? 274 VAL A CG2 1 
ATOM   741  N N   . ALA A 1 108 ? 1.82780   6.34496   6.88178   1.000 32.26566 ? 275 ALA A N   1 
ATOM   742  C CA  . ALA A 1 108 ? 2.94667   6.12704   7.79859   1.000 33.83941 ? 275 ALA A CA  1 
ATOM   743  C C   . ALA A 1 108 ? 3.83967   7.36043   7.91890   1.000 37.09522 ? 275 ALA A C   1 
ATOM   744  O O   . ALA A 1 108 ? 4.41686   7.60419   8.98398   1.000 36.60707 ? 275 ALA A O   1 
ATOM   745  C CB  . ALA A 1 108 ? 3.78862   4.92989   7.34931   1.000 33.12801 ? 275 ALA A CB  1 
ATOM   746  N N   . LYS A 1 109 ? 3.99711   8.12329   6.83521   1.000 35.45957 ? 276 LYS A N   1 
ATOM   747  C CA  . LYS A 1 109 ? 4.72571   9.38384   6.92234   1.000 39.03340 ? 276 LYS A CA  1 
ATOM   748  C C   . LYS A 1 109 ? 4.08399   10.30775  7.94542   1.000 39.32650 ? 276 LYS A C   1 
ATOM   749  O O   . LYS A 1 109 ? 4.77707   10.93767  8.74650   1.000 42.47263 ? 276 LYS A O   1 
ATOM   750  C CB  . LYS A 1 109 ? 4.76737   10.06228  5.55512   1.000 37.37472 ? 276 LYS A CB  1 
ATOM   751  C CG  . LYS A 1 109 ? 5.74592   9.46106   4.56873   1.000 36.54961 ? 276 LYS A CG  1 
ATOM   752  C CD  . LYS A 1 109 ? 5.66274   10.21474  3.27095   1.000 34.58592 ? 276 LYS A CD  1 
ATOM   753  C CE  . LYS A 1 109 ? 6.62861   9.66046   2.25351   1.000 43.04825 ? 276 LYS A CE  1 
ATOM   754  N NZ  . LYS A 1 109 ? 6.32949   10.19894  0.89753   1.000 45.08000 ? 276 LYS A NZ  1 
ATOM   755  N N   . HIS A 1 110 ? 2.75670   10.39477  7.93468   1.000 41.42242 ? 277 HIS A N   1 
ATOM   756  C CA  . HIS A 1 110 ? 2.06945   11.27728  8.87013   1.000 43.83891 ? 277 HIS A CA  1 
ATOM   757  C C   . HIS A 1 110 ? 2.16620   10.74726  10.29439  1.000 42.23598 ? 277 HIS A C   1 
ATOM   758  O O   . HIS A 1 110 ? 2.38046   11.51977  11.23535  1.000 43.84043 ? 277 HIS A O   1 
ATOM   759  C CB  . HIS A 1 110 ? 0.60892   11.44599  8.44963   1.000 43.91793 ? 277 HIS A CB  1 
ATOM   760  C CG  . HIS A 1 110 ? -0.20226  12.26952  9.40030   1.000 44.80012 ? 277 HIS A CG  1 
ATOM   761  N ND1 . HIS A 1 110 ? -1.22436  11.73939  10.15657  1.000 49.07682 ? 277 HIS A ND1 1 
ATOM   762  C CD2 . HIS A 1 110 ? -0.14384  13.58428  9.71523   1.000 50.15857 ? 277 HIS A CD2 1 
ATOM   763  C CE1 . HIS A 1 110 ? -1.75851  12.69067  10.90181  1.000 50.80827 ? 277 HIS A CE1 1 
ATOM   764  N NE2 . HIS A 1 110 ? -1.12221  13.82048  10.65128  1.000 52.94773 ? 277 HIS A NE2 1 
ATOM   765  N N   . LEU A 1 111 ? 2.03392   9.42979   10.46788  1.000 41.92622 ? 278 LEU A N   1 
ATOM   766  C CA  . LEU A 1 111 ? 2.03905   8.85054   11.80712  1.000 41.03228 ? 278 LEU A CA  1 
ATOM   767  C C   . LEU A 1 111 ? 3.36968   9.09019   12.50200  1.000 45.38238 ? 278 LEU A C   1 
ATOM   768  O O   . LEU A 1 111 ? 3.41229   9.30479   13.71786  1.000 45.48469 ? 278 LEU A O   1 
ATOM   769  C CB  . LEU A 1 111 ? 1.73882   7.35511   11.73714  1.000 43.06208 ? 278 LEU A CB  1 
ATOM   770  C CG  . LEU A 1 111 ? 0.27541   6.99491   11.46345  1.000 45.19037 ? 278 LEU A CG  1 
ATOM   771  C CD1 . LEU A 1 111 ? 0.12765   5.48872   11.32894  1.000 48.63873 ? 278 LEU A CD1 1 
ATOM   772  C CD2 . LEU A 1 111 ? -0.62533  7.53086   12.55807  1.000 47.62095 ? 278 LEU A CD2 1 
ATOM   773  N N   . LYS A 1 112 ? 4.47061   9.05537   11.74663  1.000 43.08454 ? 279 LYS A N   1 
ATOM   774  C CA  . LYS A 1 112 ? 5.76686   9.33437   12.35452  1.000 46.04804 ? 279 LYS A CA  1 
ATOM   775  C C   . LYS A 1 112 ? 5.86586   10.78635  12.81286  1.000 48.02892 ? 279 LYS A C   1 
ATOM   776  O O   . LYS A 1 112 ? 6.47075   11.06174  13.85655  1.000 50.73628 ? 279 LYS A O   1 
ATOM   777  C CB  . LYS A 1 112 ? 6.90435   9.00337   11.38539  1.000 42.13486 ? 279 LYS A CB  1 
ATOM   778  C CG  . LYS A 1 112 ? 8.24179   8.82111   12.08965  1.000 51.37216 ? 279 LYS A CG  1 
ATOM   779  C CD  . LYS A 1 112 ? 9.41345   9.28558   11.25033  1.000 53.94987 ? 279 LYS A CD  1 
ATOM   780  C CE  . LYS A 1 112 ? 10.69774  9.37654   12.07521  1.000 54.35713 ? 279 LYS A CE  1 
ATOM   781  N NZ  . LYS A 1 112 ? 11.11467  8.05281   12.62032  1.000 58.45528 ? 279 LYS A NZ  1 
ATOM   782  N N   . THR A 1 113 ? 5.26579   11.72135  12.06688  1.000 44.73147 ? 280 THR A N   1 
ATOM   783  C CA  . THR A 1 113 ? 5.35812   13.13265  12.44020  1.000 49.55366 ? 280 THR A CA  1 
ATOM   784  C C   . THR A 1 113 ? 4.66020   13.40482  13.76766  1.000 48.67249 ? 280 THR A C   1 
ATOM   785  O O   . THR A 1 113 ? 5.14336   14.21199  14.57318  1.000 51.65749 ? 280 THR A O   1 
ATOM   786  C CB  . THR A 1 113 ? 4.76799   14.02315  11.34427  1.000 48.80955 ? 280 THR A CB  1 
ATOM   787  O OG1 . THR A 1 113 ? 3.33965   13.88824  11.33326  1.000 48.98231 ? 280 THR A OG1 1 
ATOM   788  C CG2 . THR A 1 113 ? 5.33285   13.64729  9.97211   1.000 42.87876 ? 280 THR A CG2 1 
ATOM   789  N N   . ILE A 1 114 ? 3.53271   12.73953  14.01983  1.000 44.08859 ? 281 ILE A N   1 
ATOM   790  C CA  . ILE A 1 114 ? 2.81177   12.89997  15.27933  1.000 45.57678 ? 281 ILE A CA  1 
ATOM   791  C C   . ILE A 1 114 ? 3.35838   11.91317  16.30616  1.000 51.18775 ? 281 ILE A C   1 
ATOM   792  O O   . ILE A 1 114 ? 2.72129   11.64377  17.33045  1.000 53.62555 ? 281 ILE A O   1 
ATOM   793  C CB  . ILE A 1 114 ? 1.29371   12.73661  15.07246  1.000 48.05071 ? 281 ILE A CB  1 
ATOM   794  C CG1 . ILE A 1 114 ? 0.90781   11.27017  14.89849  1.000 52.94066 ? 281 ILE A CG1 1 
ATOM   795  C CG2 . ILE A 1 114 ? 0.84043   13.50737  13.84651  1.000 47.66533 ? 281 ILE A CG2 1 
ATOM   796  C CD1 . ILE A 1 114 ? -0.53582  11.06798  14.49393  1.000 48.30309 ? 281 ILE A CD1 1 
ATOM   797  N N   . ASN A 1 115 ? 4.56130   11.40054  16.04473  1.000 51.02254 ? 282 ASN A N   1 
ATOM   798  C CA  . ASN A 1 115 ? 5.25616   10.41776  16.88356  1.000 52.93023 ? 282 ASN A CA  1 
ATOM   799  C C   . ASN A 1 115 ? 4.34219   9.25096   17.25624  1.000 56.07983 ? 282 ASN A C   1 
ATOM   800  O O   . ASN A 1 115 ? 4.13581   8.92028   18.42742  1.000 50.00123 ? 282 ASN A O   1 
ATOM   801  C CB  . ASN A 1 115 ? 5.85768   11.06443  18.13316  1.000 58.47462 ? 282 ASN A CB  1 
ATOM   802  C CG  . ASN A 1 115 ? 7.05429   10.28602  18.66596  1.000 61.21329 ? 282 ASN A CG  1 
ATOM   803  O OD1 . ASN A 1 115 ? 6.90096   9.22910   19.28745  1.000 62.52808 ? 282 ASN A OD1 1 
ATOM   804  N ND2 . ASN A 1 115 ? 8.25478   10.79386  18.40054  1.000 55.41241 ? 282 ASN A ND2 1 
ATOM   805  N N   . GLN A 1 116 ? 3.80003   8.62192   16.22011  1.000 52.01685 ? 283 GLN A N   1 
ATOM   806  C CA  . GLN A 1 116 ? 3.06996   7.37105   16.34410  1.000 54.20413 ? 283 GLN A CA  1 
ATOM   807  C C   . GLN A 1 116 ? 3.78050   6.26345   15.56992  1.000 53.04215 ? 283 GLN A C   1 
ATOM   808  O O   . GLN A 1 116 ? 3.14607   5.45355   14.89056  1.000 51.72703 ? 283 GLN A O   1 
ATOM   809  C CB  . GLN A 1 116 ? 1.62524   7.53527   15.87697  1.000 52.49103 ? 283 GLN A CB  1 
ATOM   810  C CG  . GLN A 1 116 ? 0.75672   8.34744   16.83892  1.000 55.82614 ? 283 GLN A CG  1 
ATOM   811  C CD  . GLN A 1 116 ? 0.56115   7.66296   18.18800  1.000 60.63657 ? 283 GLN A CD  1 
ATOM   812  O OE1 . GLN A 1 116 ? 0.44710   6.43741   18.26990  1.000 59.91909 ? 283 GLN A OE1 1 
ATOM   813  N NE2 . GLN A 1 116 ? 0.52265   8.45752   19.25374  1.000 63.16925 ? 283 GLN A NE2 1 
ATOM   814  N N   . GLU A 1 117 ? 5.11916   6.22543   15.66460  1.000 53.40610 ? 284 GLU A N   1 
ATOM   815  C CA  . GLU A 1 117 ? 5.90293   5.13208   15.08566  1.000 52.30302 ? 284 GLU A CA  1 
ATOM   816  C C   . GLU A 1 117 ? 5.45797   3.77205   15.60205  1.000 53.38193 ? 284 GLU A C   1 
ATOM   817  O O   . GLU A 1 117 ? 5.68099   2.75377   14.93222  1.000 55.55786 ? 284 GLU A O   1 
ATOM   818  C CB  . GLU A 1 117 ? 7.39273   5.32040   15.38448  1.000 53.80796 ? 284 GLU A CB  1 
ATOM   819  C CG  . GLU A 1 117 ? 7.95051   6.66469   14.97451  1.000 55.81045 ? 284 GLU A CG  1 
ATOM   820  C CD  . GLU A 1 117 ? 8.04299   7.65201   16.13220  1.000 60.89914 ? 284 GLU A CD  1 
ATOM   821  O OE1 . GLU A 1 117 ? 7.19595   7.58282   17.05075  1.000 61.59131 ? 284 GLU A OE1 1 
ATOM   822  O OE2 . GLU A 1 117 ? 8.96080   8.50360   16.12270  1.000 57.69180 ? 284 GLU A OE2 1 
ATOM   823  N N   . SER A 1 118 ? 4.84664   3.73767   16.78458  1.000 52.30597 ? 285 SER A N   1 
ATOM   824  C CA  . SER A 1 118 ? 4.14231   2.57267   17.30202  1.000 55.44463 ? 285 SER A CA  1 
ATOM   825  C C   . SER A 1 118 ? 3.27981   1.90329   16.23121  1.000 54.58622 ? 285 SER A C   1 
ATOM   826  O O   . SER A 1 118 ? 3.12482   0.67553   16.21922  1.000 49.60118 ? 285 SER A O   1 
ATOM   827  C CB  . SER A 1 118 ? 3.28110   3.00296   18.49448  1.000 49.67268 ? 285 SER A CB  1 
ATOM   828  O OG  . SER A 1 118 ? 2.31998   2.01836   18.83462  1.000 62.88452 ? 285 SER A OG  1 
ATOM   829  N N   . CYS A 1 119 ? 2.73659   2.69960   15.31139  1.000 52.91125 ? 286 CYS A N   1 
ATOM   830  C CA  . CYS A 1 119 ? 1.70177   2.24445   14.39136  1.000 53.03705 ? 286 CYS A CA  1 
ATOM   831  C C   . CYS A 1 119 ? 2.21546   1.86966   13.00374  1.000 48.60013 ? 286 CYS A C   1 
ATOM   832  O O   . CYS A 1 119 ? 1.41832   1.39370   12.18453  1.000 42.53030 ? 286 CYS A O   1 
ATOM   833  C CB  . CYS A 1 119 ? 0.62287   3.32508   14.24642  1.000 55.13729 ? 286 CYS A CB  1 
ATOM   834  S SG  . CYS A 1 119 ? 0.02135   3.98194   15.81248  1.000 59.81219 ? 286 CYS A SG  1 
ATOM   835  N N   . ILE A 1 120 ? 3.50449   2.08065   12.70649  1.000 48.91525 ? 287 ILE A N   1 
ATOM   836  C CA  . ILE A 1 120 ? 3.99155   1.85986   11.34252  1.000 44.51968 ? 287 ILE A CA  1 
ATOM   837  C C   . ILE A 1 120 ? 3.85388   0.38937   10.96417  1.000 46.63406 ? 287 ILE A C   1 
ATOM   838  O O   . ILE A 1 120 ? 3.15877   0.03475   10.00182  1.000 41.43567 ? 287 ILE A O   1 
ATOM   839  C CB  . ILE A 1 120 ? 5.44076   2.35326   11.18343  1.000 48.32211 ? 287 ILE A CB  1 
ATOM   840  C CG1 . ILE A 1 120 ? 5.57772   3.76754   11.74446  1.000 50.75092 ? 287 ILE A CG1 1 
ATOM   841  C CG2 . ILE A 1 120 ? 5.85164   2.33871   9.70271   1.000 42.02234 ? 287 ILE A CG2 1 
ATOM   842  C CD1 . ILE A 1 120 ? 4.68037   4.78278   11.06590  1.000 41.65066 ? 287 ILE A CD1 1 
ATOM   843  N N   . GLU A 1 121 ? 4.49147   -0.49843  11.73260  1.000 48.76641 ? 288 GLU A N   1 
ATOM   844  C CA  . GLU A 1 121 ? 4.39324   -1.91512  11.38001  1.000 48.69411 ? 288 GLU A CA  1 
ATOM   845  C C   . GLU A 1 121 ? 2.97120   -2.45434  11.46526  1.000 42.00607 ? 288 GLU A C   1 
ATOM   846  O O   . GLU A 1 121 ? 2.55907   -3.17730  10.53588  1.000 37.97238 ? 288 GLU A O   1 
ATOM   847  C CB  . GLU A 1 121 ? 5.35100   -2.75356  12.22176  1.000 50.02719 ? 288 GLU A CB  1 
ATOM   848  C CG  . GLU A 1 121 ? 5.39695   -4.14250  11.64318  1.000 55.65091 ? 288 GLU A CG  1 
ATOM   849  C CD  . GLU A 1 121 ? 4.41012   -5.10367  12.30346  1.000 56.17496 ? 288 GLU A CD  1 
ATOM   850  O OE1 . GLU A 1 121 ? 4.31128   -6.26249  11.83588  1.000 56.56435 ? 288 GLU A OE1 1 
ATOM   851  O OE2 . GLU A 1 121 ? 3.76718   -4.71651  13.30864  1.000 54.15279 ? 288 GLU A OE2 1 
ATOM   852  N N   . PRO A 1 122 ? 2.18257   -2.20724  12.52838  1.000 43.97528 ? 289 PRO A N   1 
ATOM   853  C CA  . PRO A 1 122 ? 0.77194   -2.63933  12.48796  1.000 40.15071 ? 289 PRO A CA  1 
ATOM   854  C C   . PRO A 1 122 ? 0.04713   -2.15012  11.24294  1.000 38.55759 ? 289 PRO A C   1 
ATOM   855  O O   . PRO A 1 122 ? -0.80933  -2.85818  10.70760  1.000 35.74706 ? 289 PRO A O   1 
ATOM   856  C CB  . PRO A 1 122 ? 0.18094   -2.03361  13.76428  1.000 45.28983 ? 289 PRO A CB  1 
ATOM   857  C CG  . PRO A 1 122 ? 1.36699   -1.85728  14.68948  1.000 40.88611 ? 289 PRO A CG  1 
ATOM   858  C CD  . PRO A 1 122 ? 2.52093   -1.53453  13.80436  1.000 44.97602 ? 289 PRO A CD  1 
ATOM   859  N N   . LEU A 1 123 ? 0.38486   -0.95324  10.76019  1.000 39.66701 ? 290 LEU A N   1 
ATOM   860  C CA  . LEU A 1 123 ? -0.16668  -0.47933  9.49711   1.000 35.36175 ? 290 LEU A CA  1 
ATOM   861  C C   . LEU A 1 123 ? 0.22969   -1.39863  8.34603   1.000 35.76994 ? 290 LEU A C   1 
ATOM   862  O O   . LEU A 1 123 ? -0.62484  -1.83721  7.56917   1.000 32.74080 ? 290 LEU A O   1 
ATOM   863  C CB  . LEU A 1 123 ? 0.28996   0.95331   9.23387   1.000 32.71117 ? 290 LEU A CB  1 
ATOM   864  C CG  . LEU A 1 123 ? -0.25765  1.55060   7.94189   1.000 39.69874 ? 290 LEU A CG  1 
ATOM   865  C CD1 . LEU A 1 123 ? -1.75824  1.43275   7.95212   1.000 40.38517 ? 290 LEU A CD1 1 
ATOM   866  C CD2 . LEU A 1 123 ? 0.16702   3.00074   7.76937   1.000 37.70672 ? 290 LEU A CD2 1 
ATOM   867  N N   . ALA A 1 124 ? 1.52658   -1.70357  8.22059   1.000 31.71129 ? 291 ALA A N   1 
ATOM   868  C CA  . ALA A 1 124 ? 1.98457   -2.61505  7.16828   1.000 30.19942 ? 291 ALA A CA  1 
ATOM   869  C C   . ALA A 1 124 ? 1.37847   -4.00629  7.30733   1.000 30.07664 ? 291 ALA A C   1 
ATOM   870  O O   . ALA A 1 124 ? 1.13228   -4.68241  6.29815   1.000 29.58007 ? 291 ALA A O   1 
ATOM   871  C CB  . ALA A 1 124 ? 3.50614   -2.72966  7.18740   1.000 33.38214 ? 291 ALA A CB  1 
ATOM   872  N N   . GLU A 1 125 ? 1.15166   -4.45561  8.54190   1.000 30.18228 ? 292 GLU A N   1 
ATOM   873  C CA  . GLU A 1 125 ? 0.52658   -5.75374  8.76547   1.000 32.19756 ? 292 GLU A CA  1 
ATOM   874  C C   . GLU A 1 125 ? -0.92509  -5.75395  8.31346   1.000 31.85722 ? 292 GLU A C   1 
ATOM   875  O O   . GLU A 1 125 ? -1.39719  -6.73553  7.73175   1.000 27.26884 ? 292 GLU A O   1 
ATOM   876  C CB  . GLU A 1 125 ? 0.61034   -6.13144  10.24373  1.000 35.80456 ? 292 GLU A CB  1 
ATOM   877  C CG  . GLU A 1 125 ? 1.54851   -7.26817  10.54817  1.000 42.15654 ? 292 GLU A CG  1 
ATOM   878  C CD  . GLU A 1 125 ? 1.38845   -7.80186  11.96631  1.000 50.46214 ? 292 GLU A CD  1 
ATOM   879  O OE1 . GLU A 1 125 ? 0.29646   -8.32463  12.30247  1.000 48.38531 ? 292 GLU A OE1 1 
ATOM   880  O OE2 . GLU A 1 125 ? 2.35983   -7.69766  12.74593  1.000 53.78812 ? 292 GLU A OE2 1 
ATOM   881  N N   . SER A 1 126 ? -1.66465  -4.67986  8.60176   1.000 31.99782 ? 293 SER A N   1 
ATOM   882  C CA  . SER A 1 126 ? -3.05572  -4.64233  8.17373   1.000 31.23141 ? 293 SER A CA  1 
ATOM   883  C C   . SER A 1 126 ? -3.14779  -4.64502  6.65614   1.000 27.41027 ? 293 SER A C   1 
ATOM   884  O O   . SER A 1 126 ? -4.00445  -5.32187  6.07870   1.000 28.23675 ? 293 SER A O   1 
ATOM   885  C CB  . SER A 1 126 ? -3.76278  -3.41621  8.75355   1.000 32.79240 ? 293 SER A CB  1 
ATOM   886  O OG  . SER A 1 126 ? -3.38363  -2.25146  8.05229   1.000 35.08400 ? 293 SER A OG  1 
ATOM   887  N N   . ILE A 1 127 ? -2.27826  -3.88865  5.98841   1.000 24.05463 ? 294 ILE A N   1 
ATOM   888  C CA  . ILE A 1 127 ? -2.29632  -3.86880  4.53008   1.000 25.03180 ? 294 ILE A CA  1 
ATOM   889  C C   . ILE A 1 127 ? -2.01863  -5.26814  3.99240   1.000 25.59527 ? 294 ILE A C   1 
ATOM   890  O O   . ILE A 1 127 ? -2.74925  -5.79419  3.13989   1.000 24.38007 ? 294 ILE A O   1 
ATOM   891  C CB  . ILE A 1 127 ? -1.27572  -2.84585  3.99488   1.000 26.12475 ? 294 ILE A CB  1 
ATOM   892  C CG1 . ILE A 1 127 ? -1.66917  -1.41604  4.39887   1.000 28.64441 ? 294 ILE A CG1 1 
ATOM   893  C CG2 . ILE A 1 127 ? -1.15278  -2.96431  2.49033   1.000 27.78966 ? 294 ILE A CG2 1 
ATOM   894  C CD1 . ILE A 1 127 ? -0.61324  -0.37186  4.00543   1.000 28.27699 ? 294 ILE A CD1 1 
ATOM   895  N N   . THR A 1 128 ? -0.96381  -5.89702  4.50442   1.000 23.40130 ? 295 THR A N   1 
ATOM   896  C CA  . THR A 1 128 ? -0.59136  -7.24078  4.05989   1.000 22.27406 ? 295 THR A CA  1 
ATOM   897  C C   . THR A 1 128 ? -1.71566  -8.23801  4.33220   1.000 23.82207 ? 295 THR A C   1 
ATOM   898  O O   . THR A 1 128 ? -2.01349  -9.10002  3.49396   1.000 25.23163 ? 295 THR A O   1 
ATOM   899  C CB  . THR A 1 128 ? 0.68990   -7.66430  4.78406   1.000 23.41672 ? 295 THR A CB  1 
ATOM   900  O OG1 . THR A 1 128 ? 1.70010   -6.66440  4.60199   1.000 24.71159 ? 295 THR A OG1 1 
ATOM   901  C CG2 . THR A 1 128 ? 1.21605   -9.00247  4.26787   1.000 22.91493 ? 295 THR A CG2 1 
ATOM   902  N N   . ASP A 1 129 ? -2.32507  -8.14568  5.51743   1.000 22.39990 ? 296 ASP A N   1 
ATOM   903  C CA  . ASP A 1 129 ? -3.42748  -9.01666  5.91818   1.000 22.73300 ? 296 ASP A CA  1 
ATOM   904  C C   . ASP A 1 129 ? -4.51391  -9.06237  4.85179   1.000 24.38587 ? 296 ASP A C   1 
ATOM   905  O O   . ASP A 1 129 ? -4.88077  -10.13653 4.36389   1.000 24.56170 ? 296 ASP A O   1 
ATOM   906  C CB  . ASP A 1 129 ? -4.02463  -8.52459  7.24420   1.000 28.98007 ? 296 ASP A CB  1 
ATOM   907  C CG  . ASP A 1 129 ? -3.21302  -8.95670  8.46773   1.000 32.67611 ? 296 ASP A CG  1 
ATOM   908  O OD1 . ASP A 1 129 ? -2.28132  -9.78648  8.32552   1.000 30.84427 ? 296 ASP A OD1 1 
ATOM   909  O OD2 . ASP A 1 129 ? -3.52208  -8.46056  9.58019   1.000 33.38728 ? 296 ASP A OD2 1 
ATOM   910  N N   . VAL A 1 130 ? -5.03457  -7.88700  4.47757   1.000 24.89947 ? 297 VAL A N   1 
ATOM   911  C CA  . VAL A 1 130 ? -6.12977  -7.81009  3.50807   1.000 22.26737 ? 297 VAL A CA  1 
ATOM   912  C C   . VAL A 1 130 ? -5.69393  -8.36112  2.16555   1.000 24.50291 ? 297 VAL A C   1 
ATOM   913  O O   . VAL A 1 130 ? -6.41863  -9.13806  1.52946   1.000 25.01699 ? 297 VAL A O   1 
ATOM   914  C CB  . VAL A 1 130 ? -6.63587  -6.36208  3.37446   1.000 27.38793 ? 297 VAL A CB  1 
ATOM   915  C CG1 . VAL A 1 130 ? -7.62271  -6.24600  2.21277   1.000 28.70226 ? 297 VAL A CG1 1 
ATOM   916  C CG2 . VAL A 1 130 ? -7.28894  -5.93615  4.66027   1.000 27.90278 ? 297 VAL A CG2 1 
ATOM   917  N N   . LEU A 1 131 ? -4.50558  -7.95579  1.70581   1.000 24.60449 ? 298 LEU A N   1 
ATOM   918  C CA  . LEU A 1 131 ? -4.02181  -8.38293  0.39879   1.000 28.00902 ? 298 LEU A CA  1 
ATOM   919  C C   . LEU A 1 131 ? -3.91808  -9.89561  0.31294   1.000 27.29479 ? 298 LEU A C   1 
ATOM   920  O O   . LEU A 1 131 ? -4.44301  -10.52279 -0.61571  1.000 25.40500 ? 298 LEU A O   1 
ATOM   921  C CB  . LEU A 1 131 ? -2.64577  -7.78191  0.13385   1.000 29.62649 ? 298 LEU A CB  1 
ATOM   922  C CG  . LEU A 1 131 ? -2.55582  -6.36253  -0.36168  1.000 31.70224 ? 298 LEU A CG  1 
ATOM   923  C CD1 . LEU A 1 131 ? -1.09578  -6.18186  -0.77015  1.000 33.91529 ? 298 LEU A CD1 1 
ATOM   924  C CD2 . LEU A 1 131 ? -3.52519  -6.14912  -1.54113  1.000 33.73437 ? 298 LEU A CD2 1 
ATOM   925  N N   . VAL A 1 132 ? -3.19872  -10.49752 1.25741   1.000 23.23365 ? 299 VAL A N   1 
ATOM   926  C CA  . VAL A 1 132 ? -2.91256  -11.91761 1.15122   1.000 22.42526 ? 299 VAL A CA  1 
ATOM   927  C C   . VAL A 1 132 ? -4.16461  -12.73667 1.41899   1.000 27.28245 ? 299 VAL A C   1 
ATOM   928  O O   . VAL A 1 132 ? -4.42868  -13.72599 0.73059   1.000 26.42771 ? 299 VAL A O   1 
ATOM   929  C CB  . VAL A 1 132 ? -1.75921  -12.30103 2.09189   1.000 18.73584 ? 299 VAL A CB  1 
ATOM   930  C CG1 . VAL A 1 132 ? -1.53361  -13.79110 2.06264   1.000 24.78119 ? 299 VAL A CG1 1 
ATOM   931  C CG2 . VAL A 1 132 ? -0.48323  -11.56746 1.66537   1.000 22.19387 ? 299 VAL A CG2 1 
ATOM   932  N N   . ARG A 1 133 ? -4.96328  -12.35086 2.41148   1.000 24.36757 ? 300 ARG A N   1 
ATOM   933  C CA  . ARG A 1 133 ? -6.08683  -13.21397 2.75648   1.000 24.01259 ? 300 ARG A CA  1 
ATOM   934  C C   . ARG A 1 133 ? -7.17242  -13.16175 1.68820   1.000 23.62486 ? 300 ARG A C   1 
ATOM   935  O O   . ARG A 1 133 ? -7.68566  -14.20499 1.25962   1.000 28.19926 ? 300 ARG A O   1 
ATOM   936  C CB  . ARG A 1 133 ? -6.66927  -12.84477 4.11143   1.000 22.81203 ? 300 ARG A CB  1 
ATOM   937  C CG  . ARG A 1 133 ? -8.02791  -13.52725 4.31591   1.000 29.88755 ? 300 ARG A CG  1 
ATOM   938  C CD  . ARG A 1 133 ? -8.55441  -13.31420 5.69103   1.000 31.11994 ? 300 ARG A CD  1 
ATOM   939  N NE  . ARG A 1 133 ? -7.76100  -14.02261 6.68355   1.000 34.27541 ? 300 ARG A NE  1 
ATOM   940  C CZ  . ARG A 1 133 ? -7.88194  -13.82215 7.98853   1.000 36.20738 ? 300 ARG A CZ  1 
ATOM   941  N NH1 . ARG A 1 133 ? -8.75416  -12.92033 8.43914   1.000 38.25286 ? 300 ARG A NH1 1 
ATOM   942  N NH2 . ARG A 1 133 ? -7.12354  -14.50332 8.83464   1.000 39.17143 ? 300 ARG A NH2 1 
ATOM   943  N N   . THR A 1 134 ? -7.54813  -11.96365 1.24561   1.000 23.02412 ? 301 THR A N   1 
ATOM   944  C CA  . THR A 1 134 ? -8.65842  -11.88548 0.29727   1.000 23.75375 ? 301 THR A CA  1 
ATOM   945  C C   . THR A 1 134 ? -8.21557  -12.09774 -1.14004  1.000 24.35747 ? 301 THR A C   1 
ATOM   946  O O   . THR A 1 134 ? -9.06360  -12.39003 -1.99185  1.000 21.47183 ? 301 THR A O   1 
ATOM   947  C CB  . THR A 1 134 ? -9.38962  -10.53492 0.39636   1.000 24.45598 ? 301 THR A CB  1 
ATOM   948  O OG1 . THR A 1 134 ? -8.52991  -9.47967  -0.05098  1.000 26.41673 ? 301 THR A OG1 1 
ATOM   949  C CG2 . THR A 1 134 ? -9.83499  -10.27003 1.83279   1.000 26.27723 ? 301 THR A CG2 1 
ATOM   950  N N   . LYS A 1 135 ? -6.92070  -11.95790 -1.44272  1.000 23.09825 ? 302 LYS A N   1 
ATOM   951  C CA  . LYS A 1 135 ? -6.47497  -12.08106 -2.82769  1.000 26.24567 ? 302 LYS A CA  1 
ATOM   952  C C   . LYS A 1 135 ? -5.40705  -13.14737 -3.03009  1.000 22.27279 ? 302 LYS A C   1 
ATOM   953  O O   . LYS A 1 135 ? -4.75082  -13.14722 -4.07684  1.000 20.71033 ? 302 LYS A O   1 
ATOM   954  C CB  . LYS A 1 135 ? -5.95470  -10.74070 -3.35241  1.000 23.13731 ? 302 LYS A CB  1 
ATOM   955  C CG  . LYS A 1 135 ? -6.96244  -9.59442  -3.26202  1.000 22.44637 ? 302 LYS A CG  1 
ATOM   956  C CD  . LYS A 1 135 ? -8.15546  -9.85929  -4.12846  1.000 25.52116 ? 302 LYS A CD  1 
ATOM   957  C CE  . LYS A 1 135 ? -9.18351  -8.75458  -4.00668  1.000 31.05266 ? 302 LYS A CE  1 
ATOM   958  N NZ  . LYS A 1 135 ? -10.28987 -8.93545  -5.00707  1.000 29.09556 ? 302 LYS A NZ  1 
ATOM   959  N N   . ARG A 1 136 ? -5.23441  -14.07198 -2.07942  1.000 22.23572 ? 303 ARG A N   1 
ATOM   960  C CA  . ARG A 1 136 ? -4.10284  -14.99594 -2.14168  1.000 20.96469 ? 303 ARG A CA  1 
ATOM   961  C C   . ARG A 1 136 ? -3.94795  -15.65146 -3.51388  1.000 24.90532 ? 303 ARG A C   1 
ATOM   962  O O   . ARG A 1 136 ? -2.86465  -15.61012 -4.10679  1.000 21.77289 ? 303 ARG A O   1 
ATOM   963  C CB  . ARG A 1 136 ? -4.22293  -16.07785 -1.07311  1.000 26.61383 ? 303 ARG A CB  1 
ATOM   964  C CG  . ARG A 1 136 ? -2.92379  -16.86995 -0.95840  1.000 30.76655 ? 303 ARG A CG  1 
ATOM   965  C CD  . ARG A 1 136 ? -3.04918  -18.00685 0.02252   1.000 33.37655 ? 303 ARG A CD  1 
ATOM   966  N NE  . ARG A 1 136 ? -4.22947  -18.80823 -0.27843  1.000 39.58331 ? 303 ARG A NE  1 
ATOM   967  C CZ  . ARG A 1 136 ? -4.20509  -19.90714 -1.02238  1.000 38.82145 ? 303 ARG A CZ  1 
ATOM   968  N NH1 . ARG A 1 136 ? -3.05006  -20.32979 -1.52511  1.000 45.62619 ? 303 ARG A NH1 1 
ATOM   969  N NH2 . ARG A 1 136 ? -5.32460  -20.58945 -1.25970  1.000 41.21766 ? 303 ARG A NH2 1 
ATOM   970  N N   . ASP A 1 137 ? -5.01031  -16.27921 -4.03243  1.000 21.16357 ? 304 ASP A N   1 
ATOM   971  C CA  . ASP A 1 137 ? -4.85783  -17.06026 -5.26114  1.000 23.21690 ? 304 ASP A CA  1 
ATOM   972  C C   . ASP A 1 137 ? -4.64044  -16.17155 -6.48791  1.000 23.22731 ? 304 ASP A C   1 
ATOM   973  O O   . ASP A 1 137 ? -3.93919  -16.57446 -7.42817  1.000 22.46492 ? 304 ASP A O   1 
ATOM   974  C CB  . ASP A 1 137 ? -6.07399  -17.98411 -5.45618  1.000 26.21288 ? 304 ASP A CB  1 
ATOM   975  C CG  . ASP A 1 137 ? -6.01334  -19.23833 -4.56310  1.000 29.86396 ? 304 ASP A CG  1 
ATOM   976  O OD1 . ASP A 1 137 ? -4.96418  -19.47411 -3.93037  1.000 29.96423 ? 304 ASP A OD1 1 
ATOM   977  O OD2 . ASP A 1 137 ? -7.01628  -19.98350 -4.48381  1.000 28.41663 ? 304 ASP A OD2 1 
ATOM   978  N N   . TRP A 1 138 ? -5.22594  -14.96987 -6.50721  1.000 18.37698 ? 305 TRP A N   1 
ATOM   979  C CA  . TRP A 1 138 ? -4.95209  -14.03101 -7.58683  1.000 18.55392 ? 305 TRP A CA  1 
ATOM   980  C C   . TRP A 1 138 ? -3.47887  -13.65133 -7.59218  1.000 22.67306 ? 305 TRP A C   1 
ATOM   981  O O   . TRP A 1 138 ? -2.83230  -13.62520 -8.64271  1.000 24.92696 ? 305 TRP A O   1 
ATOM   982  C CB  . TRP A 1 138 ? -5.80576  -12.77073 -7.41837  1.000 21.80560 ? 305 TRP A CB  1 
ATOM   983  C CG  . TRP A 1 138 ? -5.71215  -11.80475 -8.54652  1.000 23.10541 ? 305 TRP A CG  1 
ATOM   984  C CD1 . TRP A 1 138 ? -6.56011  -11.70505 -9.62059  1.000 24.12217 ? 305 TRP A CD1 1 
ATOM   985  C CD2 . TRP A 1 138 ? -4.72543  -10.77081 -8.71576  1.000 23.00561 ? 305 TRP A CD2 1 
ATOM   986  N NE1 . TRP A 1 138 ? -6.16116  -10.67041 -10.43832 1.000 23.70087 ? 305 TRP A NE1 1 
ATOM   987  C CE2 . TRP A 1 138 ? -5.03224  -10.09222 -9.91013  1.000 24.28111 ? 305 TRP A CE2 1 
ATOM   988  C CE3 . TRP A 1 138 ? -3.61124  -10.35402 -7.96717  1.000 22.32938 ? 305 TRP A CE3 1 
ATOM   989  C CZ2 . TRP A 1 138 ? -4.26322  -9.01711  -10.37749 1.000 22.36641 ? 305 TRP A CZ2 1 
ATOM   990  C CZ3 . TRP A 1 138 ? -2.85951  -9.29111  -8.43153  1.000 20.07082 ? 305 TRP A CZ3 1 
ATOM   991  C CH2 . TRP A 1 138 ? -3.18642  -8.63637  -9.62119  1.000 25.24630 ? 305 TRP A CH2 1 
ATOM   992  N N   . LEU A 1 139 ? -2.93358  -13.37561 -6.41314  1.000 18.91279 ? 306 LEU A N   1 
ATOM   993  C CA  . LEU A 1 139 ? -1.51128  -13.08796 -6.30166  1.000 23.16888 ? 306 LEU A CA  1 
ATOM   994  C C   . LEU A 1 139 ? -0.67345  -14.25022 -6.82867  1.000 23.73865 ? 306 LEU A C   1 
ATOM   995  O O   . LEU A 1 139 ? 0.30406   -14.04754 -7.55533  1.000 24.40052 ? 306 LEU A O   1 
ATOM   996  C CB  . LEU A 1 139 ? -1.16427  -12.79859 -4.83870  1.000 19.22258 ? 306 LEU A CB  1 
ATOM   997  C CG  . LEU A 1 139 ? -1.69248  -11.48660 -4.26807  1.000 19.82847 ? 306 LEU A CG  1 
ATOM   998  C CD1 . LEU A 1 139 ? -1.45544  -11.43850 -2.75555  1.000 21.49530 ? 306 LEU A CD1 1 
ATOM   999  C CD2 . LEU A 1 139 ? -0.97738  -10.31891 -4.94792  1.000 22.57240 ? 306 LEU A CD2 1 
ATOM   1000 N N   . VAL A 1 140 ? -1.00740  -15.47525 -6.42015  1.000 22.89435 ? 307 VAL A N   1 
ATOM   1001 C CA  . VAL A 1 140 ? -0.21225  -16.62871 -6.83568  1.000 25.81877 ? 307 VAL A CA  1 
ATOM   1002 C C   . VAL A 1 140 ? -0.30848  -16.81661 -8.34649  1.000 26.72227 ? 307 VAL A C   1 
ATOM   1003 O O   . VAL A 1 140 ? 0.70365   -16.98467 -9.03767  1.000 26.25696 ? 307 VAL A O   1 
ATOM   1004 C CB  . VAL A 1 140 ? -0.65456  -17.88703 -6.06906  1.000 23.29706 ? 307 VAL A CB  1 
ATOM   1005 C CG1 . VAL A 1 140 ? 0.03180   -19.11883 -6.63694  1.000 27.65841 ? 307 VAL A CG1 1 
ATOM   1006 C CG2 . VAL A 1 140 ? -0.32898  -17.73430 -4.60883  1.000 24.81620 ? 307 VAL A CG2 1 
ATOM   1007 N N   . LYS A 1 141 ? -1.52701  -16.75159 -8.88535  1.000 23.83130 ? 308 LYS A N   1 
ATOM   1008 C CA  . LYS A 1 141 ? -1.70935  -16.89242 -10.32246 1.000 26.64271 ? 308 LYS A CA  1 
ATOM   1009 C C   . LYS A 1 141 ? -0.89404  -15.85520 -11.08560 1.000 31.76208 ? 308 LYS A C   1 
ATOM   1010 O O   . LYS A 1 141 ? -0.35747  -16.15128 -12.16044 1.000 28.99532 ? 308 LYS A O   1 
ATOM   1011 C CB  . LYS A 1 141 ? -3.19147  -16.77806 -10.67924 1.000 31.59173 ? 308 LYS A CB  1 
ATOM   1012 C CG  . LYS A 1 141 ? -3.47399  -16.81259 -12.18845 1.000 35.86993 ? 308 LYS A CG  1 
ATOM   1013 C CD  . LYS A 1 141 ? -4.13578  -15.51909 -12.66403 1.000 38.83671 ? 308 LYS A CD  1 
ATOM   1014 C CE  . LYS A 1 141 ? -5.50302  -15.28783 -11.99983 1.000 41.35756 ? 308 LYS A CE  1 
ATOM   1015 N NZ  . LYS A 1 141 ? -6.02683  -13.91527 -12.29311 1.000 32.50038 ? 308 LYS A NZ  1 
ATOM   1016 N N   . GLN A 1 142 ? -0.76560  -14.64218 -10.53158 1.000 25.75355 ? 309 GLN A N   1 
ATOM   1017 C CA  . GLN A 1 142 ? -0.03160  -13.55020 -11.16769 1.000 25.57848 ? 309 GLN A CA  1 
ATOM   1018 C C   . GLN A 1 142 ? 1.46771   -13.61000 -10.92321 1.000 27.76684 ? 309 GLN A C   1 
ATOM   1019 O O   . GLN A 1 142 ? 2.17162   -12.67749 -11.32647 1.000 28.16201 ? 309 GLN A O   1 
ATOM   1020 C CB  . GLN A 1 142 ? -0.55042  -12.19835 -10.66155 1.000 30.79868 ? 309 GLN A CB  1 
ATOM   1021 C CG  . GLN A 1 142 ? -1.99098  -11.89359 -11.05153 1.000 31.77294 ? 309 GLN A CG  1 
ATOM   1022 C CD  . GLN A 1 142 ? -2.13485  -11.60964 -12.51585 1.000 34.43769 ? 309 GLN A CD  1 
ATOM   1023 O OE1 . GLN A 1 142 ? -1.40635  -10.77853 -13.05564 1.000 41.15444 ? 309 GLN A OE1 1 
ATOM   1024 N NE2 . GLN A 1 142 ? -3.07992  -12.28932 -13.17816 1.000 32.60821 ? 309 GLN A NE2 1 
ATOM   1025 N N   . ARG A 1 143 ? 1.96434   -14.66766 -10.27798 1.000 22.98098 ? 310 ARG A N   1 
ATOM   1026 C CA  . ARG A 1 143 ? 3.38707   -14.87450 -10.01479 1.000 28.12974 ? 310 ARG A CA  1 
ATOM   1027 C C   . ARG A 1 143 ? 3.89154   -13.96579 -8.89618  1.000 28.81993 ? 310 ARG A C   1 
ATOM   1028 O O   . ARG A 1 143 ? 5.08192   -13.64494 -8.82751  1.000 25.17983 ? 310 ARG A O   1 
ATOM   1029 C CB  . ARG A 1 143 ? 4.23980   -14.70601 -11.28484 1.000 29.38213 ? 310 ARG A CB  1 
ATOM   1030 C CG  . ARG A 1 143 ? 3.88906   -15.69380 -12.41552 1.000 31.18448 ? 310 ARG A CG  1 
ATOM   1031 C CD  . ARG A 1 143 ? 4.71779   -15.43018 -13.67716 1.000 33.68985 ? 310 ARG A CD  1 
ATOM   1032 N NE  . ARG A 1 143 ? 4.48506   -14.09682 -14.23859 1.000 36.61211 ? 310 ARG A NE  1 
ATOM   1033 C CZ  . ARG A 1 143 ? 3.42438   -13.78118 -14.97924 1.000 36.69917 ? 310 ARG A CZ  1 
ATOM   1034 N NH1 . ARG A 1 143 ? 2.50138   -14.69949 -15.25033 1.000 36.80589 ? 310 ARG A NH1 1 
ATOM   1035 N NH2 . ARG A 1 143 ? 3.27750   -12.55490 -15.44844 1.000 38.59433 ? 310 ARG A NH2 1 
ATOM   1036 N N   . GLY A 1 144 ? 2.99310   -13.56431 -8.00136  1.000 25.76813 ? 311 GLY A N   1 
ATOM   1037 C CA  . GLY A 1 144 ? 3.41489   -12.85297 -6.80734  1.000 22.29182 ? 311 GLY A CA  1 
ATOM   1038 C C   . GLY A 1 144 ? 4.22045   -11.60059 -7.09087  1.000 23.19681 ? 311 GLY A C   1 
ATOM   1039 O O   . GLY A 1 144 ? 3.92599   -10.81541 -8.00293  1.000 23.11000 ? 311 GLY A O   1 
ATOM   1040 N N   . TRP A 1 145 ? 5.24433   -11.38713 -6.26855  1.000 24.87923 ? 312 TRP A N   1 
ATOM   1041 C CA  . TRP A 1 145 ? 6.00273   -10.15539 -6.38569  1.000 23.59966 ? 312 TRP A CA  1 
ATOM   1042 C C   . TRP A 1 145 ? 6.84810   -10.14248 -7.64758  1.000 28.04238 ? 312 TRP A C   1 
ATOM   1043 O O   . TRP A 1 145 ? 7.23451   -9.06504  -8.10654  1.000 30.93570 ? 312 TRP A O   1 
ATOM   1044 C CB  . TRP A 1 145 ? 6.85018   -9.95644  -5.13227  1.000 24.17163 ? 312 TRP A CB  1 
ATOM   1045 C CG  . TRP A 1 145 ? 5.97080   -9.58926  -3.95796  1.000 25.16899 ? 312 TRP A CG  1 
ATOM   1046 C CD1 . TRP A 1 145 ? 5.56854   -10.40361 -2.93718  1.000 26.80928 ? 312 TRP A CD1 1 
ATOM   1047 C CD2 . TRP A 1 145 ? 5.36576   -8.32196  -3.72518  1.000 24.88340 ? 312 TRP A CD2 1 
ATOM   1048 N NE1 . TRP A 1 145 ? 4.75361   -9.70948  -2.07203  1.000 25.18010 ? 312 TRP A NE1 1 
ATOM   1049 C CE2 . TRP A 1 145 ? 4.60672   -8.43065  -2.54234  1.000 26.43389 ? 312 TRP A CE2 1 
ATOM   1050 C CE3 . TRP A 1 145 ? 5.40247   -7.09613  -4.39712  1.000 27.00347 ? 312 TRP A CE3 1 
ATOM   1051 C CZ2 . TRP A 1 145 ? 3.89890   -7.36041  -2.01382  1.000 25.28090 ? 312 TRP A CZ2 1 
ATOM   1052 C CZ3 . TRP A 1 145 ? 4.68807   -6.03844  -3.88178  1.000 29.25627 ? 312 TRP A CZ3 1 
ATOM   1053 C CH2 . TRP A 1 145 ? 3.94932   -6.17274  -2.69745  1.000 27.78181 ? 312 TRP A CH2 1 
ATOM   1054 N N   . ASP A 1 146 ? 7.10949   -11.30732 -8.24325  1.000 26.24643 ? 313 ASP A N   1 
ATOM   1055 C CA  . ASP A 1 146 ? 7.71013   -11.30161 -9.57615  1.000 28.24917 ? 313 ASP A CA  1 
ATOM   1056 C C   . ASP A 1 146 ? 6.75618   -10.72440 -10.62146 1.000 29.88471 ? 313 ASP A C   1 
ATOM   1057 O O   . ASP A 1 146 ? 7.20105   -10.04619 -11.55682 1.000 30.43225 ? 313 ASP A O   1 
ATOM   1058 C CB  . ASP A 1 146 ? 8.15037   -12.71652 -9.96740  1.000 29.51327 ? 313 ASP A CB  1 
ATOM   1059 C CG  . ASP A 1 146 ? 9.45137   -13.14400 -9.27762  1.000 35.39979 ? 313 ASP A CG  1 
ATOM   1060 O OD1 . ASP A 1 146 ? 10.39655  -12.32683 -9.19000  1.000 37.89913 ? 313 ASP A OD1 1 
ATOM   1061 O OD2 . ASP A 1 146 ? 9.52708   -14.29696 -8.81385  1.000 37.96889 ? 313 ASP A OD2 1 
ATOM   1062 N N   . GLY A 1 147 ? 5.44665   -10.96295 -10.49099 1.000 28.16223 ? 314 GLY A N   1 
ATOM   1063 C CA  . GLY A 1 147 ? 4.51199   -10.36467 -11.44076 1.000 25.64931 ? 314 GLY A CA  1 
ATOM   1064 C C   . GLY A 1 147 ? 4.36651   -8.86476  -11.24474 1.000 29.58218 ? 314 GLY A C   1 
ATOM   1065 O O   . GLY A 1 147 ? 4.18497   -8.10889  -12.21108 1.000 28.41294 ? 314 GLY A O   1 
ATOM   1066 N N   . PHE A 1 148 ? 4.40773   -8.42028  -9.98767  1.000 27.76297 ? 315 PHE A N   1 
ATOM   1067 C CA  . PHE A 1 148 ? 4.40752   -6.99308  -9.66939  1.000 26.41204 ? 315 PHE A CA  1 
ATOM   1068 C C   . PHE A 1 148 ? 5.54109   -6.27064  -10.39327 1.000 26.41235 ? 315 PHE A C   1 
ATOM   1069 O O   . PHE A 1 148 ? 5.32366   -5.25931  -11.07400 1.000 30.06358 ? 315 PHE A O   1 
ATOM   1070 C CB  . PHE A 1 148 ? 4.54756   -6.84689  -8.15032  1.000 26.06844 ? 315 PHE A CB  1 
ATOM   1071 C CG  . PHE A 1 148 ? 4.65784   -5.43134  -7.64895  1.000 27.52129 ? 315 PHE A CG  1 
ATOM   1072 C CD1 . PHE A 1 148 ? 3.51880   -4.66410  -7.43709  1.000 28.68586 ? 315 PHE A CD1 1 
ATOM   1073 C CD2 . PHE A 1 148 ? 5.88928   -4.91102  -7.29455  1.000 27.93317 ? 315 PHE A CD2 1 
ATOM   1074 C CE1 . PHE A 1 148 ? 3.61351   -3.37576  -6.93184  1.000 26.69028 ? 315 PHE A CE1 1 
ATOM   1075 C CE2 . PHE A 1 148 ? 6.00023   -3.64510  -6.78814  1.000 27.85959 ? 315 PHE A CE2 1 
ATOM   1076 C CZ  . PHE A 1 148 ? 4.86317   -2.86204  -6.60919  1.000 29.32865 ? 315 PHE A CZ  1 
ATOM   1077 N N   . VAL A 1 149 ? 6.76221   -6.78183  -10.24123 1.000 25.20914 ? 316 VAL A N   1 
ATOM   1078 C CA  . VAL A 1 149 ? 7.93790   -6.18238  -10.87417 1.000 27.76989 ? 316 VAL A CA  1 
ATOM   1079 C C   . VAL A 1 149 ? 7.76603   -6.13813  -12.38949 1.000 29.36282 ? 316 VAL A C   1 
ATOM   1080 O O   . VAL A 1 149 ? 8.01315   -5.10966  -13.03353 1.000 33.45259 ? 316 VAL A O   1 
ATOM   1081 C CB  . VAL A 1 149 ? 9.20166   -6.96398  -10.47254 1.000 27.51430 ? 316 VAL A CB  1 
ATOM   1082 C CG1 . VAL A 1 149 ? 10.36247  -6.63331  -11.39690 1.000 35.76410 ? 316 VAL A CG1 1 
ATOM   1083 C CG2 . VAL A 1 149 ? 9.56665   -6.69632  -9.01732  1.000 28.44202 ? 316 VAL A CG2 1 
ATOM   1084 N N   . GLU A 1 150 ? 7.34954   -7.25968  -12.98424 1.000 32.72414 ? 317 GLU A N   1 
ATOM   1085 C CA  . GLU A 1 150 ? 7.22095   -7.30861  -14.43959 1.000 32.78833 ? 317 GLU A CA  1 
ATOM   1086 C C   . GLU A 1 150 ? 6.12428   -6.37234  -14.92356 1.000 34.57826 ? 317 GLU A C   1 
ATOM   1087 O O   . GLU A 1 150 ? 6.25722   -5.74763  -15.98246 1.000 33.46059 ? 317 GLU A O   1 
ATOM   1088 C CB  . GLU A 1 150 ? 6.95182   -8.74253  -14.90726 1.000 37.48271 ? 317 GLU A CB  1 
ATOM   1089 C CG  . GLU A 1 150 ? 6.38598   -8.83427  -16.33676 1.000 37.38880 ? 317 GLU A CG  1 
ATOM   1090 C CD  . GLU A 1 150 ? 6.60920   -10.18374 -16.98773 1.000 43.11713 ? 317 GLU A CD  1 
ATOM   1091 O OE1 . GLU A 1 150 ? 6.03558   -10.43215 -18.07565 1.000 53.18401 ? 317 GLU A OE1 1 
ATOM   1092 O OE2 . GLU A 1 150 ? 7.35736   -11.00433 -16.41528 1.000 48.82931 ? 317 GLU A OE2 1 
ATOM   1093 N N   . PHE A 1 151 ? 5.03546   -6.24682  -14.15194 1.000 30.97271 ? 318 PHE A N   1 
ATOM   1094 C CA  . PHE A 1 151 ? 3.96029   -5.33433  -14.53437 1.000 32.23489 ? 318 PHE A CA  1 
ATOM   1095 C C   . PHE A 1 151 ? 4.45513   -3.89441  -14.63889 1.000 29.85852 ? 318 PHE A C   1 
ATOM   1096 O O   . PHE A 1 151 ? 4.05772   -3.15517  -15.55112 1.000 29.50238 ? 318 PHE A O   1 
ATOM   1097 C CB  . PHE A 1 151 ? 2.80344   -5.41878  -13.53257 1.000 29.18673 ? 318 PHE A CB  1 
ATOM   1098 C CG  . PHE A 1 151 ? 1.59218   -4.60688  -13.93853 1.000 32.73974 ? 318 PHE A CG  1 
ATOM   1099 C CD1 . PHE A 1 151 ? 0.64708   -5.13143  -14.82319 1.000 29.74550 ? 318 PHE A CD1 1 
ATOM   1100 C CD2 . PHE A 1 151 ? 1.40014   -3.33176  -13.43085 1.000 30.91916 ? 318 PHE A CD2 1 
ATOM   1101 C CE1 . PHE A 1 151 ? -0.45534  -4.38691  -15.19391 1.000 33.39773 ? 318 PHE A CE1 1 
ATOM   1102 C CE2 . PHE A 1 151 ? 0.29762   -2.57769  -13.79431 1.000 29.26216 ? 318 PHE A CE2 1 
ATOM   1103 C CZ  . PHE A 1 151 ? -0.63287  -3.09943  -14.67437 1.000 29.67353 ? 318 PHE A CZ  1 
ATOM   1104 N N   . PHE A 1 152 ? 5.30263   -3.46688  -13.70495 1.000 29.33488 ? 319 PHE A N   1 
ATOM   1105 C CA  . PHE A 1 152 ? 5.77141   -2.08495  -13.67405 1.000 34.07025 ? 319 PHE A CA  1 
ATOM   1106 C C   . PHE A 1 152 ? 7.16928   -1.92230  -14.27449 1.000 33.32138 ? 319 PHE A C   1 
ATOM   1107 O O   . PHE A 1 152 ? 7.76735   -0.85095  -14.14053 1.000 36.53954 ? 319 PHE A O   1 
ATOM   1108 C CB  . PHE A 1 152 ? 5.75437   -1.55250  -12.24457 1.000 32.12444 ? 319 PHE A CB  1 
ATOM   1109 C CG  . PHE A 1 152 ? 4.37085   -1.37631  -11.66797 1.000 30.07176 ? 319 PHE A CG  1 
ATOM   1110 C CD1 . PHE A 1 152 ? 3.54384   -0.34947  -12.10952 1.000 26.50206 ? 319 PHE A CD1 1 
ATOM   1111 C CD2 . PHE A 1 152 ? 3.91054   -2.22249  -10.67341 1.000 30.75776 ? 319 PHE A CD2 1 
ATOM   1112 C CE1 . PHE A 1 152 ? 2.28570   -0.17670  -11.57059 1.000 29.48452 ? 319 PHE A CE1 1 
ATOM   1113 C CE2 . PHE A 1 152 ? 2.64590   -2.05018  -10.12469 1.000 28.53977 ? 319 PHE A CE2 1 
ATOM   1114 C CZ  . PHE A 1 152 ? 1.83579   -1.02837  -10.58032 1.000 28.22813 ? 319 PHE A CZ  1 
ATOM   1115 N N   . HIS A 1 153 ? 7.68503   -2.96354  -14.92795 1.000 36.69831 ? 320 HIS A N   1 
ATOM   1116 C CA  . HIS A 1 153 ? 9.03275   -2.97656  -15.50227 1.000 35.60445 ? 320 HIS A CA  1 
ATOM   1117 C C   . HIS A 1 153 ? 9.21479   -1.88788  -16.55467 1.000 43.89011 ? 320 HIS A C   1 
ATOM   1118 O O   . HIS A 1 153 ? 8.31063   -1.63099  -17.35244 1.000 37.71716 ? 320 HIS A O   1 
ATOM   1119 C CB  . HIS A 1 153 ? 9.28501   -4.35632  -16.12966 1.000 39.82347 ? 320 HIS A CB  1 
ATOM   1120 C CG  . HIS A 1 153 ? 10.63158  -4.51980  -16.76692 1.000 45.83686 ? 320 HIS A CG  1 
ATOM   1121 N ND1 . HIS A 1 153 ? 10.80874  -4.52930  -18.13457 1.000 55.44324 ? 320 HIS A ND1 1 
ATOM   1122 C CD2 . HIS A 1 153 ? 11.85689  -4.72242  -16.22833 1.000 47.37419 ? 320 HIS A CD2 1 
ATOM   1123 C CE1 . HIS A 1 153 ? 12.08825  -4.71046  -18.41263 1.000 52.61732 ? 320 HIS A CE1 1 
ATOM   1124 N NE2 . HIS A 1 153 ? 12.74653  -4.82840  -17.27286 1.000 56.31386 ? 320 HIS A NE2 1 
ATOM   1125 N N   . VAL A 1 154 ? 10.42470  -1.30115  -16.57996 1.000 46.11586 ? 321 VAL A N   1 
ATOM   1126 C CA  . VAL A 1 154 ? 10.88678  -0.23196  -17.50247 1.000 47.46575 ? 321 VAL A CA  1 
ATOM   1127 C C   . VAL A 1 154 ? 9.82366   0.35173   -18.42496 1.000 50.82204 ? 321 VAL A C   1 
ATOM   1128 O O   . VAL A 1 154 ? 10.13232  1.07012   -19.37911 1.000 61.17977 ? 321 VAL A O   1 
ATOM   1129 C CB  . VAL A 1 154 ? 12.09492  -0.72583  -18.36963 1.000 42.38291 ? 321 VAL A CB  1 
ATOM   1130 C CG1 . VAL A 1 154 ? 13.09307  -1.49977  -17.52312 1.000 47.14792 ? 321 VAL A CG1 1 
ATOM   1131 C CG2 . VAL A 1 154 ? 11.63340  -1.55691  -19.56272 1.000 49.87925 ? 321 VAL A CG2 1 
HETATM 1132 C C13 . QX7 B 2 1   ? -16.66248 12.49404  1.11561   0.843 41.34964 ? 401 QX7 B C13 1 
HETATM 1133 C C20 . QX7 B 2 1   ? -17.35054 11.28412  3.49825   0.843 33.66279 ? 401 QX7 B C20 1 
HETATM 1134 C C21 . QX7 B 2 1   ? -17.43615 10.56115  2.31208   0.843 39.19252 ? 401 QX7 B C21 1 
HETATM 1135 C C22 . QX7 B 2 1   ? -17.90590 9.11017   2.35748   0.843 32.98912 ? 401 QX7 B C22 1 
HETATM 1136 C C   . QX7 B 2 1   ? -14.16650 8.48118   -2.49292  0.843 29.57026 ? 401 QX7 B C   1 
HETATM 1137 C CA  . QX7 B 2 1   ? -15.65962 8.73297   -2.66748  0.843 34.61306 ? 401 QX7 B CA  1 
HETATM 1138 C C06 . QX7 B 2 1   ? -16.56892 6.49112   -2.18226  0.843 39.97201 ? 401 QX7 B C06 1 
HETATM 1139 C C07 . QX7 B 2 1   ? -17.43973 5.56440   -1.33571  0.843 35.16398 ? 401 QX7 B C07 1 
HETATM 1140 C CB  . QX7 B 2 1   ? -16.01772 10.21698  -2.53977  0.843 33.51359 ? 401 QX7 B CB  1 
HETATM 1141 C C11 . QX7 B 2 1   ? -17.14660 10.48861  -0.26662  0.843 39.38973 ? 401 QX7 B C11 1 
HETATM 1142 C C12 . QX7 B 2 1   ? -17.08894 11.17107  1.10764   0.843 37.40807 ? 401 QX7 B C12 1 
HETATM 1143 C C14 . QX7 B 2 1   ? -16.57341 13.20931  2.29502   0.843 40.80047 ? 401 QX7 B C14 1 
HETATM 1144 C C19 . QX7 B 2 1   ? -16.91696 12.60357  3.49276   0.843 37.67099 ? 401 QX7 B C19 1 
HETATM 1145 N N   . QX7 B 2 1   ? -16.47472 7.89643   -1.81081  0.843 30.99761 ? 401 QX7 B N   1 
HETATM 1146 N N10 . QX7 B 2 1   ? -16.05958 10.76085  -1.19832  0.843 32.17555 ? 401 QX7 B N10 1 
HETATM 1147 O O   . QX7 B 2 1   ? -13.40469 8.75231   -3.45393  0.843 31.42612 ? 401 QX7 B O   1 
HETATM 1148 O O08 . QX7 B 2 1   ? -15.97010 6.07255   -3.13434  0.843 32.07775 ? 401 QX7 B O08 1 
HETATM 1149 O O16 . QX7 B 2 1   ? -15.86153 15.34955  0.83635   0.843 42.97534 ? 401 QX7 B O16 1 
HETATM 1150 O O18 . QX7 B 2 1   ? -17.02663 15.77461  2.87700   0.843 45.41814 ? 401 QX7 B O18 1 
HETATM 1151 O O23 . QX7 B 2 1   ? -18.05312 9.79164   -0.59448  0.843 38.45123 ? 401 QX7 B O23 1 
HETATM 1152 S S15 . QX7 B 2 1   ? -16.00455 14.93638  2.23842   0.843 48.48301 ? 401 QX7 B S15 1 
ATOM   1153 N N   . ILE B 2 2   ? -13.63067 8.10638   -1.22356  1.000 30.07492 ? 1   ILE B N   1 
ATOM   1154 C CA  . ILE B 2 2   ? -12.22971 7.71500   -1.13615  1.000 32.93445 ? 1   ILE B CA  1 
ATOM   1155 C C   . ILE B 2 2   ? -11.96509 6.48394   -2.00881  1.000 32.25611 ? 1   ILE B C   1 
ATOM   1156 O O   . ILE B 2 2   ? -11.00582 6.46262   -2.79411  1.000 28.89590 ? 1   ILE B O   1 
ATOM   1157 C CB  . ILE B 2 2   ? -11.82275 7.46488   0.31984   1.000 33.05587 ? 1   ILE B CB  1 
ATOM   1158 C CG1 . ILE B 2 2   ? -11.77634 8.79008   1.09134   1.000 34.19665 ? 1   ILE B CG1 1 
ATOM   1159 C CG2 . ILE B 2 2   ? -10.47896 6.77176   0.38494   1.000 30.74594 ? 1   ILE B CG2 1 
ATOM   1160 C CD1 . ILE B 2 2   ? -11.85476 8.61348   2.59978   1.000 36.72819 ? 1   ILE B CD1 1 
ATOM   1161 N N   . ALA B 2 3   ? -12.84377 5.48165   -1.88596  1.000 29.21891 ? 2   ALA B N   1 
ATOM   1162 C CA  . ALA B 2 3   ? -12.72668 4.27558   -2.70124  1.000 26.35044 ? 2   ALA B CA  1 
ATOM   1163 C C   . ALA B 2 3   ? -12.77774 4.60538   -4.18599  1.000 26.89102 ? 2   ALA B C   1 
ATOM   1164 O O   . ALA B 2 3   ? -11.97316 4.09499   -4.97252  1.000 26.70710 ? 2   ALA B O   1 
ATOM   1165 C CB  . ALA B 2 3   ? -13.83313 3.28420   -2.32670  1.000 28.67854 ? 2   ALA B CB  1 
ATOM   1166 N N   . GLU B 2 4   ? -13.69501 5.49200   -4.59810  1.000 30.35518 ? 3   GLU B N   1 
ATOM   1167 C CA  . GLU B 2 4   ? -13.78467 5.77689   -6.02673  1.000 32.31927 ? 3   GLU B CA  1 
ATOM   1168 C C   . GLU B 2 4   ? -12.49034 6.38670   -6.55239  1.000 28.51604 ? 3   GLU B C   1 
ATOM   1169 O O   . GLU B 2 4   ? -12.06862 6.07839   -7.67146  1.000 31.09184 ? 3   GLU B O   1 
ATOM   1170 C CB  . GLU B 2 4   ? -14.97712 6.68430   -6.33629  1.000 34.41348 ? 3   GLU B CB  1 
ATOM   1171 C CG  . GLU B 2 4   ? -15.62193 6.35301   -7.69298  1.000 47.75988 ? 3   GLU B CG  1 
ATOM   1172 C CD  . GLU B 2 4   ? -16.47143 5.07030   -7.65606  1.000 52.34370 ? 3   GLU B CD  1 
ATOM   1173 O OE1 . GLU B 2 4   ? -17.65557 5.15472   -7.25411  1.000 54.92093 ? 3   GLU B OE1 1 
ATOM   1174 O OE2 . GLU B 2 4   ? -15.95388 3.98067   -8.02261  1.000 51.63886 ? 3   GLU B OE2 1 
ATOM   1175 N N   . GLN B 2 5   ? -11.81397 7.19402   -5.73857  1.000 30.95790 ? 4   GLN B N   1 
ATOM   1176 C CA  . GLN B 2 5   ? -10.57616 7.83308   -6.18372  1.000 30.69232 ? 4   GLN B CA  1 
ATOM   1177 C C   . GLN B 2 5   ? -9.42451  6.83741   -6.24301  1.000 28.02688 ? 4   GLN B C   1 
ATOM   1178 O O   . GLN B 2 5   ? -8.66061  6.80846   -7.21722  1.000 28.35194 ? 4   GLN B O   1 
ATOM   1179 C CB  . GLN B 2 5   ? -10.22516 8.97460   -5.24870  1.000 31.97801 ? 4   GLN B CB  1 
ATOM   1180 C CG  . GLN B 2 5   ? -11.14540 10.16661  -5.35080  1.000 39.46679 ? 4   GLN B CG  1 
ATOM   1181 C CD  . GLN B 2 5   ? -10.72814 11.24178  -4.38768  1.000 37.71361 ? 4   GLN B CD  1 
ATOM   1182 O OE1 . GLN B 2 5   ? -11.19109 11.27802  -3.24430  1.000 41.90357 ? 4   GLN B OE1 1 
ATOM   1183 N NE2 . GLN B 2 5   ? -9.81305  12.10543  -4.82586  1.000 31.49765 ? 4   GLN B NE2 1 
ATOM   1184 N N   . LEU B 2 6   ? -9.26404  6.02545   -5.19703  1.000 27.23764 ? 5   LEU B N   1 
ATOM   1185 C CA  . LEU B 2 6   ? -8.19078  5.03948   -5.22359  1.000 28.43380 ? 5   LEU B CA  1 
ATOM   1186 C C   . LEU B 2 6   ? -8.38498  4.05948   -6.37154  1.000 28.19314 ? 5   LEU B C   1 
ATOM   1187 O O   . LEU B 2 6   ? -7.41486  3.66514   -7.03822  1.000 25.45620 ? 5   LEU B O   1 
ATOM   1188 C CB  . LEU B 2 6   ? -8.11551  4.31621   -3.88458  1.000 27.84987 ? 5   LEU B CB  1 
ATOM   1189 C CG  . LEU B 2 6   ? -7.74995  5.20039   -2.69156  1.000 30.34555 ? 5   LEU B CG  1 
ATOM   1190 C CD1 . LEU B 2 6   ? -8.10831  4.47650   -1.41596  1.000 30.70923 ? 5   LEU B CD1 1 
ATOM   1191 C CD2 . LEU B 2 6   ? -6.25574  5.56066   -2.72021  1.000 28.08028 ? 5   LEU B CD2 1 
ATOM   1192 N N   . ARG B 2 7   ? -9.63663  3.65947   -6.62269  1.000 26.89237 ? 6   ARG B N   1 
ATOM   1193 C CA  . ARG B 2 7   ? -9.92317  2.79676   -7.76488  1.000 24.98825 ? 6   ARG B CA  1 
ATOM   1194 C C   . ARG B 2 7   ? -9.51218  3.46051   -9.07168  1.000 28.49614 ? 6   ARG B C   1 
ATOM   1195 O O   . ARG B 2 7   ? -8.92322  2.82150   -9.95628  1.000 28.89050 ? 6   ARG B O   1 
ATOM   1196 C CB  . ARG B 2 7   ? -11.41222 2.45683   -7.80221  1.000 26.37221 ? 6   ARG B CB  1 
ATOM   1197 C CG  . ARG B 2 7   ? -11.83128 1.40120   -6.81406  1.000 22.87657 ? 6   ARG B CG  1 
ATOM   1198 C CD  . ARG B 2 7   ? -13.28802 1.04771   -7.03820  1.000 28.35856 ? 6   ARG B CD  1 
ATOM   1199 N NE  . ARG B 2 7   ? -13.84230 0.25060   -5.95349  1.000 22.56595 ? 6   ARG B NE  1 
ATOM   1200 C CZ  . ARG B 2 7   ? -15.13837 0.20112   -5.65669  1.000 25.85348 ? 6   ARG B CZ  1 
ATOM   1201 N NH1 . ARG B 2 7   ? -16.02705 0.92633   -6.34923  1.000 25.20530 ? 6   ARG B NH1 1 
ATOM   1202 N NH2 . ARG B 2 7   ? -15.55061 -0.56094  -4.65609  1.000 22.39200 ? 6   ARG B NH2 1 
ATOM   1203 N N   . ARG B 2 8   ? -9.85567  4.73864   -9.22892  1.000 29.76909 ? 7   ARG B N   1 
ATOM   1204 C CA  . ARG B 2 8   ? -9.55650  5.43377   -10.47504 1.000 32.42924 ? 7   ARG B CA  1 
ATOM   1205 C C   . ARG B 2 8   ? -8.05540  5.53455   -10.68456 1.000 26.37812 ? 7   ARG B C   1 
ATOM   1206 O O   . ARG B 2 8   ? -7.54861  5.22347   -11.76817 1.000 31.11016 ? 7   ARG B O   1 
ATOM   1207 C CB  . ARG B 2 8   ? -10.20263 6.82007   -10.46720 1.000 32.10706 ? 7   ARG B CB  1 
ATOM   1208 C CG  . ARG B 2 8   ? -9.95152  7.61423   -11.71824 1.000 41.36993 ? 7   ARG B CG  1 
ATOM   1209 C CD  . ARG B 2 8   ? -10.75071 8.90122   -11.69413 1.000 42.59997 ? 7   ARG B CD  1 
ATOM   1210 N NE  . ARG B 2 8   ? -12.18835 8.65568   -11.61309 1.000 46.99277 ? 7   ARG B NE  1 
ATOM   1211 C CZ  . ARG B 2 8   ? -12.95170 9.03731   -10.59072 1.000 49.20646 ? 7   ARG B CZ  1 
ATOM   1212 N NH1 . ARG B 2 8   ? -14.25681 8.78069   -10.59888 1.000 48.60249 ? 7   ARG B NH1 1 
ATOM   1213 N NH2 . ARG B 2 8   ? -12.41059 9.68174   -9.56012  1.000 44.68483 ? 7   ARG B NH2 1 
ATOM   1214 N N   . ILE B 2 9   ? -7.32645  5.93342   -9.64157  1.000 27.17701 ? 8   ILE B N   1 
ATOM   1215 C CA  . ILE B 2 9   ? -5.86566  6.00961   -9.71885  1.000 29.25772 ? 8   ILE B CA  1 
ATOM   1216 C C   . ILE B 2 9   ? -5.27813  4.66493   -10.12620 1.000 31.71553 ? 8   ILE B C   1 
ATOM   1217 O O   . ILE B 2 9   ? -4.43272  4.57892   -11.02849 1.000 31.93918 ? 8   ILE B O   1 
ATOM   1218 C CB  . ILE B 2 9   ? -5.28566  6.48813   -8.37744  1.000 30.67580 ? 8   ILE B CB  1 
ATOM   1219 C CG1 . ILE B 2 9   ? -5.75514  7.91118   -8.08792  1.000 31.76711 ? 8   ILE B CG1 1 
ATOM   1220 C CG2 . ILE B 2 9   ? -3.76693  6.44231   -8.40252  1.000 32.48328 ? 8   ILE B CG2 1 
ATOM   1221 C CD1 . ILE B 2 9   ? -5.47090  8.35310   -6.68425  1.000 33.59380 ? 8   ILE B CD1 1 
ATOM   1222 N N   . GLY B 2 10  ? -5.73258  3.58824   -9.47663  1.000 30.06886 ? 9   GLY B N   1 
ATOM   1223 C CA  . GLY B 2 10  ? -5.15055  2.28443   -9.74111  1.000 24.67314 ? 9   GLY B CA  1 
ATOM   1224 C C   . GLY B 2 10  ? -5.52646  1.74632   -11.10595 1.000 28.20730 ? 9   GLY B C   1 
ATOM   1225 O O   . GLY B 2 10  ? -4.70108  1.13589   -11.79313 1.000 30.37558 ? 9   GLY B O   1 
ATOM   1226 N N   . ASP B 2 11  ? -6.77661  1.95519   -11.51701 1.000 26.56296 ? 10  ASP B N   1 
ATOM   1227 C CA  . ASP B 2 11  ? -7.21264  1.45662   -12.81428 1.000 28.08424 ? 10  ASP B CA  1 
ATOM   1228 C C   . ASP B 2 11  ? -6.59942  2.23906   -13.97165 1.000 37.95415 ? 10  ASP B C   1 
ATOM   1229 O O   . ASP B 2 11  ? -6.63352  1.75262   -15.10578 1.000 37.97947 ? 10  ASP B O   1 
ATOM   1230 C CB  . ASP B 2 11  ? -8.73799  1.47493   -12.89261 1.000 32.22822 ? 10  ASP B CB  1 
ATOM   1231 C CG  . ASP B 2 11  ? -9.38965  0.53259   -11.86931 1.000 33.24055 ? 10  ASP B CG  1 
ATOM   1232 O OD1 . ASP B 2 11  ? -8.68665  -0.37612  -11.34574 1.000 28.14073 ? 10  ASP B OD1 1 
ATOM   1233 O OD2 . ASP B 2 11  ? -10.59834 0.71511   -11.59051 1.000 32.27888 ? 10  ASP B OD2 1 
ATOM   1234 N N   . ARG B 2 12  ? -6.00433  3.40702   -13.69946 1.000 36.97689 ? 11  ARG B N   1 
ATOM   1235 C CA  . ARG B 2 12  ? -5.30169  4.16750   -14.73364 1.000 40.34899 ? 11  ARG B CA  1 
ATOM   1236 C C   . ARG B 2 12  ? -4.09015  3.41644   -15.28343 1.000 40.18736 ? 11  ARG B C   1 
ATOM   1237 O O   . ARG B 2 12  ? -3.75628  3.56923   -16.46283 1.000 43.57675 ? 11  ARG B O   1 
ATOM   1238 C CB  . ARG B 2 12  ? -4.85350  5.52524   -14.17490 1.000 41.05441 ? 11  ARG B CB  1 
ATOM   1239 C CG  . ARG B 2 12  ? -5.63627  6.74381   -14.69278 1.000 43.86234 ? 11  ARG B CG  1 
ATOM   1240 C CD  . ARG B 2 12  ? -4.98088  8.06833   -14.27311 1.000 42.74217 ? 11  ARG B CD  1 
ATOM   1241 N NE  . ARG B 2 12  ? -5.33465  8.49698   -12.91184 1.000 50.81844 ? 11  ARG B NE  1 
ATOM   1242 C CZ  . ARG B 2 12  ? -6.45042  9.15753   -12.58942 1.000 47.58768 ? 11  ARG B CZ  1 
ATOM   1243 N NH1 . ARG B 2 12  ? -6.68456  9.52187   -11.32232 1.000 35.13108 ? 11  ARG B NH1 1 
ATOM   1244 N NH2 . ARG B 2 12  ? -7.33965  9.45096   -13.53542 1.000 48.58713 ? 11  ARG B NH2 1 
ATOM   1245 N N   . PHE B 2 13  ? -3.41663  2.61772   -14.45671 1.000 35.80042 ? 12  PHE B N   1 
ATOM   1246 C CA  . PHE B 2 13  ? -2.17716  1.94750   -14.85661 1.000 35.03826 ? 12  PHE B CA  1 
ATOM   1247 C C   . PHE B 2 13  ? -2.38167  0.93465   -15.98782 1.000 41.96114 ? 12  PHE B C   1 
ATOM   1248 O O   . PHE B 2 13  ? -3.23073  0.04540   -15.89403 1.000 40.87772 ? 12  PHE B O   1 
ATOM   1249 C CB  . PHE B 2 13  ? -1.53845  1.25161   -13.65302 1.000 34.59809 ? 12  PHE B CB  1 
ATOM   1250 C CG  . PHE B 2 13  ? -0.92762  2.20540   -12.63442 1.000 33.38972 ? 12  PHE B CG  1 
ATOM   1251 C CD1 . PHE B 2 13  ? 0.34517   2.71344   -12.81752 1.000 32.57198 ? 12  PHE B CD1 1 
ATOM   1252 C CD2 . PHE B 2 13  ? -1.62035  2.56438   -11.49336 1.000 32.92125 ? 12  PHE B CD2 1 
ATOM   1253 C CE1 . PHE B 2 13  ? 0.91530   3.57630   -11.88681 1.000 35.56741 ? 12  PHE B CE1 1 
ATOM   1254 C CE2 . PHE B 2 13  ? -1.06247  3.42493   -10.55929 1.000 32.26582 ? 12  PHE B CE2 1 
ATOM   1255 C CZ  . PHE B 2 13  ? 0.20660   3.93284   -10.75397 1.000 31.32907 ? 12  PHE B CZ  1 
HETATM 1256 O O   . HOH C 3 .   ? 0.61786   -18.32500 -12.82353 1.000 28.02847 ? 401 HOH A O   1 
HETATM 1257 O O   . HOH C 3 .   ? 11.97219  -10.09598 1.30405   1.000 39.52750 ? 402 HOH A O   1 
HETATM 1258 O O   . HOH C 3 .   ? -10.79676 -9.58669  -9.45783  1.000 32.26384 ? 403 HOH A O   1 
HETATM 1259 O O   . HOH C 3 .   ? 1.07455   -10.39534 -13.22430 1.000 35.99752 ? 404 HOH A O   1 
HETATM 1260 O O   . HOH C 3 .   ? -1.96481  -8.46529  -13.99324 1.000 36.62665 ? 405 HOH A O   1 
HETATM 1261 O O   . HOH C 3 .   ? 3.07508   -9.16572  -14.27922 1.000 32.41848 ? 406 HOH A O   1 
HETATM 1262 O O   . HOH C 3 .   ? -5.28368  -16.07511 7.94509   1.000 36.31421 ? 407 HOH A O   1 
HETATM 1263 O O   . HOH C 3 .   ? 1.78650   12.05564  4.88713   1.000 39.20556 ? 408 HOH A O   1 
HETATM 1264 O O   . HOH C 3 .   ? 15.16284  -5.55253  5.02158   1.000 48.60047 ? 409 HOH A O   1 
HETATM 1265 O O   . HOH C 3 .   ? -2.04079  -9.32369  11.58100  1.000 36.81848 ? 410 HOH A O   1 
HETATM 1266 O O   . HOH C 3 .   ? -3.93049  -19.15129 -8.02124  1.000 31.21946 ? 411 HOH A O   1 
HETATM 1267 O O   . HOH C 3 .   ? -11.74953 -7.06231  -6.20993  1.000 27.50240 ? 412 HOH A O   1 
HETATM 1268 O O   . HOH C 3 .   ? 11.16911  -5.54556  5.89190   1.000 36.95591 ? 413 HOH A O   1 
HETATM 1269 O O   . HOH C 3 .   ? 6.34137   0.53818   13.56686  1.000 46.43334 ? 414 HOH A O   1 
HETATM 1270 O O   . HOH C 3 .   ? 9.55344   8.23665   -8.43316  1.000 40.36582 ? 415 HOH A O   1 
HETATM 1271 O O   . HOH C 3 .   ? -7.44875  -16.88812 1.56046   1.000 32.15507 ? 416 HOH A O   1 
HETATM 1272 O O   . HOH C 3 .   ? 5.71812   -2.57868  -17.66607 1.000 42.79559 ? 417 HOH A O   1 
HETATM 1273 O O   . HOH C 3 .   ? 0.39443   14.57776  4.93535   1.000 41.86572 ? 418 HOH A O   1 
HETATM 1274 O O   . HOH C 3 .   ? -13.56303 -6.56268  -1.10662  1.000 22.71447 ? 419 HOH A O   1 
HETATM 1275 O O   . HOH C 3 .   ? 12.24868  -1.16783  -14.50430 1.000 38.96832 ? 420 HOH A O   1 
HETATM 1276 O O   . HOH C 3 .   ? 5.99019   -13.52751 -4.59905  1.000 27.56247 ? 421 HOH A O   1 
HETATM 1277 O O   . HOH C 3 .   ? -11.82322 -11.23776 -4.31212  1.000 30.41493 ? 422 HOH A O   1 
HETATM 1278 O O   . HOH C 3 .   ? -3.62182  -1.86976  -12.98727 1.000 34.61646 ? 423 HOH A O   1 
HETATM 1279 O O   . HOH C 3 .   ? 8.94695   -18.35514 7.35899   1.000 27.45150 ? 424 HOH A O   1 
HETATM 1280 O O   . HOH C 3 .   ? 7.07527   10.81452  -3.22203  1.000 39.49076 ? 425 HOH A O   1 
HETATM 1281 O O   . HOH C 3 .   ? -10.37839 -7.72500  -12.13267 1.000 28.30804 ? 426 HOH A O   1 
HETATM 1282 O O   . HOH C 3 .   ? -2.20134  16.44979  -6.24979  1.000 43.48278 ? 427 HOH A O   1 
HETATM 1283 O O   . HOH C 3 .   ? -8.49597  -4.40290  -14.14178 1.000 30.94726 ? 428 HOH A O   1 
HETATM 1284 O O   . HOH C 3 .   ? -13.29045 3.63348   1.12529   1.000 35.26380 ? 429 HOH A O   1 
HETATM 1285 O O   . HOH C 3 .   ? -3.15041  -6.37805  -13.15881 1.000 29.22092 ? 430 HOH A O   1 
HETATM 1286 O O   . HOH C 3 .   ? -4.27371  15.05238  -6.33642  1.000 40.73774 ? 431 HOH A O   1 
HETATM 1287 O O   . HOH C 3 .   ? 3.74271   12.46765  -10.31336 1.000 43.95592 ? 432 HOH A O   1 
HETATM 1288 O O   . HOH C 3 .   ? -10.09328 19.77900  12.85703  1.000 39.66323 ? 433 HOH A O   1 
HETATM 1289 O O   . HOH C 3 .   ? 3.43221   10.91934  -12.00865 1.000 41.70121 ? 434 HOH A O   1 
HETATM 1290 O O   . HOH C 3 .   ? -16.19264 9.32627   8.18186   1.000 49.74465 ? 435 HOH A O   1 
HETATM 1291 O O   . HOH C 3 .   ? 3.79167   10.77240  -14.44676 1.000 49.16995 ? 436 HOH A O   1 
HETATM 1292 O O   . HOH D 3 .   ? -2.51759  6.27301   -11.99843 1.000 35.09232 ? 501 HOH B O   1 
HETATM 1293 O O   . HOH D 3 .   ? -13.28868 7.11555   -13.66838 1.000 42.29973 ? 502 HOH B O   1 
HETATM 1294 O O   . HOH D 3 .   ? -13.34051 4.66166   -9.94341  1.000 38.82699 ? 503 HOH B O   1 
HETATM 1295 O O   . HOH D 3 .   ? -12.15003 3.25951   -11.44359 1.000 34.14599 ? 504 HOH B O   1 
HETATM 1296 O O   . HOH D 3 .   ? -14.82022 5.27606   0.41028   1.000 34.15664 ? 505 HOH B O   1 
HETATM 1297 O O   . HOH D 3 .   ? -10.97777 12.74278  -0.40479  1.000 32.45321 ? 506 HOH B O   1 
HETATM 1298 O O   . HOH D 3 .   ? -3.94977  -4.22501  -15.23757 1.000 41.32741 ? 507 HOH B O   1 
HETATM 1299 O O   . HOH D 3 .   ? -11.66447 4.80866   -13.68644 1.000 39.50829 ? 508 HOH B O   1 
# 
loop_
_pdbx_poly_seq_scheme.asym_id 
_pdbx_poly_seq_scheme.entity_id 
_pdbx_poly_seq_scheme.seq_id 
_pdbx_poly_seq_scheme.mon_id 
_pdbx_poly_seq_scheme.ndb_seq_num 
_pdbx_poly_seq_scheme.pdb_seq_num 
_pdbx_poly_seq_scheme.auth_seq_num 
_pdbx_poly_seq_scheme.pdb_mon_id 
_pdbx_poly_seq_scheme.auth_mon_id 
_pdbx_poly_seq_scheme.pdb_strand_id 
_pdbx_poly_seq_scheme.pdb_ins_code 
_pdbx_poly_seq_scheme.hetero 
A 1 1   GLY 1   168 ?   ?   ?   A . n 
A 1 2   SER 2   169 ?   ?   ?   A . n 
A 1 3   HIS 3   170 ?   ?   ?   A . n 
A 1 4   MET 4   171 ?   ?   ?   A . n 
A 1 5   ASP 5   172 ?   ?   ?   A . n 
A 1 6   GLU 6   173 173 GLU GLU A . n 
A 1 7   LEU 7   174 174 LEU LEU A . n 
A 1 8   TYR 8   175 175 TYR TYR A . n 
A 1 9   ARG 9   176 176 ARG ARG A . n 
A 1 10  GLN 10  177 177 GLN GLN A . n 
A 1 11  SER 11  178 178 SER SER A . n 
A 1 12  LEU 12  179 179 LEU LEU A . n 
A 1 13  GLU 13  180 180 GLU GLU A . n 
A 1 14  ILE 14  181 181 ILE ILE A . n 
A 1 15  ILE 15  182 182 ILE ILE A . n 
A 1 16  SER 16  183 183 SER SER A . n 
A 1 17  ARG 17  184 184 ARG ARG A . n 
A 1 18  TYR 18  185 185 TYR TYR A . n 
A 1 19  LEU 19  186 186 LEU LEU A . n 
A 1 20  ARG 20  187 187 ARG ARG A . n 
A 1 21  GLU 21  188 188 GLU GLU A . n 
A 1 22  GLN 22  189 189 GLN GLN A . n 
A 1 23  ALA 23  190 190 ALA ALA A . n 
A 1 24  THR 24  191 191 THR THR A . n 
A 1 25  GLY 25  192 192 GLY GLY A . n 
A 1 26  ALA 26  193 193 ALA ALA A . n 
A 1 27  LYS 27  194 ?   ?   ?   A . n 
A 1 28  ASP 28  195 ?   ?   ?   A . n 
A 1 29  THR 29  196 ?   ?   ?   A . n 
A 1 30  LYS 30  197 ?   ?   ?   A . n 
A 1 31  PRO 31  198 ?   ?   ?   A . n 
A 1 32  MET 32  199 ?   ?   ?   A . n 
A 1 33  GLY 33  200 ?   ?   ?   A . n 
A 1 34  ARG 34  201 ?   ?   ?   A . n 
A 1 35  SER 35  202 ?   ?   ?   A . n 
A 1 36  GLY 36  203 203 GLY GLY A . n 
A 1 37  ALA 37  204 204 ALA ALA A . n 
A 1 38  THR 38  205 205 THR THR A . n 
A 1 39  SER 39  206 206 SER SER A . n 
A 1 40  ARG 40  207 207 ARG ARG A . n 
A 1 41  LYS 41  208 208 LYS LYS A . n 
A 1 42  ALA 42  209 209 ALA ALA A . n 
A 1 43  LEU 43  210 210 LEU LEU A . n 
A 1 44  GLU 44  211 211 GLU GLU A . n 
A 1 45  THR 45  212 212 THR THR A . n 
A 1 46  LEU 46  213 213 LEU LEU A . n 
A 1 47  ARG 47  214 214 ARG ARG A . n 
A 1 48  ARG 48  215 215 ARG ARG A . n 
A 1 49  VAL 49  216 216 VAL VAL A . n 
A 1 50  GLY 50  217 217 GLY GLY A . n 
A 1 51  ASP 51  218 218 ASP ASP A . n 
A 1 52  GLY 52  219 219 GLY GLY A . n 
A 1 53  VAL 53  220 220 VAL VAL A . n 
A 1 54  GLN 54  221 221 GLN GLN A . n 
A 1 55  ARG 55  222 222 ARG ARG A . n 
A 1 56  ASN 56  223 223 ASN ASN A . n 
A 1 57  HIS 57  224 224 HIS HIS A . n 
A 1 58  GLU 58  225 225 GLU GLU A . n 
A 1 59  THR 59  226 226 THR THR A . n 
A 1 60  ALA 60  227 227 ALA ALA A . n 
A 1 61  PHE 61  228 228 PHE PHE A . n 
A 1 62  GLN 62  229 229 GLN GLN A . n 
A 1 63  GLY 63  230 230 GLY GLY A . n 
A 1 64  MET 64  231 231 MET MET A . n 
A 1 65  LEU 65  232 232 LEU LEU A . n 
A 1 66  ARG 66  233 233 ARG ARG A . n 
A 1 67  LYS 67  234 234 LYS LYS A . n 
A 1 68  LEU 68  235 235 LEU LEU A . n 
A 1 69  ASP 69  236 236 ASP ASP A . n 
A 1 70  ILE 70  237 237 ILE ILE A . n 
A 1 71  LYS 71  238 238 LYS LYS A . n 
A 1 72  ASN 72  239 239 ASN ASN A . n 
A 1 73  GLU 73  240 240 GLU GLU A . n 
A 1 74  ASP 74  241 241 ASP ASP A . n 
A 1 75  ASP 75  242 242 ASP ASP A . n 
A 1 76  VAL 76  243 243 VAL VAL A . n 
A 1 77  LYS 77  244 244 LYS LYS A . n 
A 1 78  SER 78  245 245 SER SER A . n 
A 1 79  LEU 79  246 246 LEU LEU A . n 
A 1 80  SER 80  247 247 SER SER A . n 
A 1 81  ARG 81  248 248 ARG ARG A . n 
A 1 82  VAL 82  249 249 VAL VAL A . n 
A 1 83  MET 83  250 250 MET MET A . n 
A 1 84  ILE 84  251 251 ILE ILE A . n 
A 1 85  HIS 85  252 252 HIS HIS A . n 
A 1 86  VAL 86  253 253 VAL VAL A . n 
A 1 87  PHE 87  254 254 PHE PHE A . n 
A 1 88  SER 88  255 255 SER SER A . n 
A 1 89  ASP 89  256 256 ASP ASP A . n 
A 1 90  GLY 90  257 257 GLY GLY A . n 
A 1 91  VAL 91  258 258 VAL VAL A . n 
A 1 92  THR 92  259 259 THR THR A . n 
A 1 93  ASN 93  260 260 ASN ASN A . n 
A 1 94  TRP 94  261 261 TRP TRP A . n 
A 1 95  GLY 95  262 262 GLY GLY A . n 
A 1 96  ARG 96  263 263 ARG ARG A . n 
A 1 97  ILE 97  264 264 ILE ILE A . n 
A 1 98  VAL 98  265 265 VAL VAL A . n 
A 1 99  THR 99  266 266 THR THR A . n 
A 1 100 LEU 100 267 267 LEU LEU A . n 
A 1 101 ILE 101 268 268 ILE ILE A . n 
A 1 102 SER 102 269 269 SER SER A . n 
A 1 103 PHE 103 270 270 PHE PHE A . n 
A 1 104 GLY 104 271 271 GLY GLY A . n 
A 1 105 ALA 105 272 272 ALA ALA A . n 
A 1 106 PHE 106 273 273 PHE PHE A . n 
A 1 107 VAL 107 274 274 VAL VAL A . n 
A 1 108 ALA 108 275 275 ALA ALA A . n 
A 1 109 LYS 109 276 276 LYS LYS A . n 
A 1 110 HIS 110 277 277 HIS HIS A . n 
A 1 111 LEU 111 278 278 LEU LEU A . n 
A 1 112 LYS 112 279 279 LYS LYS A . n 
A 1 113 THR 113 280 280 THR THR A . n 
A 1 114 ILE 114 281 281 ILE ILE A . n 
A 1 115 ASN 115 282 282 ASN ASN A . n 
A 1 116 GLN 116 283 283 GLN GLN A . n 
A 1 117 GLU 117 284 284 GLU GLU A . n 
A 1 118 SER 118 285 285 SER SER A . n 
A 1 119 CYS 119 286 286 CYS CYS A . n 
A 1 120 ILE 120 287 287 ILE ILE A . n 
A 1 121 GLU 121 288 288 GLU GLU A . n 
A 1 122 PRO 122 289 289 PRO PRO A . n 
A 1 123 LEU 123 290 290 LEU LEU A . n 
A 1 124 ALA 124 291 291 ALA ALA A . n 
A 1 125 GLU 125 292 292 GLU GLU A . n 
A 1 126 SER 126 293 293 SER SER A . n 
A 1 127 ILE 127 294 294 ILE ILE A . n 
A 1 128 THR 128 295 295 THR THR A . n 
A 1 129 ASP 129 296 296 ASP ASP A . n 
A 1 130 VAL 130 297 297 VAL VAL A . n 
A 1 131 LEU 131 298 298 LEU LEU A . n 
A 1 132 VAL 132 299 299 VAL VAL A . n 
A 1 133 ARG 133 300 300 ARG ARG A . n 
A 1 134 THR 134 301 301 THR THR A . n 
A 1 135 LYS 135 302 302 LYS LYS A . n 
A 1 136 ARG 136 303 303 ARG ARG A . n 
A 1 137 ASP 137 304 304 ASP ASP A . n 
A 1 138 TRP 138 305 305 TRP TRP A . n 
A 1 139 LEU 139 306 306 LEU LEU A . n 
A 1 140 VAL 140 307 307 VAL VAL A . n 
A 1 141 LYS 141 308 308 LYS LYS A . n 
A 1 142 GLN 142 309 309 GLN GLN A . n 
A 1 143 ARG 143 310 310 ARG ARG A . n 
A 1 144 GLY 144 311 311 GLY GLY A . n 
A 1 145 TRP 145 312 312 TRP TRP A . n 
A 1 146 ASP 146 313 313 ASP ASP A . n 
A 1 147 GLY 147 314 314 GLY GLY A . n 
A 1 148 PHE 148 315 315 PHE PHE A . n 
A 1 149 VAL 149 316 316 VAL VAL A . n 
A 1 150 GLU 150 317 317 GLU GLU A . n 
A 1 151 PHE 151 318 318 PHE PHE A . n 
A 1 152 PHE 152 319 319 PHE PHE A . n 
A 1 153 HIS 153 320 320 HIS HIS A . n 
A 1 154 VAL 154 321 321 VAL VAL A . n 
A 1 155 GLU 155 322 ?   ?   ?   A . n 
A 1 156 ASP 156 323 ?   ?   ?   A . n 
B 2 1   QX7 1   401 401 QX7 LIG B . n 
B 2 2   ILE 2   1   1   ILE ILE B . n 
B 2 3   ALA 3   2   2   ALA ALA B . n 
B 2 4   GLU 4   3   3   GLU GLU B . n 
B 2 5   GLN 5   4   4   GLN GLN B . n 
B 2 6   LEU 6   5   5   LEU LEU B . n 
B 2 7   ARG 7   6   6   ARG ARG B . n 
B 2 8   ARG 8   7   7   ARG ARG B . n 
B 2 9   ILE 9   8   8   ILE ILE B . n 
B 2 10  GLY 10  9   9   GLY GLY B . n 
B 2 11  ASP 11  10  10  ASP ASP B . n 
B 2 12  ARG 12  11  11  ARG ARG B . n 
B 2 13  PHE 13  12  12  PHE PHE B . n 
# 
loop_
_pdbx_nonpoly_scheme.asym_id 
_pdbx_nonpoly_scheme.entity_id 
_pdbx_nonpoly_scheme.mon_id 
_pdbx_nonpoly_scheme.ndb_seq_num 
_pdbx_nonpoly_scheme.pdb_seq_num 
_pdbx_nonpoly_scheme.auth_seq_num 
_pdbx_nonpoly_scheme.pdb_mon_id 
_pdbx_nonpoly_scheme.auth_mon_id 
_pdbx_nonpoly_scheme.pdb_strand_id 
_pdbx_nonpoly_scheme.pdb_ins_code 
C 3 HOH 1  401 7  HOH HOH A . 
C 3 HOH 2  402 22 HOH HOH A . 
C 3 HOH 3  403 6  HOH HOH A . 
C 3 HOH 4  404 15 HOH HOH A . 
C 3 HOH 5  405 31 HOH HOH A . 
C 3 HOH 6  406 24 HOH HOH A . 
C 3 HOH 7  407 19 HOH HOH A . 
C 3 HOH 8  408 30 HOH HOH A . 
C 3 HOH 9  409 33 HOH HOH A . 
C 3 HOH 10 410 8  HOH HOH A . 
C 3 HOH 11 411 20 HOH HOH A . 
C 3 HOH 12 412 11 HOH HOH A . 
C 3 HOH 13 413 46 HOH HOH A . 
C 3 HOH 14 414 41 HOH HOH A . 
C 3 HOH 15 415 25 HOH HOH A . 
C 3 HOH 16 416 43 HOH HOH A . 
C 3 HOH 17 417 44 HOH HOH A . 
C 3 HOH 18 418 45 HOH HOH A . 
C 3 HOH 19 419 2  HOH HOH A . 
C 3 HOH 20 420 16 HOH HOH A . 
C 3 HOH 21 421 4  HOH HOH A . 
C 3 HOH 22 422 27 HOH HOH A . 
C 3 HOH 23 423 39 HOH HOH A . 
C 3 HOH 24 424 12 HOH HOH A . 
C 3 HOH 25 425 21 HOH HOH A . 
C 3 HOH 26 426 10 HOH HOH A . 
C 3 HOH 27 427 23 HOH HOH A . 
C 3 HOH 28 428 42 HOH HOH A . 
C 3 HOH 29 429 13 HOH HOH A . 
C 3 HOH 30 430 1  HOH HOH A . 
C 3 HOH 31 431 14 HOH HOH A . 
C 3 HOH 32 432 26 HOH HOH A . 
C 3 HOH 33 433 34 HOH HOH A . 
C 3 HOH 34 434 35 HOH HOH A . 
C 3 HOH 35 435 32 HOH HOH A . 
C 3 HOH 36 436 36 HOH HOH A . 
D 3 HOH 1  501 5  HOH HOH B . 
D 3 HOH 2  502 28 HOH HOH B . 
D 3 HOH 3  503 37 HOH HOH B . 
D 3 HOH 4  504 9  HOH HOH B . 
D 3 HOH 5  505 38 HOH HOH B . 
D 3 HOH 6  506 3  HOH HOH B . 
D 3 HOH 7  507 47 HOH HOH B . 
D 3 HOH 8  508 29 HOH HOH B . 
# 
loop_
_pdbx_struct_assembly.id 
_pdbx_struct_assembly.details 
_pdbx_struct_assembly.method_details 
_pdbx_struct_assembly.oligomeric_details 
_pdbx_struct_assembly.oligomeric_count 
1 author_and_software_defined_assembly PISA dimeric    2 
2 software_defined_assembly            PISA tetrameric 4 
# 
loop_
_pdbx_struct_assembly_gen.assembly_id 
_pdbx_struct_assembly_gen.oper_expression 
_pdbx_struct_assembly_gen.asym_id_list 
1 1   A,B,C,D 
2 1,2 A,B,C,D 
# 
loop_
_pdbx_struct_assembly_prop.biol_id 
_pdbx_struct_assembly_prop.type 
_pdbx_struct_assembly_prop.value 
_pdbx_struct_assembly_prop.details 
1 'ABSA (A^2)' 1460  ? 
1 MORE         -11   ? 
1 'SSA (A^2)'  8440  ? 
2 'ABSA (A^2)' 4700  ? 
2 MORE         -23   ? 
2 'SSA (A^2)'  15100 ? 
# 
loop_
_pdbx_struct_oper_list.id 
_pdbx_struct_oper_list.type 
_pdbx_struct_oper_list.name 
_pdbx_struct_oper_list.symmetry_operation 
_pdbx_struct_oper_list.matrix[1][1] 
_pdbx_struct_oper_list.matrix[1][2] 
_pdbx_struct_oper_list.matrix[1][3] 
_pdbx_struct_oper_list.vector[1] 
_pdbx_struct_oper_list.matrix[2][1] 
_pdbx_struct_oper_list.matrix[2][2] 
_pdbx_struct_oper_list.matrix[2][3] 
_pdbx_struct_oper_list.vector[2] 
_pdbx_struct_oper_list.matrix[3][1] 
_pdbx_struct_oper_list.matrix[3][2] 
_pdbx_struct_oper_list.matrix[3][3] 
_pdbx_struct_oper_list.vector[3] 
1 'identity operation'         1_555 x,y,z  1.0000000000  0.0000000000 0.0000000000 0.0000000000  0.0000000000 1.0000000000 0.0000000000 0.0000000000   0.0000000000 0.0000000000 1.0000000000  0.0000000000  
2 'crystal symmetry operation' 4_555 y,x,-z -0.8643241024 0.4311847519 0.2588890799 10.2697453482 0.4311847519 0.3703265916 0.8227623748 -16.4221955186 0.2588890799 0.8227623748 -0.5060024891 21.9694217500 
# 
loop_
_pdbx_audit_revision_history.ordinal 
_pdbx_audit_revision_history.data_content_type 
_pdbx_audit_revision_history.major_revision 
_pdbx_audit_revision_history.minor_revision 
_pdbx_audit_revision_history.revision_date 
1 'Structure model' 1 0 2020-12-30 
2 'Structure model' 1 1 2021-06-09 
3 'Structure model' 1 2 2023-10-11 
# 
_pdbx_audit_revision_details.ordinal             1 
_pdbx_audit_revision_details.revision_ordinal    1 
_pdbx_audit_revision_details.data_content_type   'Structure model' 
_pdbx_audit_revision_details.provider            repository 
_pdbx_audit_revision_details.type                'Initial release' 
_pdbx_audit_revision_details.description         ? 
_pdbx_audit_revision_details.details             ? 
# 
loop_
_pdbx_audit_revision_group.ordinal 
_pdbx_audit_revision_group.revision_ordinal 
_pdbx_audit_revision_group.data_content_type 
_pdbx_audit_revision_group.group 
1 2 'Structure model' 'Database references'    
2 3 'Structure model' 'Data collection'        
3 3 'Structure model' 'Database references'    
4 3 'Structure model' 'Refinement description' 
# 
loop_
_pdbx_audit_revision_category.ordinal 
_pdbx_audit_revision_category.revision_ordinal 
_pdbx_audit_revision_category.data_content_type 
_pdbx_audit_revision_category.category 
1 2 'Structure model' citation                      
2 2 'Structure model' citation_author               
3 3 'Structure model' chem_comp_atom                
4 3 'Structure model' chem_comp_bond                
5 3 'Structure model' database_2                    
6 3 'Structure model' pdbx_initial_refinement_model 
# 
loop_
_pdbx_audit_revision_item.ordinal 
_pdbx_audit_revision_item.revision_ordinal 
_pdbx_audit_revision_item.data_content_type 
_pdbx_audit_revision_item.item 
1  2 'Structure model' '_citation.country'                   
2  2 'Structure model' '_citation.journal_abbrev'            
3  2 'Structure model' '_citation.journal_id_ASTM'           
4  2 'Structure model' '_citation.journal_id_CSD'            
5  2 'Structure model' '_citation.journal_id_ISSN'           
6  2 'Structure model' '_citation.journal_volume'            
7  2 'Structure model' '_citation.page_first'                
8  2 'Structure model' '_citation.page_last'                 
9  2 'Structure model' '_citation.pdbx_database_id_DOI'      
10 2 'Structure model' '_citation.pdbx_database_id_PubMed'   
11 2 'Structure model' '_citation.title'                     
12 2 'Structure model' '_citation.year'                      
13 3 'Structure model' '_database_2.pdbx_DOI'                
14 3 'Structure model' '_database_2.pdbx_database_accession' 
# 
loop_
_software.citation_id 
_software.classification 
_software.compiler_name 
_software.compiler_version 
_software.contact_author 
_software.contact_author_email 
_software.date 
_software.description 
_software.dependencies 
_software.hardware 
_software.language 
_software.location 
_software.mods 
_software.name 
_software.os 
_software.os_version 
_software.type 
_software.version 
_software.pdbx_ordinal 
? refinement        ? ? ? ? ? ? ? ? ? ? ? PHENIX      ? ? ? 1.16_3549 1 
? 'data reduction'  ? ? ? ? ? ? ? ? ? ? ? DENZO       ? ? ? .         2 
? 'data scaling'    ? ? ? ? ? ? ? ? ? ? ? SCALEPACK   ? ? ? .         3 
? phasing           ? ? ? ? ? ? ? ? ? ? ? PHASER      ? ? ? .         4 
? 'model building'  ? ? ? ? ? ? ? ? ? ? ? Coot        ? ? ? .         5 
? 'data extraction' ? ? ? ? ? ? ? ? ? ? ? PDB_EXTRACT ? ? ? 3.25      6 
# 
_pdbx_entry_details.entry_id                 6VBX 
_pdbx_entry_details.nonpolymer_details       ? 
_pdbx_entry_details.sequence_details         ? 
_pdbx_entry_details.compound_details         ? 
_pdbx_entry_details.source_details           ? 
_pdbx_entry_details.has_ligand_of_interest   Y 
# 
loop_
_pdbx_unobs_or_zero_occ_residues.id 
_pdbx_unobs_or_zero_occ_residues.PDB_model_num 
_pdbx_unobs_or_zero_occ_residues.polymer_flag 
_pdbx_unobs_or_zero_occ_residues.occupancy_flag 
_pdbx_unobs_or_zero_occ_residues.auth_asym_id 
_pdbx_unobs_or_zero_occ_residues.auth_comp_id 
_pdbx_unobs_or_zero_occ_residues.auth_seq_id 
_pdbx_unobs_or_zero_occ_residues.PDB_ins_code 
_pdbx_unobs_or_zero_occ_residues.label_asym_id 
_pdbx_unobs_or_zero_occ_residues.label_comp_id 
_pdbx_unobs_or_zero_occ_residues.label_seq_id 
1  1 Y 1 A GLY 168 ? A GLY 1   
2  1 Y 1 A SER 169 ? A SER 2   
3  1 Y 1 A HIS 170 ? A HIS 3   
4  1 Y 1 A MET 171 ? A MET 4   
5  1 Y 1 A ASP 172 ? A ASP 5   
6  1 Y 1 A LYS 194 ? A LYS 27  
7  1 Y 1 A ASP 195 ? A ASP 28  
8  1 Y 1 A THR 196 ? A THR 29  
9  1 Y 1 A LYS 197 ? A LYS 30  
10 1 Y 1 A PRO 198 ? A PRO 31  
11 1 Y 1 A MET 199 ? A MET 32  
12 1 Y 1 A GLY 200 ? A GLY 33  
13 1 Y 1 A ARG 201 ? A ARG 34  
14 1 Y 1 A SER 202 ? A SER 35  
15 1 Y 1 A GLU 322 ? A GLU 155 
16 1 Y 1 A ASP 323 ? A ASP 156 
# 
loop_
_chem_comp_atom.comp_id 
_chem_comp_atom.atom_id 
_chem_comp_atom.type_symbol 
_chem_comp_atom.pdbx_aromatic_flag 
_chem_comp_atom.pdbx_stereo_config 
_chem_comp_atom.pdbx_ordinal 
ALA N    N N N 1   
ALA CA   C N S 2   
ALA C    C N N 3   
ALA O    O N N 4   
ALA CB   C N N 5   
ALA OXT  O N N 6   
ALA H    H N N 7   
ALA H2   H N N 8   
ALA HA   H N N 9   
ALA HB1  H N N 10  
ALA HB2  H N N 11  
ALA HB3  H N N 12  
ALA HXT  H N N 13  
ARG N    N N N 14  
ARG CA   C N S 15  
ARG C    C N N 16  
ARG O    O N N 17  
ARG CB   C N N 18  
ARG CG   C N N 19  
ARG CD   C N N 20  
ARG NE   N N N 21  
ARG CZ   C N N 22  
ARG NH1  N N N 23  
ARG NH2  N N N 24  
ARG OXT  O N N 25  
ARG H    H N N 26  
ARG H2   H N N 27  
ARG HA   H N N 28  
ARG HB2  H N N 29  
ARG HB3  H N N 30  
ARG HG2  H N N 31  
ARG HG3  H N N 32  
ARG HD2  H N N 33  
ARG HD3  H N N 34  
ARG HE   H N N 35  
ARG HH11 H N N 36  
ARG HH12 H N N 37  
ARG HH21 H N N 38  
ARG HH22 H N N 39  
ARG HXT  H N N 40  
ASN N    N N N 41  
ASN CA   C N S 42  
ASN C    C N N 43  
ASN O    O N N 44  
ASN CB   C N N 45  
ASN CG   C N N 46  
ASN OD1  O N N 47  
ASN ND2  N N N 48  
ASN OXT  O N N 49  
ASN H    H N N 50  
ASN H2   H N N 51  
ASN HA   H N N 52  
ASN HB2  H N N 53  
ASN HB3  H N N 54  
ASN HD21 H N N 55  
ASN HD22 H N N 56  
ASN HXT  H N N 57  
ASP N    N N N 58  
ASP CA   C N S 59  
ASP C    C N N 60  
ASP O    O N N 61  
ASP CB   C N N 62  
ASP CG   C N N 63  
ASP OD1  O N N 64  
ASP OD2  O N N 65  
ASP OXT  O N N 66  
ASP H    H N N 67  
ASP H2   H N N 68  
ASP HA   H N N 69  
ASP HB2  H N N 70  
ASP HB3  H N N 71  
ASP HD2  H N N 72  
ASP HXT  H N N 73  
CYS N    N N N 74  
CYS CA   C N R 75  
CYS C    C N N 76  
CYS O    O N N 77  
CYS CB   C N N 78  
CYS SG   S N N 79  
CYS OXT  O N N 80  
CYS H    H N N 81  
CYS H2   H N N 82  
CYS HA   H N N 83  
CYS HB2  H N N 84  
CYS HB3  H N N 85  
CYS HG   H N N 86  
CYS HXT  H N N 87  
GLN N    N N N 88  
GLN CA   C N S 89  
GLN C    C N N 90  
GLN O    O N N 91  
GLN CB   C N N 92  
GLN CG   C N N 93  
GLN CD   C N N 94  
GLN OE1  O N N 95  
GLN NE2  N N N 96  
GLN OXT  O N N 97  
GLN H    H N N 98  
GLN H2   H N N 99  
GLN HA   H N N 100 
GLN HB2  H N N 101 
GLN HB3  H N N 102 
GLN HG2  H N N 103 
GLN HG3  H N N 104 
GLN HE21 H N N 105 
GLN HE22 H N N 106 
GLN HXT  H N N 107 
GLU N    N N N 108 
GLU CA   C N S 109 
GLU C    C N N 110 
GLU O    O N N 111 
GLU CB   C N N 112 
GLU CG   C N N 113 
GLU CD   C N N 114 
GLU OE1  O N N 115 
GLU OE2  O N N 116 
GLU OXT  O N N 117 
GLU H    H N N 118 
GLU H2   H N N 119 
GLU HA   H N N 120 
GLU HB2  H N N 121 
GLU HB3  H N N 122 
GLU HG2  H N N 123 
GLU HG3  H N N 124 
GLU HE2  H N N 125 
GLU HXT  H N N 126 
GLY N    N N N 127 
GLY CA   C N N 128 
GLY C    C N N 129 
GLY O    O N N 130 
GLY OXT  O N N 131 
GLY H    H N N 132 
GLY H2   H N N 133 
GLY HA2  H N N 134 
GLY HA3  H N N 135 
GLY HXT  H N N 136 
HIS N    N N N 137 
HIS CA   C N S 138 
HIS C    C N N 139 
HIS O    O N N 140 
HIS CB   C N N 141 
HIS CG   C Y N 142 
HIS ND1  N Y N 143 
HIS CD2  C Y N 144 
HIS CE1  C Y N 145 
HIS NE2  N Y N 146 
HIS OXT  O N N 147 
HIS H    H N N 148 
HIS H2   H N N 149 
HIS HA   H N N 150 
HIS HB2  H N N 151 
HIS HB3  H N N 152 
HIS HD1  H N N 153 
HIS HD2  H N N 154 
HIS HE1  H N N 155 
HIS HE2  H N N 156 
HIS HXT  H N N 157 
HOH O    O N N 158 
HOH H1   H N N 159 
HOH H2   H N N 160 
ILE N    N N N 161 
ILE CA   C N S 162 
ILE C    C N N 163 
ILE O    O N N 164 
ILE CB   C N S 165 
ILE CG1  C N N 166 
ILE CG2  C N N 167 
ILE CD1  C N N 168 
ILE OXT  O N N 169 
ILE H    H N N 170 
ILE H2   H N N 171 
ILE HA   H N N 172 
ILE HB   H N N 173 
ILE HG12 H N N 174 
ILE HG13 H N N 175 
ILE HG21 H N N 176 
ILE HG22 H N N 177 
ILE HG23 H N N 178 
ILE HD11 H N N 179 
ILE HD12 H N N 180 
ILE HD13 H N N 181 
ILE HXT  H N N 182 
LEU N    N N N 183 
LEU CA   C N S 184 
LEU C    C N N 185 
LEU O    O N N 186 
LEU CB   C N N 187 
LEU CG   C N N 188 
LEU CD1  C N N 189 
LEU CD2  C N N 190 
LEU OXT  O N N 191 
LEU H    H N N 192 
LEU H2   H N N 193 
LEU HA   H N N 194 
LEU HB2  H N N 195 
LEU HB3  H N N 196 
LEU HG   H N N 197 
LEU HD11 H N N 198 
LEU HD12 H N N 199 
LEU HD13 H N N 200 
LEU HD21 H N N 201 
LEU HD22 H N N 202 
LEU HD23 H N N 203 
LEU HXT  H N N 204 
LYS N    N N N 205 
LYS CA   C N S 206 
LYS C    C N N 207 
LYS O    O N N 208 
LYS CB   C N N 209 
LYS CG   C N N 210 
LYS CD   C N N 211 
LYS CE   C N N 212 
LYS NZ   N N N 213 
LYS OXT  O N N 214 
LYS H    H N N 215 
LYS H2   H N N 216 
LYS HA   H N N 217 
LYS HB2  H N N 218 
LYS HB3  H N N 219 
LYS HG2  H N N 220 
LYS HG3  H N N 221 
LYS HD2  H N N 222 
LYS HD3  H N N 223 
LYS HE2  H N N 224 
LYS HE3  H N N 225 
LYS HZ1  H N N 226 
LYS HZ2  H N N 227 
LYS HZ3  H N N 228 
LYS HXT  H N N 229 
MET N    N N N 230 
MET CA   C N S 231 
MET C    C N N 232 
MET O    O N N 233 
MET CB   C N N 234 
MET CG   C N N 235 
MET SD   S N N 236 
MET CE   C N N 237 
MET OXT  O N N 238 
MET H    H N N 239 
MET H2   H N N 240 
MET HA   H N N 241 
MET HB2  H N N 242 
MET HB3  H N N 243 
MET HG2  H N N 244 
MET HG3  H N N 245 
MET HE1  H N N 246 
MET HE2  H N N 247 
MET HE3  H N N 248 
MET HXT  H N N 249 
PHE N    N N N 250 
PHE CA   C N S 251 
PHE C    C N N 252 
PHE O    O N N 253 
PHE CB   C N N 254 
PHE CG   C Y N 255 
PHE CD1  C Y N 256 
PHE CD2  C Y N 257 
PHE CE1  C Y N 258 
PHE CE2  C Y N 259 
PHE CZ   C Y N 260 
PHE OXT  O N N 261 
PHE H    H N N 262 
PHE H2   H N N 263 
PHE HA   H N N 264 
PHE HB2  H N N 265 
PHE HB3  H N N 266 
PHE HD1  H N N 267 
PHE HD2  H N N 268 
PHE HE1  H N N 269 
PHE HE2  H N N 270 
PHE HZ   H N N 271 
PHE HXT  H N N 272 
PRO N    N N N 273 
PRO CA   C N S 274 
PRO C    C N N 275 
PRO O    O N N 276 
PRO CB   C N N 277 
PRO CG   C N N 278 
PRO CD   C N N 279 
PRO OXT  O N N 280 
PRO H    H N N 281 
PRO HA   H N N 282 
PRO HB2  H N N 283 
PRO HB3  H N N 284 
PRO HG2  H N N 285 
PRO HG3  H N N 286 
PRO HD2  H N N 287 
PRO HD3  H N N 288 
PRO HXT  H N N 289 
QX7 C13  C Y N 290 
QX7 C20  C Y N 291 
QX7 C21  C Y N 292 
QX7 C22  C N N 293 
QX7 C    C N N 294 
QX7 CA   C N S 295 
QX7 C06  C N N 296 
QX7 C07  C N N 297 
QX7 CB   C N N 298 
QX7 C11  C N N 299 
QX7 C12  C Y N 300 
QX7 C14  C Y N 301 
QX7 C19  C Y N 302 
QX7 N    N N N 303 
QX7 N10  N N N 304 
QX7 O    O N N 305 
QX7 O08  O N N 306 
QX7 O16  O N N 307 
QX7 O18  O N N 308 
QX7 O23  O N N 309 
QX7 S15  S N N 310 
QX7 H1   H N N 311 
QX7 H2   H N N 312 
QX7 H3   H N N 313 
QX7 H4   H N N 314 
QX7 H5   H N N 315 
QX7 HA   H N N 316 
QX7 H8   H N N 317 
QX7 H9   H N N 318 
QX7 H10  H N N 319 
QX7 HB1  H N N 320 
QX7 HB2  H N N 321 
QX7 H13  H N N 322 
QX7 H    H N N 323 
QX7 H15  H N N 324 
QX7 F1   F N N 325 
QX7 OXT  O N N 326 
QX7 HXT  H N N 327 
SER N    N N N 328 
SER CA   C N S 329 
SER C    C N N 330 
SER O    O N N 331 
SER CB   C N N 332 
SER OG   O N N 333 
SER OXT  O N N 334 
SER H    H N N 335 
SER H2   H N N 336 
SER HA   H N N 337 
SER HB2  H N N 338 
SER HB3  H N N 339 
SER HG   H N N 340 
SER HXT  H N N 341 
THR N    N N N 342 
THR CA   C N S 343 
THR C    C N N 344 
THR O    O N N 345 
THR CB   C N R 346 
THR OG1  O N N 347 
THR CG2  C N N 348 
THR OXT  O N N 349 
THR H    H N N 350 
THR H2   H N N 351 
THR HA   H N N 352 
THR HB   H N N 353 
THR HG1  H N N 354 
THR HG21 H N N 355 
THR HG22 H N N 356 
THR HG23 H N N 357 
THR HXT  H N N 358 
TRP N    N N N 359 
TRP CA   C N S 360 
TRP C    C N N 361 
TRP O    O N N 362 
TRP CB   C N N 363 
TRP CG   C Y N 364 
TRP CD1  C Y N 365 
TRP CD2  C Y N 366 
TRP NE1  N Y N 367 
TRP CE2  C Y N 368 
TRP CE3  C Y N 369 
TRP CZ2  C Y N 370 
TRP CZ3  C Y N 371 
TRP CH2  C Y N 372 
TRP OXT  O N N 373 
TRP H    H N N 374 
TRP H2   H N N 375 
TRP HA   H N N 376 
TRP HB2  H N N 377 
TRP HB3  H N N 378 
TRP HD1  H N N 379 
TRP HE1  H N N 380 
TRP HE3  H N N 381 
TRP HZ2  H N N 382 
TRP HZ3  H N N 383 
TRP HH2  H N N 384 
TRP HXT  H N N 385 
TYR N    N N N 386 
TYR CA   C N S 387 
TYR C    C N N 388 
TYR O    O N N 389 
TYR CB   C N N 390 
TYR CG   C Y N 391 
TYR CD1  C Y N 392 
TYR CD2  C Y N 393 
TYR CE1  C Y N 394 
TYR CE2  C Y N 395 
TYR CZ   C Y N 396 
TYR OH   O N N 397 
TYR OXT  O N N 398 
TYR H    H N N 399 
TYR H2   H N N 400 
TYR HA   H N N 401 
TYR HB2  H N N 402 
TYR HB3  H N N 403 
TYR HD1  H N N 404 
TYR HD2  H N N 405 
TYR HE1  H N N 406 
TYR HE2  H N N 407 
TYR HH   H N N 408 
TYR HXT  H N N 409 
VAL N    N N N 410 
VAL CA   C N S 411 
VAL C    C N N 412 
VAL O    O N N 413 
VAL CB   C N N 414 
VAL CG1  C N N 415 
VAL CG2  C N N 416 
VAL OXT  O N N 417 
VAL H    H N N 418 
VAL H2   H N N 419 
VAL HA   H N N 420 
VAL HB   H N N 421 
VAL HG11 H N N 422 
VAL HG12 H N N 423 
VAL HG13 H N N 424 
VAL HG21 H N N 425 
VAL HG22 H N N 426 
VAL HG23 H N N 427 
VAL HXT  H N N 428 
# 
loop_
_chem_comp_bond.comp_id 
_chem_comp_bond.atom_id_1 
_chem_comp_bond.atom_id_2 
_chem_comp_bond.value_order 
_chem_comp_bond.pdbx_aromatic_flag 
_chem_comp_bond.pdbx_stereo_config 
_chem_comp_bond.pdbx_ordinal 
ALA N   CA   sing N N 1   
ALA N   H    sing N N 2   
ALA N   H2   sing N N 3   
ALA CA  C    sing N N 4   
ALA CA  CB   sing N N 5   
ALA CA  HA   sing N N 6   
ALA C   O    doub N N 7   
ALA C   OXT  sing N N 8   
ALA CB  HB1  sing N N 9   
ALA CB  HB2  sing N N 10  
ALA CB  HB3  sing N N 11  
ALA OXT HXT  sing N N 12  
ARG N   CA   sing N N 13  
ARG N   H    sing N N 14  
ARG N   H2   sing N N 15  
ARG CA  C    sing N N 16  
ARG CA  CB   sing N N 17  
ARG CA  HA   sing N N 18  
ARG C   O    doub N N 19  
ARG C   OXT  sing N N 20  
ARG CB  CG   sing N N 21  
ARG CB  HB2  sing N N 22  
ARG CB  HB3  sing N N 23  
ARG CG  CD   sing N N 24  
ARG CG  HG2  sing N N 25  
ARG CG  HG3  sing N N 26  
ARG CD  NE   sing N N 27  
ARG CD  HD2  sing N N 28  
ARG CD  HD3  sing N N 29  
ARG NE  CZ   sing N N 30  
ARG NE  HE   sing N N 31  
ARG CZ  NH1  sing N N 32  
ARG CZ  NH2  doub N N 33  
ARG NH1 HH11 sing N N 34  
ARG NH1 HH12 sing N N 35  
ARG NH2 HH21 sing N N 36  
ARG NH2 HH22 sing N N 37  
ARG OXT HXT  sing N N 38  
ASN N   CA   sing N N 39  
ASN N   H    sing N N 40  
ASN N   H2   sing N N 41  
ASN CA  C    sing N N 42  
ASN CA  CB   sing N N 43  
ASN CA  HA   sing N N 44  
ASN C   O    doub N N 45  
ASN C   OXT  sing N N 46  
ASN CB  CG   sing N N 47  
ASN CB  HB2  sing N N 48  
ASN CB  HB3  sing N N 49  
ASN CG  OD1  doub N N 50  
ASN CG  ND2  sing N N 51  
ASN ND2 HD21 sing N N 52  
ASN ND2 HD22 sing N N 53  
ASN OXT HXT  sing N N 54  
ASP N   CA   sing N N 55  
ASP N   H    sing N N 56  
ASP N   H2   sing N N 57  
ASP CA  C    sing N N 58  
ASP CA  CB   sing N N 59  
ASP CA  HA   sing N N 60  
ASP C   O    doub N N 61  
ASP C   OXT  sing N N 62  
ASP CB  CG   sing N N 63  
ASP CB  HB2  sing N N 64  
ASP CB  HB3  sing N N 65  
ASP CG  OD1  doub N N 66  
ASP CG  OD2  sing N N 67  
ASP OD2 HD2  sing N N 68  
ASP OXT HXT  sing N N 69  
CYS N   CA   sing N N 70  
CYS N   H    sing N N 71  
CYS N   H2   sing N N 72  
CYS CA  C    sing N N 73  
CYS CA  CB   sing N N 74  
CYS CA  HA   sing N N 75  
CYS C   O    doub N N 76  
CYS C   OXT  sing N N 77  
CYS CB  SG   sing N N 78  
CYS CB  HB2  sing N N 79  
CYS CB  HB3  sing N N 80  
CYS SG  HG   sing N N 81  
CYS OXT HXT  sing N N 82  
GLN N   CA   sing N N 83  
GLN N   H    sing N N 84  
GLN N   H2   sing N N 85  
GLN CA  C    sing N N 86  
GLN CA  CB   sing N N 87  
GLN CA  HA   sing N N 88  
GLN C   O    doub N N 89  
GLN C   OXT  sing N N 90  
GLN CB  CG   sing N N 91  
GLN CB  HB2  sing N N 92  
GLN CB  HB3  sing N N 93  
GLN CG  CD   sing N N 94  
GLN CG  HG2  sing N N 95  
GLN CG  HG3  sing N N 96  
GLN CD  OE1  doub N N 97  
GLN CD  NE2  sing N N 98  
GLN NE2 HE21 sing N N 99  
GLN NE2 HE22 sing N N 100 
GLN OXT HXT  sing N N 101 
GLU N   CA   sing N N 102 
GLU N   H    sing N N 103 
GLU N   H2   sing N N 104 
GLU CA  C    sing N N 105 
GLU CA  CB   sing N N 106 
GLU CA  HA   sing N N 107 
GLU C   O    doub N N 108 
GLU C   OXT  sing N N 109 
GLU CB  CG   sing N N 110 
GLU CB  HB2  sing N N 111 
GLU CB  HB3  sing N N 112 
GLU CG  CD   sing N N 113 
GLU CG  HG2  sing N N 114 
GLU CG  HG3  sing N N 115 
GLU CD  OE1  doub N N 116 
GLU CD  OE2  sing N N 117 
GLU OE2 HE2  sing N N 118 
GLU OXT HXT  sing N N 119 
GLY N   CA   sing N N 120 
GLY N   H    sing N N 121 
GLY N   H2   sing N N 122 
GLY CA  C    sing N N 123 
GLY CA  HA2  sing N N 124 
GLY CA  HA3  sing N N 125 
GLY C   O    doub N N 126 
GLY C   OXT  sing N N 127 
GLY OXT HXT  sing N N 128 
HIS N   CA   sing N N 129 
HIS N   H    sing N N 130 
HIS N   H2   sing N N 131 
HIS CA  C    sing N N 132 
HIS CA  CB   sing N N 133 
HIS CA  HA   sing N N 134 
HIS C   O    doub N N 135 
HIS C   OXT  sing N N 136 
HIS CB  CG   sing N N 137 
HIS CB  HB2  sing N N 138 
HIS CB  HB3  sing N N 139 
HIS CG  ND1  sing Y N 140 
HIS CG  CD2  doub Y N 141 
HIS ND1 CE1  doub Y N 142 
HIS ND1 HD1  sing N N 143 
HIS CD2 NE2  sing Y N 144 
HIS CD2 HD2  sing N N 145 
HIS CE1 NE2  sing Y N 146 
HIS CE1 HE1  sing N N 147 
HIS NE2 HE2  sing N N 148 
HIS OXT HXT  sing N N 149 
HOH O   H1   sing N N 150 
HOH O   H2   sing N N 151 
ILE N   CA   sing N N 152 
ILE N   H    sing N N 153 
ILE N   H2   sing N N 154 
ILE CA  C    sing N N 155 
ILE CA  CB   sing N N 156 
ILE CA  HA   sing N N 157 
ILE C   O    doub N N 158 
ILE C   OXT  sing N N 159 
ILE CB  CG1  sing N N 160 
ILE CB  CG2  sing N N 161 
ILE CB  HB   sing N N 162 
ILE CG1 CD1  sing N N 163 
ILE CG1 HG12 sing N N 164 
ILE CG1 HG13 sing N N 165 
ILE CG2 HG21 sing N N 166 
ILE CG2 HG22 sing N N 167 
ILE CG2 HG23 sing N N 168 
ILE CD1 HD11 sing N N 169 
ILE CD1 HD12 sing N N 170 
ILE CD1 HD13 sing N N 171 
ILE OXT HXT  sing N N 172 
LEU N   CA   sing N N 173 
LEU N   H    sing N N 174 
LEU N   H2   sing N N 175 
LEU CA  C    sing N N 176 
LEU CA  CB   sing N N 177 
LEU CA  HA   sing N N 178 
LEU C   O    doub N N 179 
LEU C   OXT  sing N N 180 
LEU CB  CG   sing N N 181 
LEU CB  HB2  sing N N 182 
LEU CB  HB3  sing N N 183 
LEU CG  CD1  sing N N 184 
LEU CG  CD2  sing N N 185 
LEU CG  HG   sing N N 186 
LEU CD1 HD11 sing N N 187 
LEU CD1 HD12 sing N N 188 
LEU CD1 HD13 sing N N 189 
LEU CD2 HD21 sing N N 190 
LEU CD2 HD22 sing N N 191 
LEU CD2 HD23 sing N N 192 
LEU OXT HXT  sing N N 193 
LYS N   CA   sing N N 194 
LYS N   H    sing N N 195 
LYS N   H2   sing N N 196 
LYS CA  C    sing N N 197 
LYS CA  CB   sing N N 198 
LYS CA  HA   sing N N 199 
LYS C   O    doub N N 200 
LYS C   OXT  sing N N 201 
LYS CB  CG   sing N N 202 
LYS CB  HB2  sing N N 203 
LYS CB  HB3  sing N N 204 
LYS CG  CD   sing N N 205 
LYS CG  HG2  sing N N 206 
LYS CG  HG3  sing N N 207 
LYS CD  CE   sing N N 208 
LYS CD  HD2  sing N N 209 
LYS CD  HD3  sing N N 210 
LYS CE  NZ   sing N N 211 
LYS CE  HE2  sing N N 212 
LYS CE  HE3  sing N N 213 
LYS NZ  HZ1  sing N N 214 
LYS NZ  HZ2  sing N N 215 
LYS NZ  HZ3  sing N N 216 
LYS OXT HXT  sing N N 217 
MET N   CA   sing N N 218 
MET N   H    sing N N 219 
MET N   H2   sing N N 220 
MET CA  C    sing N N 221 
MET CA  CB   sing N N 222 
MET CA  HA   sing N N 223 
MET C   O    doub N N 224 
MET C   OXT  sing N N 225 
MET CB  CG   sing N N 226 
MET CB  HB2  sing N N 227 
MET CB  HB3  sing N N 228 
MET CG  SD   sing N N 229 
MET CG  HG2  sing N N 230 
MET CG  HG3  sing N N 231 
MET SD  CE   sing N N 232 
MET CE  HE1  sing N N 233 
MET CE  HE2  sing N N 234 
MET CE  HE3  sing N N 235 
MET OXT HXT  sing N N 236 
PHE N   CA   sing N N 237 
PHE N   H    sing N N 238 
PHE N   H2   sing N N 239 
PHE CA  C    sing N N 240 
PHE CA  CB   sing N N 241 
PHE CA  HA   sing N N 242 
PHE C   O    doub N N 243 
PHE C   OXT  sing N N 244 
PHE CB  CG   sing N N 245 
PHE CB  HB2  sing N N 246 
PHE CB  HB3  sing N N 247 
PHE CG  CD1  doub Y N 248 
PHE CG  CD2  sing Y N 249 
PHE CD1 CE1  sing Y N 250 
PHE CD1 HD1  sing N N 251 
PHE CD2 CE2  doub Y N 252 
PHE CD2 HD2  sing N N 253 
PHE CE1 CZ   doub Y N 254 
PHE CE1 HE1  sing N N 255 
PHE CE2 CZ   sing Y N 256 
PHE CE2 HE2  sing N N 257 
PHE CZ  HZ   sing N N 258 
PHE OXT HXT  sing N N 259 
PRO N   CA   sing N N 260 
PRO N   CD   sing N N 261 
PRO N   H    sing N N 262 
PRO CA  C    sing N N 263 
PRO CA  CB   sing N N 264 
PRO CA  HA   sing N N 265 
PRO C   O    doub N N 266 
PRO C   OXT  sing N N 267 
PRO CB  CG   sing N N 268 
PRO CB  HB2  sing N N 269 
PRO CB  HB3  sing N N 270 
PRO CG  CD   sing N N 271 
PRO CG  HG2  sing N N 272 
PRO CG  HG3  sing N N 273 
PRO CD  HD2  sing N N 274 
PRO CD  HD3  sing N N 275 
PRO OXT HXT  sing N N 276 
QX7 O18 S15  doub N N 277 
QX7 O23 C11  doub N N 278 
QX7 C20 C19  doub Y N 279 
QX7 C20 C21  sing Y N 280 
QX7 C19 C14  sing Y N 281 
QX7 C22 C21  sing N N 282 
QX7 C21 C12  doub Y N 283 
QX7 C14 S15  sing N N 284 
QX7 C14 C13  doub Y N 285 
QX7 O16 S15  doub N N 286 
QX7 C12 C13  sing Y N 287 
QX7 C12 C11  sing N N 288 
QX7 C11 N10  sing N N 289 
QX7 N10 CB   sing N N 290 
QX7 C07 C06  sing N N 291 
QX7 CB  CA   sing N N 292 
QX7 N   C06  sing N N 293 
QX7 N   CA   sing N N 294 
QX7 C06 O08  doub N N 295 
QX7 CA  C    sing N N 296 
QX7 C   O    doub N N 297 
QX7 C13 H1   sing N N 298 
QX7 C20 H2   sing N N 299 
QX7 C22 H3   sing N N 300 
QX7 C22 H4   sing N N 301 
QX7 C22 H5   sing N N 302 
QX7 CA  HA   sing N N 303 
QX7 C07 H8   sing N N 304 
QX7 C07 H9   sing N N 305 
QX7 C07 H10  sing N N 306 
QX7 CB  HB1  sing N N 307 
QX7 CB  HB2  sing N N 308 
QX7 C19 H13  sing N N 309 
QX7 N   H    sing N N 310 
QX7 N10 H15  sing N N 311 
QX7 S15 F1   sing N N 312 
QX7 C   OXT  sing N N 313 
QX7 OXT HXT  sing N N 314 
SER N   CA   sing N N 315 
SER N   H    sing N N 316 
SER N   H2   sing N N 317 
SER CA  C    sing N N 318 
SER CA  CB   sing N N 319 
SER CA  HA   sing N N 320 
SER C   O    doub N N 321 
SER C   OXT  sing N N 322 
SER CB  OG   sing N N 323 
SER CB  HB2  sing N N 324 
SER CB  HB3  sing N N 325 
SER OG  HG   sing N N 326 
SER OXT HXT  sing N N 327 
THR N   CA   sing N N 328 
THR N   H    sing N N 329 
THR N   H2   sing N N 330 
THR CA  C    sing N N 331 
THR CA  CB   sing N N 332 
THR CA  HA   sing N N 333 
THR C   O    doub N N 334 
THR C   OXT  sing N N 335 
THR CB  OG1  sing N N 336 
THR CB  CG2  sing N N 337 
THR CB  HB   sing N N 338 
THR OG1 HG1  sing N N 339 
THR CG2 HG21 sing N N 340 
THR CG2 HG22 sing N N 341 
THR CG2 HG23 sing N N 342 
THR OXT HXT  sing N N 343 
TRP N   CA   sing N N 344 
TRP N   H    sing N N 345 
TRP N   H2   sing N N 346 
TRP CA  C    sing N N 347 
TRP CA  CB   sing N N 348 
TRP CA  HA   sing N N 349 
TRP C   O    doub N N 350 
TRP C   OXT  sing N N 351 
TRP CB  CG   sing N N 352 
TRP CB  HB2  sing N N 353 
TRP CB  HB3  sing N N 354 
TRP CG  CD1  doub Y N 355 
TRP CG  CD2  sing Y N 356 
TRP CD1 NE1  sing Y N 357 
TRP CD1 HD1  sing N N 358 
TRP CD2 CE2  doub Y N 359 
TRP CD2 CE3  sing Y N 360 
TRP NE1 CE2  sing Y N 361 
TRP NE1 HE1  sing N N 362 
TRP CE2 CZ2  sing Y N 363 
TRP CE3 CZ3  doub Y N 364 
TRP CE3 HE3  sing N N 365 
TRP CZ2 CH2  doub Y N 366 
TRP CZ2 HZ2  sing N N 367 
TRP CZ3 CH2  sing Y N 368 
TRP CZ3 HZ3  sing N N 369 
TRP CH2 HH2  sing N N 370 
TRP OXT HXT  sing N N 371 
TYR N   CA   sing N N 372 
TYR N   H    sing N N 373 
TYR N   H2   sing N N 374 
TYR CA  C    sing N N 375 
TYR CA  CB   sing N N 376 
TYR CA  HA   sing N N 377 
TYR C   O    doub N N 378 
TYR C   OXT  sing N N 379 
TYR CB  CG   sing N N 380 
TYR CB  HB2  sing N N 381 
TYR CB  HB3  sing N N 382 
TYR CG  CD1  doub Y N 383 
TYR CG  CD2  sing Y N 384 
TYR CD1 CE1  sing Y N 385 
TYR CD1 HD1  sing N N 386 
TYR CD2 CE2  doub Y N 387 
TYR CD2 HD2  sing N N 388 
TYR CE1 CZ   doub Y N 389 
TYR CE1 HE1  sing N N 390 
TYR CE2 CZ   sing Y N 391 
TYR CE2 HE2  sing N N 392 
TYR CZ  OH   sing N N 393 
TYR OH  HH   sing N N 394 
TYR OXT HXT  sing N N 395 
VAL N   CA   sing N N 396 
VAL N   H    sing N N 397 
VAL N   H2   sing N N 398 
VAL CA  C    sing N N 399 
VAL CA  CB   sing N N 400 
VAL CA  HA   sing N N 401 
VAL C   O    doub N N 402 
VAL C   OXT  sing N N 403 
VAL CB  CG1  sing N N 404 
VAL CB  CG2  sing N N 405 
VAL CB  HB   sing N N 406 
VAL CG1 HG11 sing N N 407 
VAL CG1 HG12 sing N N 408 
VAL CG1 HG13 sing N N 409 
VAL CG2 HG21 sing N N 410 
VAL CG2 HG22 sing N N 411 
VAL CG2 HG23 sing N N 412 
VAL OXT HXT  sing N N 413 
# 
_pdbx_audit_support.funding_organization   'National Institutes of Health/National Cancer Institute (NIH/NCI)' 
_pdbx_audit_support.country                'United States' 
_pdbx_audit_support.grant_number           CA168517 
_pdbx_audit_support.ordinal                1 
# 
_pdbx_entity_instance_feature.ordinal        1 
_pdbx_entity_instance_feature.comp_id        QX7 
_pdbx_entity_instance_feature.asym_id        ? 
_pdbx_entity_instance_feature.seq_num        ? 
_pdbx_entity_instance_feature.auth_comp_id   QX7 
_pdbx_entity_instance_feature.auth_asym_id   ? 
_pdbx_entity_instance_feature.auth_seq_num   ? 
_pdbx_entity_instance_feature.feature_type   'SUBJECT OF INVESTIGATION' 
_pdbx_entity_instance_feature.details        ? 
# 
_pdbx_entity_nonpoly.entity_id   3 
_pdbx_entity_nonpoly.name        water 
_pdbx_entity_nonpoly.comp_id     HOH 
# 
_pdbx_initial_refinement_model.id               1 
_pdbx_initial_refinement_model.entity_id_list   ? 
_pdbx_initial_refinement_model.type             'experimental model' 
_pdbx_initial_refinement_model.source_name      PDB 
_pdbx_initial_refinement_model.accession_code   2NL9 
_pdbx_initial_refinement_model.details          ? 
# 
_pdbx_struct_assembly_auth_evidence.id                     1 
_pdbx_struct_assembly_auth_evidence.assembly_id            1 
_pdbx_struct_assembly_auth_evidence.experimental_support   'gel filtration' 
_pdbx_struct_assembly_auth_evidence.details                ? 
# 
